data_9O5U
#
_entry.id   9O5U
#
_cell.length_a   1.00
_cell.length_b   1.00
_cell.length_c   1.00
_cell.angle_alpha   90.00
_cell.angle_beta   90.00
_cell.angle_gamma   90.00
#
_symmetry.space_group_name_H-M   'P 1'
#
loop_
_entity.id
_entity.type
_entity.pdbx_description
1 polymer Neuraminidase
2 non-polymer 2-acetamido-2-deoxy-beta-D-glucopyranose
#
_entity_poly.entity_id   1
_entity_poly.type   'polypeptide(L)'
_entity_poly.pdbx_seq_one_letter_code
;MLWHCPGSQGTTKWILPSMLLAGLLGVSSYLVYSHVSLRLDIAAAVSLIQNSGNQSSCAAPNPVTVLNQTTVVINTLPVS
TSPTYFQPRMSCTGTRFQPFMMMNSPRYGGTGDRGSIHLNREPFVSCSMNECRHFALGHTATQNGPYSAGTGADRSIQRM
LFSTKLGEPFTIDNAIVHMSGWSGSACHDGVEWTYVTVFGTDPDALVKTKYGNNLVDSYRSFAGNILRTQESECVCLNGS
CYVMITDGYAGGGGVSQARFLVMKQGKIIDVINTSGRSKFTEECTCAATGNTTIMCACRDNAYTDRRPIVAIDTIAKTAN
VGLMCSPTRMDTPRSADSAPSSCNVDDGTGGGGVKGGFAVVRRPNGNQFYYTRTGSASSRVGMEVRGPQTEDPMTGTSAI
PLLDIIVSTSVNTGYSSSFEMKGIECDTPCFVVEHIRSNTWTTASSSIYCLSGDASMFQFDDGVNPTA
;
_entity_poly.pdbx_strand_id   A,B,C,D
#
loop_
_chem_comp.id
_chem_comp.type
_chem_comp.name
_chem_comp.formula
NAG D-saccharide, beta linking 2-acetamido-2-deoxy-beta-D-glucopyranose 'C8 H15 N O6'
#
# COMPACT_ATOMS: atom_id res chain seq x y z
N PRO A 83 27.05 -2.37 -10.94
CA PRO A 83 26.74 -1.99 -12.31
C PRO A 83 26.35 -0.52 -12.44
N THR A 84 25.42 -0.09 -11.59
CA THR A 84 24.88 1.27 -11.57
C THR A 84 25.12 1.92 -10.21
N TYR A 85 26.20 1.54 -9.54
CA TYR A 85 26.49 2.04 -8.21
C TYR A 85 26.67 3.55 -8.19
N PHE A 86 26.11 4.16 -7.14
CA PHE A 86 26.15 5.60 -6.94
C PHE A 86 27.54 6.08 -6.55
N GLN A 87 27.95 7.22 -7.12
CA GLN A 87 29.16 7.92 -6.76
C GLN A 87 28.76 9.34 -6.38
N PRO A 88 29.46 9.98 -5.42
CA PRO A 88 29.12 11.36 -5.08
C PRO A 88 29.24 12.34 -6.24
N ARG A 89 28.39 13.37 -6.20
CA ARG A 89 28.37 14.45 -7.18
C ARG A 89 28.56 15.76 -6.45
N MET A 90 28.84 16.81 -7.22
CA MET A 90 28.94 18.14 -6.65
C MET A 90 27.56 18.57 -6.16
N SER A 91 27.53 19.40 -5.11
CA SER A 91 26.27 19.87 -4.58
C SER A 91 25.72 21.01 -5.43
N CYS A 92 24.40 21.19 -5.38
CA CYS A 92 23.77 22.31 -6.05
C CYS A 92 23.89 23.61 -5.27
N THR A 93 23.57 24.69 -6.00
CA THR A 93 23.61 26.05 -5.50
C THR A 93 22.67 26.28 -4.33
N GLY A 94 23.17 26.96 -3.32
CA GLY A 94 22.41 27.34 -2.14
C GLY A 94 23.33 27.84 -1.04
N THR A 95 22.77 28.64 -0.13
CA THR A 95 23.54 29.23 0.97
C THR A 95 22.92 29.01 2.33
N ARG A 96 21.71 28.49 2.42
CA ARG A 96 21.02 28.30 3.68
C ARG A 96 20.34 26.94 3.67
N PHE A 97 20.17 26.38 4.86
CA PHE A 97 19.43 25.14 5.05
C PHE A 97 18.03 25.56 5.49
N GLN A 98 17.09 25.45 4.59
CA GLN A 98 15.74 25.96 4.78
C GLN A 98 14.81 24.81 5.15
N PRO A 99 13.75 25.06 5.93
CA PRO A 99 12.84 23.97 6.30
C PRO A 99 12.31 23.27 5.06
N PHE A 100 12.38 21.93 5.05
CA PHE A 100 11.92 21.13 3.92
C PHE A 100 10.72 20.26 4.27
N MET A 101 10.85 19.41 5.28
CA MET A 101 9.77 18.49 5.59
C MET A 101 9.84 18.17 7.07
N MET A 102 8.70 17.98 7.71
CA MET A 102 8.69 17.58 9.11
C MET A 102 7.94 16.27 9.29
N MET A 103 8.72 15.24 9.64
CA MET A 103 8.23 13.89 9.87
C MET A 103 7.84 13.79 11.34
N ASN A 104 6.84 14.59 11.67
CA ASN A 104 6.34 14.66 13.05
C ASN A 104 5.24 13.62 13.18
N SER A 105 5.71 12.38 13.14
CA SER A 105 4.85 11.20 13.22
C SER A 105 3.90 11.22 14.40
N PRO A 106 4.37 11.46 15.67
CA PRO A 106 3.45 11.42 16.81
C PRO A 106 2.58 12.69 16.98
N ARG A 107 1.88 13.03 15.92
CA ARG A 107 0.95 14.16 15.88
C ARG A 107 -0.38 13.68 15.33
N TYR A 108 -0.45 12.46 14.81
CA TYR A 108 -1.65 11.82 14.31
C TYR A 108 -2.09 10.74 15.29
N GLY A 109 -1.49 10.71 16.49
CA GLY A 109 -1.77 9.78 17.56
C GLY A 109 -2.22 10.56 18.77
N GLY A 110 -2.13 9.97 19.95
CA GLY A 110 -2.62 10.58 21.16
C GLY A 110 -3.86 9.86 21.67
N THR A 111 -4.17 10.08 22.95
CA THR A 111 -5.28 9.33 23.53
C THR A 111 -6.62 9.79 22.98
N GLY A 112 -6.69 10.98 22.38
CA GLY A 112 -7.91 11.48 21.81
C GLY A 112 -8.03 11.25 20.31
N ASP A 113 -7.07 10.57 19.69
CA ASP A 113 -7.04 10.35 18.25
C ASP A 113 -7.27 8.89 17.92
N ARG A 114 -7.27 8.59 16.61
CA ARG A 114 -7.48 7.24 16.08
C ARG A 114 -6.24 6.60 15.46
N GLY A 115 -5.07 7.25 15.54
CA GLY A 115 -3.89 6.70 14.90
C GLY A 115 -3.14 5.67 15.73
N SER A 116 -2.40 4.82 15.03
CA SER A 116 -1.54 3.79 15.63
C SER A 116 -0.13 4.03 15.09
N ILE A 117 0.72 4.61 15.94
CA ILE A 117 2.03 5.12 15.57
C ILE A 117 3.11 4.41 16.39
N HIS A 118 4.23 4.08 15.74
CA HIS A 118 5.31 3.40 16.44
C HIS A 118 5.98 4.29 17.47
N LEU A 119 6.39 3.67 18.58
CA LEU A 119 7.26 4.28 19.57
C LEU A 119 8.69 3.99 19.14
N ASN A 120 9.52 5.03 19.04
CA ASN A 120 10.86 4.86 18.50
C ASN A 120 11.79 5.94 19.01
N ARG A 121 13.06 5.80 18.65
CA ARG A 121 14.11 6.75 18.98
C ARG A 121 15.13 6.80 17.83
N GLU A 122 15.91 7.89 17.84
CA GLU A 122 17.03 8.09 16.92
C GLU A 122 16.62 7.96 15.45
N PRO A 123 15.69 8.80 14.99
CA PRO A 123 15.31 8.74 13.57
C PRO A 123 16.42 9.29 12.69
N PHE A 124 16.48 8.78 11.47
CA PHE A 124 17.42 9.31 10.49
C PHE A 124 16.82 9.06 9.11
N VAL A 125 17.33 9.78 8.12
CA VAL A 125 16.87 9.66 6.74
C VAL A 125 18.02 9.26 5.84
N SER A 126 17.75 8.34 4.92
CA SER A 126 18.70 7.93 3.90
C SER A 126 17.97 7.96 2.58
N CYS A 127 18.68 8.34 1.51
CA CYS A 127 18.06 8.45 0.19
C CYS A 127 18.75 7.65 -0.89
N SER A 128 17.92 7.18 -1.81
CA SER A 128 18.30 6.60 -3.09
C SER A 128 18.07 7.71 -4.11
N MET A 129 18.32 7.43 -5.39
CA MET A 129 18.09 8.49 -6.36
C MET A 129 16.61 8.64 -6.71
N ASN A 130 15.78 7.65 -6.35
CA ASN A 130 14.37 7.65 -6.68
C ASN A 130 13.46 7.87 -5.48
N GLU A 131 13.95 7.56 -4.27
CA GLU A 131 13.16 7.71 -3.06
C GLU A 131 14.05 8.02 -1.87
N CYS A 132 13.47 8.69 -0.88
CA CYS A 132 14.09 8.88 0.43
C CYS A 132 13.26 8.09 1.43
N ARG A 133 13.93 7.49 2.40
CA ARG A 133 13.29 6.73 3.45
C ARG A 133 13.70 7.24 4.81
N HIS A 134 12.74 7.17 5.73
CA HIS A 134 12.90 7.60 7.09
C HIS A 134 12.98 6.34 7.94
N PHE A 135 14.11 6.17 8.62
CA PHE A 135 14.46 4.99 9.41
C PHE A 135 14.38 5.36 10.88
N ALA A 136 14.02 4.37 11.70
CA ALA A 136 14.04 4.57 13.14
C ALA A 136 14.12 3.20 13.81
N LEU A 137 14.49 3.23 15.09
CA LEU A 137 14.51 2.03 15.91
C LEU A 137 13.27 2.07 16.79
N GLY A 138 12.38 1.10 16.60
CA GLY A 138 11.12 1.05 17.29
C GLY A 138 11.21 0.15 18.49
N HIS A 139 10.12 0.15 19.28
CA HIS A 139 9.99 -0.69 20.46
C HIS A 139 8.83 -1.68 20.31
N THR A 140 8.38 -1.93 19.07
CA THR A 140 7.27 -2.84 18.79
C THR A 140 6.07 -2.53 19.70
N ALA A 141 5.66 -1.26 19.69
CA ALA A 141 4.56 -0.78 20.51
C ALA A 141 3.97 0.45 19.85
N THR A 142 2.70 0.71 20.15
CA THR A 142 2.04 1.90 19.62
C THR A 142 2.21 3.08 20.57
N GLN A 143 2.03 4.28 20.01
CA GLN A 143 2.19 5.51 20.78
C GLN A 143 1.28 5.53 22.00
N ASN A 144 0.05 5.01 21.86
CA ASN A 144 -0.96 5.01 22.92
C ASN A 144 -1.53 3.59 23.06
N GLY A 145 -0.73 2.69 23.64
CA GLY A 145 -1.12 1.30 23.74
C GLY A 145 -0.67 0.64 25.03
N PRO A 146 -1.05 -0.63 25.20
CA PRO A 146 -0.77 -1.32 26.46
C PRO A 146 0.70 -1.59 26.72
N TYR A 147 1.57 -1.45 25.71
CA TYR A 147 2.99 -1.73 25.84
C TYR A 147 3.82 -0.46 25.75
N SER A 148 3.19 0.71 25.85
CA SER A 148 3.93 1.96 25.71
C SER A 148 4.84 2.24 26.89
N ALA A 149 4.52 1.70 28.07
CA ALA A 149 5.41 1.87 29.22
C ALA A 149 6.71 1.09 28.97
N GLY A 150 7.83 1.67 29.39
CA GLY A 150 9.11 1.01 29.23
C GLY A 150 9.79 1.26 27.90
N THR A 151 9.23 2.10 27.04
CA THR A 151 9.80 2.39 25.73
C THR A 151 10.82 3.52 25.75
N GLY A 152 11.22 3.98 26.94
CA GLY A 152 12.28 4.95 27.06
C GLY A 152 13.64 4.30 27.18
N ALA A 153 13.67 2.96 27.18
CA ALA A 153 14.91 2.19 27.27
C ALA A 153 15.75 2.41 26.03
N ASP A 154 17.07 2.37 26.22
CA ASP A 154 17.99 2.53 25.10
C ASP A 154 18.18 1.22 24.35
N ARG A 155 18.13 0.09 25.05
CA ARG A 155 18.36 -1.21 24.45
C ARG A 155 17.39 -2.20 25.07
N SER A 156 16.74 -2.99 24.23
CA SER A 156 15.84 -4.05 24.67
C SER A 156 15.71 -5.04 23.54
N ILE A 157 15.20 -6.22 23.86
CA ILE A 157 15.03 -7.26 22.85
C ILE A 157 13.87 -6.96 21.93
N GLN A 158 13.02 -6.00 22.27
CA GLN A 158 11.91 -5.59 21.43
C GLN A 158 12.31 -4.52 20.45
N ARG A 159 13.57 -4.07 20.46
CA ARG A 159 13.99 -3.04 19.53
C ARG A 159 14.13 -3.62 18.14
N MET A 160 13.68 -2.85 17.14
CA MET A 160 13.79 -3.30 15.76
C MET A 160 14.03 -2.10 14.85
N LEU A 161 14.70 -2.33 13.72
CA LEU A 161 14.93 -1.28 12.74
C LEU A 161 13.80 -1.32 11.71
N PHE A 162 13.17 -0.17 11.48
CA PHE A 162 12.07 -0.12 10.52
C PHE A 162 12.13 1.21 9.81
N SER A 163 11.44 1.28 8.67
CA SER A 163 11.39 2.52 7.92
C SER A 163 10.12 2.64 7.10
N THR A 164 9.87 3.86 6.65
CA THR A 164 8.82 4.19 5.70
C THR A 164 9.40 5.10 4.65
N LYS A 165 8.65 5.34 3.58
CA LYS A 165 9.15 6.29 2.61
C LYS A 165 9.08 7.66 3.27
N LEU A 166 10.03 8.52 2.93
CA LEU A 166 9.95 9.87 3.45
C LEU A 166 8.71 10.54 2.88
N GLY A 167 7.90 11.12 3.77
CA GLY A 167 6.64 11.72 3.41
C GLY A 167 5.43 10.97 3.94
N GLU A 168 5.61 9.72 4.39
CA GLU A 168 4.56 8.92 4.99
C GLU A 168 4.44 9.23 6.48
N PRO A 169 3.25 9.02 7.08
CA PRO A 169 3.09 9.36 8.49
C PRO A 169 3.87 8.51 9.48
N PHE A 170 4.54 7.43 9.06
CA PHE A 170 5.34 6.58 9.93
C PHE A 170 4.44 5.84 10.93
N THR A 171 3.30 5.39 10.44
CA THR A 171 2.30 4.62 11.17
C THR A 171 2.67 3.14 11.19
N ILE A 172 1.93 2.41 12.01
CA ILE A 172 2.15 0.98 12.20
C ILE A 172 1.94 0.24 10.88
N ASP A 173 0.96 0.66 10.08
CA ASP A 173 0.64 -0.02 8.83
C ASP A 173 1.63 0.30 7.72
N ASN A 174 2.23 1.49 7.74
CA ASN A 174 3.19 1.90 6.71
C ASN A 174 4.59 1.42 7.02
N ALA A 175 4.93 1.23 8.29
CA ALA A 175 6.26 0.81 8.67
C ALA A 175 6.58 -0.60 8.19
N ILE A 176 7.80 -0.76 7.68
CA ILE A 176 8.35 -2.06 7.29
C ILE A 176 9.51 -2.35 8.23
N VAL A 177 9.48 -3.50 8.87
CA VAL A 177 10.55 -3.92 9.77
C VAL A 177 11.62 -4.62 8.95
N HIS A 178 12.88 -4.20 9.13
CA HIS A 178 13.98 -4.79 8.36
C HIS A 178 14.66 -5.92 9.10
N MET A 179 14.87 -5.77 10.41
CA MET A 179 15.47 -6.79 11.24
C MET A 179 15.43 -6.27 12.67
N SER A 180 15.65 -7.17 13.62
CA SER A 180 15.77 -6.77 15.01
C SER A 180 17.07 -6.00 15.22
N GLY A 181 17.06 -5.12 16.21
CA GLY A 181 18.26 -4.37 16.52
C GLY A 181 18.02 -3.16 17.37
N TRP A 182 18.87 -2.96 18.37
CA TRP A 182 18.79 -1.81 19.26
C TRP A 182 19.72 -0.69 18.79
N SER A 183 20.50 -0.91 17.74
CA SER A 183 21.33 0.15 17.17
C SER A 183 21.41 -0.12 15.69
N GLY A 184 21.41 0.92 14.84
CA GLY A 184 21.55 0.62 13.43
C GLY A 184 21.71 1.83 12.52
N SER A 185 21.94 1.50 11.25
CA SER A 185 22.15 2.46 10.17
C SER A 185 21.67 1.82 8.87
N ALA A 186 21.53 2.66 7.83
CA ALA A 186 21.13 2.15 6.52
C ALA A 186 21.59 3.13 5.46
N CYS A 187 21.80 2.61 4.24
CA CYS A 187 22.17 3.45 3.11
C CYS A 187 21.87 2.70 1.83
N HIS A 188 21.93 3.41 0.70
CA HIS A 188 21.65 2.84 -0.61
C HIS A 188 22.88 3.10 -1.49
N ASP A 189 23.34 2.06 -2.18
CA ASP A 189 24.56 2.13 -3.00
C ASP A 189 24.32 2.45 -4.46
N GLY A 190 23.10 2.77 -4.84
CA GLY A 190 22.72 3.03 -6.22
C GLY A 190 22.01 1.85 -6.87
N VAL A 191 22.05 0.67 -6.24
CA VAL A 191 21.40 -0.52 -6.74
C VAL A 191 20.34 -1.04 -5.77
N GLU A 192 20.71 -1.21 -4.50
CA GLU A 192 19.81 -1.78 -3.50
C GLU A 192 20.20 -1.25 -2.13
N TRP A 193 19.25 -1.33 -1.19
CA TRP A 193 19.45 -0.88 0.17
C TRP A 193 20.27 -1.86 1.00
N THR A 194 21.21 -1.30 1.77
CA THR A 194 22.04 -2.02 2.71
C THR A 194 21.62 -1.55 4.10
N TYR A 195 21.38 -2.50 4.99
CA TYR A 195 20.95 -2.22 6.35
C TYR A 195 21.96 -2.84 7.30
N VAL A 196 22.31 -2.12 8.36
CA VAL A 196 23.24 -2.60 9.38
C VAL A 196 22.60 -2.39 10.73
N THR A 197 22.56 -3.42 11.56
CA THR A 197 22.07 -3.25 12.92
C THR A 197 23.01 -3.95 13.89
N VAL A 198 22.90 -3.59 15.15
CA VAL A 198 23.57 -4.25 16.26
C VAL A 198 22.47 -4.73 17.19
N PHE A 199 22.57 -6.01 17.55
CA PHE A 199 21.61 -6.70 18.41
C PHE A 199 22.33 -7.80 19.18
N GLY A 200 22.03 -7.90 20.46
CA GLY A 200 22.59 -8.94 21.30
C GLY A 200 22.74 -8.44 22.72
N THR A 201 23.40 -9.25 23.53
CA THR A 201 23.63 -8.89 24.92
C THR A 201 24.70 -7.80 24.96
N ASP A 202 24.56 -6.85 25.89
CA ASP A 202 25.48 -5.72 26.03
C ASP A 202 26.95 -6.12 25.93
N PRO A 203 27.45 -7.05 26.75
CA PRO A 203 28.89 -7.38 26.67
C PRO A 203 29.29 -8.17 25.43
N ASP A 204 28.34 -8.66 24.63
CA ASP A 204 28.67 -9.49 23.48
C ASP A 204 27.59 -9.36 22.40
N ALA A 205 27.40 -8.14 21.89
CA ALA A 205 26.41 -7.91 20.86
C ALA A 205 27.01 -8.23 19.49
N LEU A 206 26.12 -8.51 18.52
CA LEU A 206 26.51 -8.82 17.15
C LEU A 206 26.01 -7.78 16.16
N VAL A 207 26.88 -7.39 15.22
CA VAL A 207 26.53 -6.51 14.12
C VAL A 207 26.07 -7.43 13.01
N LYS A 208 24.93 -7.14 12.40
CA LYS A 208 24.47 -7.91 11.25
C LYS A 208 24.18 -6.96 10.11
N THR A 209 24.49 -7.41 8.89
CA THR A 209 24.24 -6.64 7.69
C THR A 209 23.30 -7.45 6.82
N LYS A 210 22.41 -6.70 6.15
CA LYS A 210 21.42 -7.22 5.23
C LYS A 210 21.47 -6.41 3.94
N TYR A 211 21.30 -7.07 2.81
CA TYR A 211 21.31 -6.40 1.51
C TYR A 211 20.12 -6.90 0.72
N GLY A 212 19.19 -6.00 0.39
CA GLY A 212 18.07 -6.39 -0.44
C GLY A 212 17.08 -7.39 0.13
N ASN A 213 16.81 -7.31 1.44
CA ASN A 213 15.94 -8.22 2.21
C ASN A 213 16.58 -9.59 2.48
N ASN A 214 17.83 -9.80 2.06
CA ASN A 214 18.55 -11.05 2.33
C ASN A 214 19.72 -10.77 3.26
N LEU A 215 19.74 -11.46 4.40
CA LEU A 215 20.81 -11.29 5.38
C LEU A 215 22.11 -11.73 4.73
N VAL A 216 23.17 -10.90 4.88
CA VAL A 216 24.45 -11.16 4.19
C VAL A 216 25.58 -11.47 5.15
N ASP A 217 25.80 -10.61 6.16
CA ASP A 217 27.02 -10.80 6.96
C ASP A 217 26.83 -10.38 8.41
N SER A 218 27.91 -10.55 9.18
CA SER A 218 27.92 -10.19 10.59
C SER A 218 29.34 -9.86 11.02
N TYR A 219 29.44 -9.14 12.16
CA TYR A 219 30.70 -8.76 12.77
C TYR A 219 30.53 -8.83 14.28
N ARG A 220 31.47 -9.44 14.99
CA ARG A 220 31.31 -9.63 16.43
C ARG A 220 31.93 -8.49 17.22
N SER A 221 31.35 -8.24 18.40
CA SER A 221 31.87 -7.29 19.38
C SER A 221 33.38 -7.48 19.57
N PHE A 222 34.11 -6.36 19.67
CA PHE A 222 35.56 -6.40 19.76
C PHE A 222 36.15 -5.82 21.04
N ALA A 223 35.39 -5.06 21.84
CA ALA A 223 35.90 -4.47 23.08
C ALA A 223 35.25 -5.03 24.33
N GLY A 224 34.27 -5.93 24.20
CA GLY A 224 33.61 -6.48 25.37
C GLY A 224 32.64 -5.53 26.04
N ASN A 225 32.05 -4.60 25.30
CA ASN A 225 31.15 -3.59 25.84
C ASN A 225 30.07 -3.34 24.79
N ILE A 226 29.18 -2.39 25.09
CA ILE A 226 28.03 -2.18 24.21
C ILE A 226 28.53 -1.78 22.83
N LEU A 227 28.18 -2.56 21.83
CA LEU A 227 28.56 -2.32 20.44
C LEU A 227 27.50 -1.40 19.82
N ARG A 228 27.95 -0.35 19.13
CA ARG A 228 27.04 0.69 18.63
C ARG A 228 27.38 1.03 17.19
N THR A 229 26.37 1.58 16.48
CA THR A 229 26.50 2.07 15.11
C THR A 229 26.33 3.60 15.08
N GLN A 230 26.31 4.18 13.87
CA GLN A 230 26.21 5.61 13.66
C GLN A 230 24.86 6.20 14.07
N GLU A 231 23.78 5.43 13.95
CA GLU A 231 22.42 5.93 14.11
C GLU A 231 22.13 6.98 13.03
N SER A 232 22.77 6.82 11.86
CA SER A 232 22.59 7.72 10.73
C SER A 232 23.04 7.01 9.47
N GLU A 233 22.83 7.68 8.34
CA GLU A 233 23.18 7.16 7.02
C GLU A 233 24.65 6.75 6.89
N CYS A 234 24.88 5.57 6.31
CA CYS A 234 26.22 5.09 5.96
C CYS A 234 26.56 5.60 4.56
N VAL A 235 27.85 5.73 4.25
CA VAL A 235 28.26 6.36 2.99
C VAL A 235 28.77 5.35 1.96
N CYS A 236 28.13 5.33 0.80
CA CYS A 236 28.47 4.41 -0.29
C CYS A 236 29.22 5.15 -1.39
N LEU A 237 30.39 4.62 -1.74
CA LEU A 237 31.26 5.13 -2.81
C LEU A 237 31.48 4.05 -3.86
N ASN A 238 30.77 4.17 -4.98
CA ASN A 238 30.88 3.22 -6.10
C ASN A 238 30.66 1.78 -5.67
N GLY A 239 29.69 1.58 -4.78
CA GLY A 239 29.32 0.27 -4.32
C GLY A 239 29.91 -0.13 -2.99
N SER A 240 30.97 0.55 -2.52
CA SER A 240 31.56 0.22 -1.23
C SER A 240 30.94 1.13 -0.19
N CYS A 241 30.27 0.55 0.80
CA CYS A 241 29.54 1.30 1.82
C CYS A 241 30.31 1.24 3.13
N TYR A 242 30.57 2.42 3.68
CA TYR A 242 31.36 2.61 4.88
C TYR A 242 30.43 2.95 6.04
N VAL A 243 30.38 2.04 7.01
CA VAL A 243 29.53 2.16 8.20
C VAL A 243 30.42 2.15 9.43
N MET A 244 30.16 3.07 10.36
CA MET A 244 30.92 3.14 11.60
C MET A 244 30.33 2.23 12.66
N ILE A 245 31.20 1.48 13.34
CA ILE A 245 30.83 0.71 14.52
C ILE A 245 31.83 1.08 15.60
N THR A 246 31.38 1.04 16.86
CA THR A 246 32.24 1.34 17.98
C THR A 246 31.88 0.38 19.11
N ASP A 247 32.81 0.21 20.05
CA ASP A 247 32.58 -0.73 21.14
C ASP A 247 33.43 -0.32 22.33
N GLY A 248 32.79 -0.02 23.45
CA GLY A 248 33.51 0.38 24.63
C GLY A 248 32.58 1.01 25.65
N TYR A 249 33.17 1.34 26.80
CA TYR A 249 32.42 1.95 27.88
C TYR A 249 32.17 3.42 27.54
N ALA A 250 30.91 3.84 27.62
CA ALA A 250 30.53 5.19 27.24
C ALA A 250 30.62 6.20 28.39
N GLY A 251 31.02 5.78 29.58
CA GLY A 251 31.07 6.67 30.73
C GLY A 251 32.45 7.25 30.92
N GLY A 252 32.64 7.91 32.06
CA GLY A 252 33.90 8.57 32.33
C GLY A 252 35.02 7.55 32.48
N GLY A 253 36.17 7.88 31.90
CA GLY A 253 37.31 6.99 31.99
C GLY A 253 37.30 5.86 30.98
N GLY A 254 36.25 5.78 30.15
CA GLY A 254 36.14 4.73 29.17
C GLY A 254 36.90 4.99 27.91
N VAL A 255 37.10 3.93 27.14
CA VAL A 255 37.74 3.97 25.84
C VAL A 255 36.76 3.33 24.85
N SER A 256 36.52 4.02 23.74
CA SER A 256 35.60 3.57 22.69
C SER A 256 36.25 3.82 21.32
N GLN A 257 37.04 2.87 20.86
CA GLN A 257 37.76 3.04 19.61
C GLN A 257 36.87 2.52 18.48
N ALA A 258 36.60 3.38 17.52
CA ALA A 258 35.72 3.06 16.41
C ALA A 258 36.47 2.29 15.32
N ARG A 259 35.69 1.57 14.52
CA ARG A 259 36.15 0.89 13.34
C ARG A 259 35.12 1.19 12.26
N PHE A 260 35.56 1.22 11.01
CA PHE A 260 34.67 1.39 9.86
C PHE A 260 34.63 0.12 9.05
N LEU A 261 33.44 -0.45 8.88
CA LEU A 261 33.28 -1.66 8.10
C LEU A 261 33.01 -1.22 6.68
N VAL A 262 33.69 -1.85 5.74
CA VAL A 262 33.53 -1.58 4.32
C VAL A 262 32.80 -2.79 3.77
N MET A 263 31.60 -2.54 3.26
CA MET A 263 30.68 -3.55 2.75
C MET A 263 30.50 -3.40 1.26
N LYS A 264 30.37 -4.53 0.54
CA LYS A 264 29.99 -4.49 -0.87
C LYS A 264 28.90 -5.53 -1.06
N GLN A 265 27.71 -5.07 -1.44
CA GLN A 265 26.51 -5.91 -1.53
C GLN A 265 26.21 -6.58 -0.18
N GLY A 266 26.47 -5.86 0.90
CA GLY A 266 26.22 -6.31 2.25
C GLY A 266 27.28 -7.19 2.84
N LYS A 267 28.26 -7.63 2.05
CA LYS A 267 29.32 -8.51 2.52
C LYS A 267 30.42 -7.60 3.03
N ILE A 268 30.94 -7.90 4.22
CA ILE A 268 32.00 -7.06 4.76
C ILE A 268 33.28 -7.49 4.07
N ILE A 269 33.89 -6.56 3.33
CA ILE A 269 35.07 -6.82 2.52
C ILE A 269 36.29 -6.28 3.25
N ASP A 270 36.12 -5.24 4.06
CA ASP A 270 37.29 -4.73 4.77
C ASP A 270 36.87 -4.05 6.07
N VAL A 271 37.85 -3.90 6.96
CA VAL A 271 37.66 -3.17 8.21
C VAL A 271 38.80 -2.18 8.32
N ILE A 272 38.47 -0.90 8.47
CA ILE A 272 39.44 0.17 8.62
C ILE A 272 39.42 0.60 10.09
N ASN A 273 40.54 0.44 10.77
CA ASN A 273 40.60 0.80 12.18
C ASN A 273 41.03 2.27 12.25
N THR A 274 40.75 2.90 13.37
CA THR A 274 41.09 4.31 13.53
C THR A 274 42.49 4.51 14.10
N SER A 275 42.98 5.73 13.89
CA SER A 275 44.26 6.20 14.39
C SER A 275 44.07 7.67 14.77
N GLY A 276 45.12 8.29 15.31
CA GLY A 276 44.95 9.65 15.79
C GLY A 276 44.30 9.56 17.15
N ARG A 277 43.38 10.46 17.48
CA ARG A 277 42.75 10.43 18.80
C ARG A 277 41.62 9.39 18.75
N SER A 278 42.05 8.13 18.71
CA SER A 278 41.16 6.99 18.55
C SER A 278 40.42 6.65 19.84
N LYS A 279 40.89 7.21 20.97
CA LYS A 279 40.41 6.89 22.31
C LYS A 279 38.90 6.84 22.47
N PHE A 280 38.15 7.79 21.89
CA PHE A 280 36.69 7.75 22.07
C PHE A 280 35.99 8.36 20.86
N THR A 281 35.40 7.51 20.02
CA THR A 281 34.67 7.91 18.83
C THR A 281 33.31 7.23 18.90
N GLU A 282 32.23 8.01 18.80
CA GLU A 282 30.88 7.48 18.91
C GLU A 282 29.89 8.28 18.08
N GLU A 283 28.83 7.59 17.61
CA GLU A 283 27.70 8.20 16.90
C GLU A 283 28.14 9.15 15.78
N CYS A 284 28.96 8.64 14.88
CA CYS A 284 29.53 9.46 13.82
C CYS A 284 28.49 9.75 12.75
N THR A 285 28.41 11.02 12.35
CA THR A 285 27.59 11.45 11.23
C THR A 285 28.55 11.69 10.08
N CYS A 286 28.40 10.92 9.02
CA CYS A 286 29.37 10.90 7.94
C CYS A 286 28.77 11.42 6.63
N ALA A 287 29.63 12.03 5.84
CA ALA A 287 29.29 12.50 4.51
C ALA A 287 30.52 12.35 3.66
N ALA A 288 30.31 12.14 2.37
CA ALA A 288 31.43 12.08 1.44
C ALA A 288 32.03 13.46 1.25
N THR A 289 33.35 13.51 1.09
CA THR A 289 34.07 14.73 0.76
C THR A 289 34.62 14.67 -0.65
N GLY A 290 34.19 13.68 -1.43
CA GLY A 290 34.56 13.48 -2.80
C GLY A 290 34.84 12.01 -3.03
N ASN A 291 35.13 11.65 -4.28
CA ASN A 291 35.42 10.26 -4.57
C ASN A 291 36.69 9.87 -3.84
N THR A 292 36.68 8.67 -3.26
CA THR A 292 37.78 8.09 -2.50
C THR A 292 37.92 8.67 -1.09
N THR A 293 37.10 9.64 -0.65
CA THR A 293 37.28 10.18 0.70
C THR A 293 35.95 10.43 1.41
N ILE A 294 35.92 10.10 2.70
CA ILE A 294 34.75 10.28 3.56
C ILE A 294 35.18 11.01 4.81
N MET A 295 34.37 11.96 5.29
CA MET A 295 34.68 12.62 6.55
C MET A 295 33.46 12.54 7.46
N CYS A 296 33.72 12.33 8.75
CA CYS A 296 32.68 12.18 9.78
C CYS A 296 32.94 13.13 10.94
N ALA A 297 31.86 13.61 11.56
CA ALA A 297 31.90 14.37 12.81
C ALA A 297 31.22 13.54 13.89
N CYS A 298 31.96 13.17 14.93
CA CYS A 298 31.50 12.18 15.90
C CYS A 298 31.25 12.82 17.27
N ARG A 299 30.71 12.01 18.18
CA ARG A 299 30.46 12.39 19.57
C ARG A 299 31.60 11.89 20.46
N ASP A 300 31.88 12.64 21.53
CA ASP A 300 32.77 12.22 22.61
C ASP A 300 32.01 12.45 23.92
N ASN A 301 31.60 11.36 24.57
CA ASN A 301 30.71 11.40 25.72
C ASN A 301 31.46 11.27 27.07
N ALA A 302 32.78 11.46 27.09
CA ALA A 302 33.51 11.23 28.32
C ALA A 302 34.58 12.27 28.68
N TYR A 303 35.28 12.82 27.70
CA TYR A 303 36.43 13.67 27.99
C TYR A 303 36.27 15.14 27.58
N THR A 304 35.65 15.42 26.45
CA THR A 304 35.56 16.78 25.92
C THR A 304 34.15 17.07 25.43
N ASP A 305 33.99 18.28 24.88
CA ASP A 305 32.76 18.75 24.28
C ASP A 305 33.00 19.24 22.85
N ARG A 306 34.18 18.98 22.30
CA ARG A 306 34.53 19.23 20.92
C ARG A 306 34.34 17.92 20.18
N ARG A 307 33.75 17.98 19.00
CA ARG A 307 33.49 16.71 18.33
C ARG A 307 34.76 16.15 17.68
N PRO A 308 34.99 14.83 17.78
CA PRO A 308 36.00 14.21 16.94
C PRO A 308 35.62 14.25 15.46
N ILE A 309 36.62 14.48 14.62
CA ILE A 309 36.47 14.44 13.18
C ILE A 309 37.31 13.28 12.69
N VAL A 310 36.71 12.43 11.86
CA VAL A 310 37.35 11.25 11.31
C VAL A 310 37.51 11.44 9.81
N ALA A 311 38.75 11.44 9.33
CA ALA A 311 39.08 11.58 7.91
C ALA A 311 39.41 10.18 7.40
N ILE A 312 38.57 9.65 6.51
CA ILE A 312 38.70 8.28 5.99
C ILE A 312 39.21 8.37 4.56
N ASP A 313 40.41 7.82 4.35
CA ASP A 313 41.04 7.73 3.04
C ASP A 313 40.84 6.28 2.60
N THR A 314 40.00 6.08 1.59
CA THR A 314 39.57 4.74 1.20
C THR A 314 40.59 4.03 0.32
N ILE A 315 41.64 4.72 -0.16
CA ILE A 315 42.70 4.08 -0.91
C ILE A 315 43.82 3.71 0.03
N ALA A 316 44.14 4.64 0.93
CA ALA A 316 45.14 4.38 1.95
C ALA A 316 44.56 3.44 3.00
N LYS A 317 43.22 3.38 3.08
CA LYS A 317 42.49 2.54 4.02
C LYS A 317 42.84 2.93 5.45
N THR A 318 42.77 4.24 5.73
CA THR A 318 43.05 4.74 7.07
C THR A 318 41.99 5.74 7.49
N ALA A 319 41.65 5.72 8.78
CA ALA A 319 40.74 6.66 9.39
C ALA A 319 41.47 7.44 10.48
N ASN A 320 41.76 8.71 10.21
CA ASN A 320 42.53 9.56 11.10
C ASN A 320 41.55 10.38 11.94
N VAL A 321 41.62 10.22 13.25
CA VAL A 321 40.67 10.85 14.17
C VAL A 321 41.38 11.95 14.93
N GLY A 322 40.71 13.09 15.09
CA GLY A 322 41.25 14.15 15.94
C GLY A 322 40.13 15.07 16.32
N LEU A 323 40.37 15.92 17.30
CA LEU A 323 39.30 16.81 17.76
C LEU A 323 39.29 18.08 16.94
N MET A 324 38.10 18.65 16.78
CA MET A 324 38.00 19.92 16.10
C MET A 324 38.82 20.96 16.84
N CYS A 325 39.69 21.65 16.14
CA CYS A 325 40.55 22.64 16.78
C CYS A 325 39.84 24.00 16.84
N SER A 326 38.63 24.11 16.27
CA SER A 326 37.89 25.36 16.24
C SER A 326 37.44 25.79 17.64
N PRO A 327 37.46 27.10 17.95
CA PRO A 327 36.87 27.56 19.22
C PRO A 327 35.39 27.25 19.39
N THR A 328 34.64 27.01 18.32
CA THR A 328 33.21 26.76 18.47
C THR A 328 33.01 25.30 18.83
N ARG A 329 32.39 25.06 19.99
CA ARG A 329 32.19 23.71 20.50
C ARG A 329 30.81 23.26 20.05
N MET A 330 30.74 22.07 19.45
CA MET A 330 29.51 21.56 18.86
C MET A 330 28.74 20.54 19.70
N ASP A 331 29.24 20.10 20.84
CA ASP A 331 28.50 19.09 21.60
C ASP A 331 27.59 19.72 22.65
N THR A 332 26.85 18.85 23.37
CA THR A 332 25.95 19.26 24.45
C THR A 332 26.03 18.25 25.60
N PRO A 333 26.46 18.62 26.83
CA PRO A 333 26.81 19.94 27.34
C PRO A 333 28.11 20.47 26.75
N ARG A 334 28.31 21.78 26.79
CA ARG A 334 29.56 22.37 26.31
C ARG A 334 29.88 23.61 27.13
N SER A 335 31.16 23.92 27.21
CA SER A 335 31.65 25.13 27.85
C SER A 335 31.51 26.29 26.87
N ALA A 336 31.72 27.51 27.37
CA ALA A 336 31.65 28.67 26.51
C ALA A 336 32.73 28.57 25.45
N ASP A 337 32.42 29.02 24.24
CA ASP A 337 33.37 28.95 23.14
C ASP A 337 34.69 29.64 23.49
N SER A 338 35.78 28.94 23.20
CA SER A 338 37.13 29.41 23.48
C SER A 338 38.06 28.52 22.69
N ALA A 339 39.24 29.03 22.39
CA ALA A 339 40.21 28.17 21.70
C ALA A 339 40.81 27.16 22.69
N PRO A 340 41.07 25.93 22.26
CA PRO A 340 41.82 25.00 23.11
C PRO A 340 43.30 25.39 23.21
N SER A 341 43.93 24.97 24.31
CA SER A 341 45.36 25.27 24.47
C SER A 341 46.16 24.48 23.44
N SER A 342 45.65 23.32 23.05
CA SER A 342 46.25 22.49 22.03
C SER A 342 45.06 21.71 21.48
N CYS A 343 45.13 21.46 20.18
CA CYS A 343 43.99 20.89 19.45
C CYS A 343 43.41 19.59 20.01
N ASN A 344 44.25 18.65 20.46
CA ASN A 344 43.76 17.35 20.94
C ASN A 344 43.83 17.17 22.46
N VAL A 345 43.88 18.25 23.21
CA VAL A 345 43.85 18.20 24.67
C VAL A 345 42.38 18.17 25.11
N ASP A 346 42.09 17.31 26.06
CA ASP A 346 40.72 17.17 26.54
C ASP A 346 40.39 18.35 27.43
N ASP A 347 39.47 19.20 26.95
CA ASP A 347 39.08 20.43 27.62
C ASP A 347 37.60 20.65 27.36
N GLY A 348 36.82 20.68 28.43
CA GLY A 348 35.38 20.77 28.30
C GLY A 348 34.71 20.67 29.65
N THR A 349 33.43 20.30 29.61
CA THR A 349 32.60 20.21 30.79
C THR A 349 32.56 18.80 31.38
N GLY A 350 33.30 17.86 30.81
CA GLY A 350 33.28 16.48 31.25
C GLY A 350 32.47 15.63 30.30
N GLY A 351 31.99 14.50 30.80
CA GLY A 351 31.36 13.54 29.93
C GLY A 351 29.96 13.96 29.58
N GLY A 352 29.32 13.13 28.76
CA GLY A 352 28.03 13.44 28.19
C GLY A 352 28.17 14.01 26.80
N GLY A 353 27.10 13.93 26.03
CA GLY A 353 27.13 14.45 24.68
C GLY A 353 25.87 14.09 23.94
N VAL A 354 25.76 14.66 22.74
CA VAL A 354 24.63 14.43 21.86
C VAL A 354 25.16 14.20 20.45
N LYS A 355 24.48 13.34 19.70
CA LYS A 355 24.81 13.19 18.29
C LYS A 355 24.50 14.51 17.61
N GLY A 356 25.40 14.95 16.73
CA GLY A 356 25.21 16.19 16.00
C GLY A 356 25.20 16.00 14.50
N GLY A 357 24.80 17.09 13.83
CA GLY A 357 24.75 17.08 12.38
C GLY A 357 26.09 17.42 11.78
N PHE A 358 26.25 17.03 10.52
CA PHE A 358 27.47 17.33 9.78
C PHE A 358 27.15 17.22 8.30
N ALA A 359 27.35 18.32 7.57
CA ALA A 359 27.04 18.33 6.15
C ALA A 359 28.23 18.88 5.40
N VAL A 360 28.41 18.38 4.18
CA VAL A 360 29.47 18.80 3.28
C VAL A 360 28.85 19.29 1.99
N VAL A 361 29.20 20.50 1.60
CA VAL A 361 28.77 21.08 0.34
C VAL A 361 29.99 20.99 -0.57
N ARG A 362 29.95 20.05 -1.50
CA ARG A 362 31.08 19.76 -2.37
C ARG A 362 31.01 20.70 -3.56
N ARG A 363 32.10 21.42 -3.81
CA ARG A 363 32.17 22.36 -4.90
C ARG A 363 33.47 22.18 -5.66
N PRO A 364 33.53 22.54 -6.95
CA PRO A 364 34.79 22.40 -7.70
C PRO A 364 35.98 23.11 -7.10
N ASN A 365 35.78 24.14 -6.27
CA ASN A 365 36.87 24.92 -5.68
C ASN A 365 37.11 24.59 -4.21
N GLY A 366 36.60 23.46 -3.71
CA GLY A 366 36.80 23.06 -2.34
C GLY A 366 35.49 22.80 -1.63
N ASN A 367 35.53 22.07 -0.52
CA ASN A 367 34.33 21.72 0.21
C ASN A 367 34.06 22.74 1.30
N GLN A 368 32.78 22.92 1.63
CA GLN A 368 32.35 23.72 2.76
C GLN A 368 31.66 22.79 3.76
N PHE A 369 31.91 23.02 5.05
CA PHE A 369 31.32 22.18 6.08
C PHE A 369 30.31 22.97 6.90
N TYR A 370 29.21 22.31 7.24
CA TYR A 370 28.14 22.90 8.06
C TYR A 370 27.90 21.98 9.24
N TYR A 371 27.55 22.58 10.38
CA TYR A 371 27.36 21.82 11.60
C TYR A 371 26.04 22.21 12.25
N THR A 372 25.45 21.29 13.02
CA THR A 372 24.31 21.65 13.85
C THR A 372 24.79 21.65 15.29
N ARG A 373 24.14 22.49 16.09
CA ARG A 373 24.48 22.65 17.50
C ARG A 373 23.19 22.89 18.28
N THR A 374 23.14 22.49 19.54
CA THR A 374 21.92 22.82 20.27
C THR A 374 21.94 24.32 20.56
N GLY A 375 20.77 24.87 20.86
CA GLY A 375 20.73 26.30 21.12
C GLY A 375 21.35 26.68 22.44
N SER A 376 20.81 26.10 23.52
CA SER A 376 21.25 26.41 24.87
C SER A 376 22.42 25.50 25.24
N ALA A 377 23.55 26.10 25.58
CA ALA A 377 24.68 25.28 26.04
C ALA A 377 24.28 24.63 27.37
N SER A 378 24.66 23.37 27.55
CA SER A 378 24.44 22.54 28.74
C SER A 378 23.11 21.79 28.69
N SER A 379 22.24 22.04 27.72
CA SER A 379 20.97 21.35 27.62
C SER A 379 20.57 21.19 26.17
N ARG A 380 19.87 20.11 25.86
CA ARG A 380 19.44 19.80 24.50
C ARG A 380 18.19 20.62 24.17
N VAL A 381 18.39 21.92 24.04
CA VAL A 381 17.31 22.88 23.80
C VAL A 381 17.68 23.72 22.58
N GLY A 382 16.75 23.80 21.62
CA GLY A 382 16.96 24.60 20.44
C GLY A 382 17.90 23.92 19.47
N MET A 383 18.12 24.60 18.33
CA MET A 383 19.05 24.07 17.35
C MET A 383 19.47 25.17 16.40
N GLU A 384 20.78 25.28 16.22
CA GLU A 384 21.45 26.24 15.36
C GLU A 384 22.16 25.48 14.25
N VAL A 385 22.35 26.16 13.12
CA VAL A 385 23.21 25.68 12.04
C VAL A 385 24.40 26.62 11.99
N ARG A 386 25.59 26.04 12.14
CA ARG A 386 26.83 26.80 12.08
C ARG A 386 27.29 26.77 10.63
N GLY A 387 27.60 27.98 10.14
CA GLY A 387 27.84 28.27 8.75
C GLY A 387 29.09 27.63 8.17
N PRO A 388 29.33 27.93 6.89
CA PRO A 388 30.35 27.21 6.14
C PRO A 388 31.74 27.39 6.73
N GLN A 389 32.41 26.27 6.92
CA GLN A 389 33.81 26.24 7.34
C GLN A 389 34.61 25.83 6.12
N THR A 390 35.55 26.68 5.70
CA THR A 390 36.35 26.42 4.52
C THR A 390 37.73 25.89 4.88
N GLU A 391 38.01 25.75 6.17
CA GLU A 391 39.24 25.24 6.73
C GLU A 391 38.99 23.78 7.03
N ASP A 392 40.05 22.98 7.09
CA ASP A 392 39.89 21.58 7.44
C ASP A 392 39.17 21.48 8.79
N PRO A 393 38.06 20.70 8.90
CA PRO A 393 37.37 20.56 10.19
C PRO A 393 38.23 20.14 11.37
N MET A 394 39.36 19.50 11.09
CA MET A 394 40.22 19.08 12.17
C MET A 394 41.15 20.21 12.60
N THR A 395 41.94 20.75 11.66
CA THR A 395 43.01 21.69 11.98
C THR A 395 42.73 23.15 11.63
N GLY A 396 41.51 23.51 11.23
CA GLY A 396 41.24 24.89 10.86
C GLY A 396 41.63 25.91 11.92
N THR A 397 41.12 25.76 13.14
CA THR A 397 41.29 26.61 14.31
C THR A 397 40.48 27.91 14.26
N SER A 398 39.82 28.24 13.16
CA SER A 398 38.97 29.43 13.13
C SER A 398 37.60 29.14 13.73
N ALA A 399 36.93 30.21 14.14
CA ALA A 399 35.56 30.07 14.63
C ALA A 399 34.64 29.80 13.45
N ILE A 400 33.53 29.13 13.72
CA ILE A 400 32.56 28.77 12.69
C ILE A 400 31.36 29.70 12.85
N PRO A 401 31.05 30.57 11.88
CA PRO A 401 30.01 31.58 12.11
C PRO A 401 28.63 30.96 12.19
N LEU A 402 27.74 31.66 12.88
CA LEU A 402 26.35 31.22 12.95
C LEU A 402 25.70 31.53 11.61
N LEU A 403 24.98 30.54 11.06
CA LEU A 403 24.27 30.76 9.81
C LEU A 403 22.81 31.13 10.05
N ASP A 404 22.11 30.28 10.81
CA ASP A 404 20.69 30.39 11.11
C ASP A 404 20.44 29.73 12.45
N ILE A 405 19.35 30.13 13.09
CA ILE A 405 18.81 29.40 14.23
C ILE A 405 17.58 28.70 13.69
N ILE A 406 17.62 27.38 13.64
CA ILE A 406 16.57 26.63 12.96
C ILE A 406 15.47 26.17 13.92
N VAL A 407 15.81 25.94 15.18
CA VAL A 407 14.85 25.61 16.22
C VAL A 407 15.08 26.57 17.38
N SER A 408 14.02 27.18 17.87
CA SER A 408 14.11 28.12 18.97
C SER A 408 14.38 27.38 20.28
N THR A 409 14.78 28.13 21.30
CA THR A 409 15.11 27.51 22.58
C THR A 409 13.88 27.20 23.42
N SER A 410 12.69 27.46 22.91
CA SER A 410 11.48 27.07 23.60
C SER A 410 11.09 25.63 23.27
N VAL A 411 11.76 25.03 22.30
CA VAL A 411 11.47 23.69 21.80
C VAL A 411 12.64 22.77 22.11
N ASN A 412 12.36 21.65 22.77
CA ASN A 412 13.39 20.70 23.10
C ASN A 412 13.81 19.93 21.83
N THR A 413 15.09 19.58 21.76
CA THR A 413 15.64 18.85 20.63
C THR A 413 16.42 17.64 21.15
N GLY A 414 16.75 16.75 20.22
CA GLY A 414 17.52 15.56 20.50
C GLY A 414 18.74 15.41 19.62
N TYR A 415 18.87 14.23 19.02
CA TYR A 415 20.00 13.93 18.15
C TYR A 415 19.83 14.66 16.83
N SER A 416 20.96 15.03 16.23
CA SER A 416 20.98 15.62 14.90
C SER A 416 21.82 14.76 13.98
N SER A 417 21.40 14.67 12.73
CA SER A 417 22.12 13.88 11.74
C SER A 417 22.01 14.61 10.41
N SER A 418 22.49 13.96 9.36
CA SER A 418 22.47 14.56 8.03
C SER A 418 22.33 13.46 6.99
N PHE A 419 21.90 13.87 5.81
CA PHE A 419 21.77 12.96 4.68
C PHE A 419 21.89 13.83 3.44
N GLU A 420 21.99 13.18 2.29
CA GLU A 420 22.02 13.90 1.03
C GLU A 420 20.96 13.34 0.09
N MET A 421 20.22 14.24 -0.56
CA MET A 421 19.30 13.79 -1.59
C MET A 421 20.15 13.60 -2.83
N LYS A 422 19.77 12.65 -3.66
CA LYS A 422 20.56 12.36 -4.86
C LYS A 422 19.65 12.62 -6.06
N GLY A 423 19.85 13.78 -6.68
CA GLY A 423 19.00 14.22 -7.76
C GLY A 423 19.54 13.78 -9.10
N ILE A 424 19.10 14.48 -10.14
CA ILE A 424 19.32 14.03 -11.51
C ILE A 424 20.72 14.56 -11.80
N GLU A 425 20.97 15.83 -11.43
CA GLU A 425 22.25 16.49 -11.71
C GLU A 425 23.19 16.63 -10.52
N CYS A 426 22.68 16.66 -9.28
CA CYS A 426 23.51 17.03 -8.15
C CYS A 426 23.00 16.38 -6.87
N ASP A 427 23.78 16.54 -5.81
CA ASP A 427 23.40 16.11 -4.48
C ASP A 427 22.91 17.32 -3.71
N THR A 428 22.04 17.09 -2.72
CA THR A 428 21.51 18.16 -1.86
C THR A 428 21.68 17.86 -0.38
N PRO A 429 22.68 18.42 0.30
CA PRO A 429 22.84 18.18 1.74
C PRO A 429 21.61 18.64 2.54
N CYS A 430 21.20 17.80 3.49
CA CYS A 430 20.08 18.06 4.37
C CYS A 430 20.45 17.64 5.79
N PHE A 431 19.95 18.40 6.77
CA PHE A 431 20.08 18.09 8.18
C PHE A 431 18.75 17.57 8.72
N VAL A 432 18.84 16.66 9.69
CA VAL A 432 17.68 16.10 10.37
C VAL A 432 17.82 16.43 11.85
N VAL A 433 16.81 17.07 12.42
CA VAL A 433 16.78 17.47 13.82
C VAL A 433 15.74 16.67 14.57
N GLU A 434 16.17 15.94 15.59
CA GLU A 434 15.28 15.14 16.42
C GLU A 434 14.58 15.99 17.47
N HIS A 435 13.31 15.70 17.71
CA HIS A 435 12.51 16.30 18.78
C HIS A 435 12.02 15.15 19.64
N ILE A 436 12.22 15.26 20.96
CA ILE A 436 11.88 14.21 21.91
C ILE A 436 10.61 14.60 22.65
N ARG A 437 9.64 13.68 22.72
CA ARG A 437 8.41 13.93 23.45
C ARG A 437 8.05 12.72 24.29
N SER A 438 7.67 12.95 25.54
CA SER A 438 7.29 11.85 26.40
C SER A 438 6.23 12.25 27.42
N ASN A 439 5.49 11.23 27.86
CA ASN A 439 4.48 11.32 28.91
C ASN A 439 4.67 10.06 29.76
N THR A 440 4.07 8.95 29.33
CA THR A 440 4.22 7.62 29.90
C THR A 440 4.92 6.71 28.89
N TRP A 441 5.41 7.30 27.78
CA TRP A 441 6.05 6.64 26.66
C TRP A 441 7.02 7.67 26.12
N THR A 442 7.93 7.26 25.24
CA THR A 442 8.82 8.22 24.59
C THR A 442 8.73 8.02 23.09
N THR A 443 8.61 9.13 22.37
CA THR A 443 8.61 9.15 20.92
C THR A 443 9.61 10.18 20.41
N ALA A 444 9.96 10.02 19.13
CA ALA A 444 10.78 10.97 18.40
C ALA A 444 10.05 11.48 17.16
N SER A 445 10.29 12.75 16.86
CA SER A 445 9.81 13.49 15.70
C SER A 445 11.05 14.04 15.00
N SER A 446 10.98 14.26 13.67
CA SER A 446 12.16 14.81 13.01
C SER A 446 11.80 15.95 12.06
N SER A 447 12.68 16.93 12.01
CA SER A 447 12.56 18.11 11.16
C SER A 447 13.70 18.08 10.16
N ILE A 448 13.39 18.16 8.87
CA ILE A 448 14.41 18.09 7.82
C ILE A 448 14.55 19.46 7.20
N TYR A 449 15.78 19.97 7.21
CA TYR A 449 16.18 21.25 6.64
C TYR A 449 17.18 20.96 5.52
N CYS A 450 16.88 21.40 4.32
CA CYS A 450 17.70 21.10 3.16
C CYS A 450 18.31 22.37 2.57
N LEU A 451 19.51 22.21 2.00
CA LEU A 451 20.20 23.36 1.42
C LEU A 451 19.34 23.95 0.32
N SER A 452 19.10 25.26 0.41
CA SER A 452 18.26 25.95 -0.54
C SER A 452 18.69 27.41 -0.58
N GLY A 453 17.82 28.27 -1.11
CA GLY A 453 18.14 29.67 -1.27
C GLY A 453 18.01 30.49 -0.01
N ASP A 454 18.42 31.74 -0.14
CA ASP A 454 18.45 32.69 0.97
C ASP A 454 17.07 33.27 1.21
N ALA A 455 16.58 33.09 2.44
CA ALA A 455 15.28 33.59 2.86
C ALA A 455 15.30 33.62 4.39
N SER A 456 14.49 34.49 4.97
CA SER A 456 14.38 34.53 6.43
C SER A 456 13.96 33.17 6.98
N MET A 457 14.56 32.80 8.11
CA MET A 457 14.26 31.52 8.73
C MET A 457 12.90 31.52 9.39
N PHE A 458 12.19 30.41 9.22
CA PHE A 458 10.89 30.16 9.81
C PHE A 458 11.12 28.99 10.77
N GLN A 459 11.25 29.29 12.05
CA GLN A 459 11.65 28.31 13.04
C GLN A 459 10.48 27.38 13.35
N PHE A 460 10.78 26.11 13.60
CA PHE A 460 9.76 25.10 13.79
C PHE A 460 9.62 24.55 15.21
N ASP A 461 8.36 24.51 15.64
CA ASP A 461 7.89 23.94 16.89
C ASP A 461 7.23 22.61 16.54
N ASP A 462 7.75 21.51 17.10
CA ASP A 462 7.30 20.15 16.79
C ASP A 462 5.78 20.01 16.72
N GLY A 463 5.05 20.65 17.63
CA GLY A 463 3.60 20.57 17.59
C GLY A 463 3.05 19.27 18.12
N VAL A 464 3.80 18.59 18.98
CA VAL A 464 3.41 17.32 19.58
C VAL A 464 3.19 17.56 21.05
N ASN A 465 1.99 17.23 21.53
CA ASN A 465 1.59 17.41 22.91
C ASN A 465 1.57 16.03 23.55
N PRO A 466 2.51 15.68 24.44
CA PRO A 466 2.53 14.32 25.01
C PRO A 466 1.23 13.91 25.69
N THR A 467 0.41 14.86 26.12
CA THR A 467 -0.87 14.60 26.79
C THR A 467 -2.05 15.01 25.92
N ALA A 468 -1.82 15.23 24.63
CA ALA A 468 -2.81 15.64 23.61
C ALA A 468 -4.25 15.21 23.86
N PRO B 83 12.07 -20.61 -16.92
CA PRO B 83 13.09 -19.79 -17.55
C PRO B 83 14.18 -19.33 -16.57
N THR B 84 13.74 -18.80 -15.42
CA THR B 84 14.60 -18.29 -14.37
C THR B 84 14.36 -19.03 -13.06
N TYR B 85 13.97 -20.30 -13.15
CA TYR B 85 13.64 -21.07 -11.97
C TYR B 85 14.82 -21.21 -11.02
N PHE B 86 14.51 -21.09 -9.73
CA PHE B 86 15.50 -21.17 -8.65
C PHE B 86 16.01 -22.59 -8.46
N GLN B 87 17.32 -22.71 -8.24
CA GLN B 87 17.97 -23.95 -7.87
C GLN B 87 18.72 -23.70 -6.57
N PRO B 88 18.82 -24.70 -5.68
CA PRO B 88 19.57 -24.50 -4.43
C PRO B 88 21.03 -24.12 -4.65
N ARG B 89 21.56 -23.34 -3.71
CA ARG B 89 22.95 -22.91 -3.69
C ARG B 89 23.57 -23.34 -2.37
N MET B 90 24.89 -23.27 -2.31
CA MET B 90 25.60 -23.55 -1.07
C MET B 90 25.25 -22.46 -0.05
N SER B 91 25.25 -22.83 1.23
CA SER B 91 24.94 -21.87 2.27
C SER B 91 26.16 -21.01 2.57
N CYS B 92 25.91 -19.80 3.10
CA CYS B 92 26.98 -18.94 3.54
C CYS B 92 27.54 -19.32 4.90
N THR B 93 28.70 -18.72 5.18
CA THR B 93 29.46 -18.92 6.41
C THR B 93 28.67 -18.50 7.65
N GLY B 94 28.72 -19.35 8.66
CA GLY B 94 28.11 -19.10 9.95
C GLY B 94 28.08 -20.37 10.79
N THR B 95 28.00 -20.20 12.11
CA THR B 95 28.01 -21.32 13.05
C THR B 95 26.87 -21.29 14.04
N ARG B 96 26.09 -20.22 14.11
CA ARG B 96 25.00 -20.09 15.06
C ARG B 96 23.80 -19.50 14.36
N PHE B 97 22.62 -19.83 14.88
CA PHE B 97 21.38 -19.24 14.42
C PHE B 97 21.05 -18.13 15.40
N GLN B 98 21.24 -16.91 14.97
CA GLN B 98 21.14 -15.74 15.81
C GLN B 98 19.80 -15.04 15.59
N PRO B 99 19.24 -14.37 16.60
CA PRO B 99 17.94 -13.71 16.40
C PRO B 99 18.00 -12.76 15.23
N PHE B 100 17.02 -12.85 14.34
CA PHE B 100 16.96 -12.00 13.15
C PHE B 100 15.76 -11.05 13.16
N MET B 101 14.55 -11.59 13.28
CA MET B 101 13.37 -10.73 13.21
C MET B 101 12.27 -11.40 14.02
N MET B 102 11.44 -10.60 14.68
CA MET B 102 10.30 -11.15 15.39
C MET B 102 8.99 -10.57 14.88
N MET B 103 8.22 -11.44 14.23
CA MET B 103 6.92 -11.11 13.65
C MET B 103 5.87 -11.33 14.73
N ASN B 104 6.01 -10.53 15.78
CA ASN B 104 5.11 -10.61 16.93
C ASN B 104 3.94 -9.68 16.66
N SER B 105 3.15 -10.12 15.69
CA SER B 105 1.98 -9.39 15.22
C SER B 105 1.05 -8.98 16.34
N PRO B 106 0.59 -9.90 17.25
CA PRO B 106 -0.36 -9.51 18.29
C PRO B 106 0.26 -8.75 19.48
N ARG B 107 0.96 -7.68 19.16
CA ARG B 107 1.59 -6.78 20.12
C ARG B 107 1.18 -5.36 19.81
N TYR B 108 0.54 -5.12 18.66
CA TYR B 108 0.04 -3.83 18.24
C TYR B 108 -1.49 -3.83 18.34
N GLY B 109 -2.05 -4.86 19.00
CA GLY B 109 -3.47 -5.05 19.22
C GLY B 109 -3.72 -5.09 20.71
N GLY B 110 -4.84 -5.65 21.13
CA GLY B 110 -5.24 -5.67 22.52
C GLY B 110 -6.42 -4.74 22.76
N THR B 111 -7.09 -4.95 23.89
CA THR B 111 -8.30 -4.18 24.13
C THR B 111 -8.00 -2.72 24.42
N GLY B 112 -6.77 -2.40 24.79
CA GLY B 112 -6.37 -1.04 25.06
C GLY B 112 -5.70 -0.34 23.90
N ASP B 113 -5.58 -0.99 22.75
CA ASP B 113 -4.88 -0.46 21.58
C ASP B 113 -5.87 -0.15 20.46
N ARG B 114 -5.32 0.35 19.33
CA ARG B 114 -6.07 0.72 18.15
C ARG B 114 -5.86 -0.19 16.95
N GLY B 115 -5.10 -1.28 17.09
CA GLY B 115 -4.81 -2.13 15.94
C GLY B 115 -5.88 -3.17 15.65
N SER B 116 -5.91 -3.59 14.39
CA SER B 116 -6.81 -4.65 13.90
C SER B 116 -5.93 -5.72 13.27
N ILE B 117 -5.76 -6.82 14.01
CA ILE B 117 -4.79 -7.87 13.71
C ILE B 117 -5.52 -9.20 13.51
N HIS B 118 -5.07 -9.98 12.53
CA HIS B 118 -5.72 -11.26 12.27
C HIS B 118 -5.47 -12.27 13.38
N LEU B 119 -6.48 -13.10 13.64
CA LEU B 119 -6.37 -14.27 14.48
C LEU B 119 -5.94 -15.42 13.59
N ASN B 120 -4.86 -16.12 13.97
CA ASN B 120 -4.31 -17.14 13.09
C ASN B 120 -3.54 -18.18 13.89
N ARG B 121 -3.09 -19.21 13.18
CA ARG B 121 -2.27 -20.27 13.73
C ARG B 121 -1.28 -20.76 12.68
N GLU B 122 -0.25 -21.45 13.17
CA GLU B 122 0.75 -22.11 12.33
C GLU B 122 1.42 -21.17 11.33
N PRO B 123 2.07 -20.11 11.82
CA PRO B 123 2.76 -19.21 10.89
C PRO B 123 4.01 -19.86 10.32
N PHE B 124 4.37 -19.45 9.11
CA PHE B 124 5.60 -19.92 8.49
C PHE B 124 6.07 -18.83 7.54
N VAL B 125 7.33 -18.89 7.16
CA VAL B 125 7.93 -17.93 6.25
C VAL B 125 8.48 -18.63 5.02
N SER B 126 8.25 -18.05 3.85
CA SER B 126 8.81 -18.54 2.60
C SER B 126 9.41 -17.34 1.90
N CYS B 127 10.53 -17.56 1.19
CA CYS B 127 11.22 -16.47 0.51
C CYS B 127 11.44 -16.70 -0.96
N SER B 128 11.42 -15.59 -1.67
CA SER B 128 11.83 -15.44 -3.06
C SER B 128 13.21 -14.81 -3.00
N MET B 129 13.83 -14.54 -4.14
CA MET B 129 15.14 -13.92 -4.07
C MET B 129 15.06 -12.43 -3.80
N ASN B 130 13.87 -11.82 -3.96
CA ASN B 130 13.68 -10.40 -3.79
C ASN B 130 12.89 -10.03 -2.54
N GLU B 131 12.07 -10.96 -2.03
CA GLU B 131 11.25 -10.71 -0.86
C GLU B 131 11.02 -11.98 -0.08
N CYS B 132 10.78 -11.83 1.22
CA CYS B 132 10.32 -12.90 2.09
C CYS B 132 8.91 -12.56 2.51
N ARG B 133 8.07 -13.57 2.62
CA ARG B 133 6.68 -13.41 3.04
C ARG B 133 6.39 -14.31 4.21
N HIS B 134 5.52 -13.79 5.08
CA HIS B 134 5.08 -14.47 6.27
C HIS B 134 3.64 -14.90 6.03
N PHE B 135 3.42 -16.21 6.07
CA PHE B 135 2.16 -16.87 5.77
C PHE B 135 1.54 -17.37 7.06
N ALA B 136 0.22 -17.38 7.09
CA ALA B 136 -0.49 -17.96 8.23
C ALA B 136 -1.89 -18.33 7.79
N LEU B 137 -2.53 -19.17 8.60
CA LEU B 137 -3.92 -19.55 8.39
C LEU B 137 -4.76 -18.75 9.39
N GLY B 138 -5.62 -17.88 8.87
CA GLY B 138 -6.40 -17.00 9.69
C GLY B 138 -7.77 -17.57 9.91
N HIS B 139 -8.54 -16.88 10.77
CA HIS B 139 -9.91 -17.24 11.09
C HIS B 139 -10.90 -16.14 10.67
N THR B 140 -10.48 -15.25 9.77
CA THR B 140 -11.30 -14.14 9.29
C THR B 140 -11.93 -13.39 10.48
N ALA B 141 -11.08 -12.97 11.41
CA ALA B 141 -11.50 -12.28 12.62
C ALA B 141 -10.34 -11.45 13.12
N THR B 142 -10.66 -10.39 13.87
CA THR B 142 -9.63 -9.55 14.45
C THR B 142 -9.24 -10.05 15.84
N GLN B 143 -8.05 -9.63 16.28
CA GLN B 143 -7.53 -10.06 17.58
C GLN B 143 -8.50 -9.70 18.71
N ASN B 144 -9.13 -8.52 18.63
CA ASN B 144 -10.05 -8.02 19.65
C ASN B 144 -11.35 -7.58 18.99
N GLY B 145 -12.16 -8.56 18.58
CA GLY B 145 -13.39 -8.28 17.86
C GLY B 145 -14.52 -9.21 18.21
N PRO B 146 -15.68 -8.96 17.60
CA PRO B 146 -16.89 -9.74 17.96
C PRO B 146 -16.83 -11.19 17.56
N TYR B 147 -15.91 -11.59 16.68
CA TYR B 147 -15.79 -12.95 16.19
C TYR B 147 -14.56 -13.65 16.72
N SER B 148 -13.90 -13.08 17.73
CA SER B 148 -12.68 -13.68 18.24
C SER B 148 -12.91 -14.97 18.99
N ALA B 149 -14.11 -15.16 19.56
CA ALA B 149 -14.41 -16.42 20.22
C ALA B 149 -14.50 -17.54 19.18
N GLY B 150 -14.01 -18.72 19.52
CA GLY B 150 -14.06 -19.84 18.63
C GLY B 150 -12.90 -19.94 17.65
N THR B 151 -11.90 -19.07 17.76
CA THR B 151 -10.76 -19.07 16.86
C THR B 151 -9.63 -19.99 17.32
N GLY B 152 -9.88 -20.82 18.35
CA GLY B 152 -8.93 -21.81 18.76
C GLY B 152 -9.12 -23.13 18.04
N ALA B 153 -10.12 -23.19 17.15
CA ALA B 153 -10.43 -24.38 16.37
C ALA B 153 -9.30 -24.66 15.40
N ASP B 154 -9.07 -25.94 15.14
CA ASP B 154 -8.04 -26.34 14.18
C ASP B 154 -8.54 -26.26 12.75
N ARG B 155 -9.83 -26.52 12.52
CA ARG B 155 -10.39 -26.52 11.18
C ARG B 155 -11.77 -25.90 11.25
N SER B 156 -12.05 -24.98 10.33
CA SER B 156 -13.35 -24.36 10.21
C SER B 156 -13.47 -23.82 8.80
N ILE B 157 -14.70 -23.51 8.40
CA ILE B 157 -14.93 -22.98 7.07
C ILE B 157 -14.48 -21.54 6.94
N GLN B 158 -14.19 -20.87 8.05
CA GLN B 158 -13.69 -19.51 8.04
C GLN B 158 -12.18 -19.46 7.93
N ARG B 159 -11.50 -20.62 7.88
CA ARG B 159 -10.05 -20.61 7.77
C ARG B 159 -9.63 -20.20 6.38
N MET B 160 -8.58 -19.39 6.31
CA MET B 160 -8.06 -18.95 5.01
C MET B 160 -6.55 -18.79 5.09
N LEU B 161 -5.87 -18.96 3.96
CA LEU B 161 -4.44 -18.76 3.89
C LEU B 161 -4.17 -17.33 3.46
N PHE B 162 -3.33 -16.63 4.22
CA PHE B 162 -3.03 -15.24 3.89
C PHE B 162 -1.59 -14.98 4.24
N SER B 163 -1.04 -13.89 3.68
CA SER B 163 0.33 -13.52 3.98
C SER B 163 0.56 -12.03 3.83
N THR B 164 1.69 -11.60 4.40
CA THR B 164 2.20 -10.25 4.23
C THR B 164 3.68 -10.35 3.92
N LYS B 165 4.29 -9.23 3.54
CA LYS B 165 5.72 -9.28 3.34
C LYS B 165 6.35 -9.45 4.71
N LEU B 166 7.46 -10.17 4.76
CA LEU B 166 8.16 -10.27 6.04
C LEU B 166 8.66 -8.89 6.42
N GLY B 167 8.35 -8.47 7.65
CA GLY B 167 8.68 -7.16 8.15
C GLY B 167 7.46 -6.27 8.38
N GLU B 168 6.30 -6.66 7.83
CA GLU B 168 5.05 -5.94 8.03
C GLU B 168 4.37 -6.40 9.31
N PRO B 169 3.53 -5.56 9.93
CA PRO B 169 2.92 -5.95 11.20
C PRO B 169 1.89 -7.09 11.11
N PHE B 170 1.51 -7.56 9.92
CA PHE B 170 0.57 -8.66 9.75
C PHE B 170 -0.84 -8.25 10.23
N THR B 171 -1.19 -7.01 9.92
CA THR B 171 -2.48 -6.40 10.21
C THR B 171 -3.52 -6.78 9.16
N ILE B 172 -4.76 -6.44 9.47
CA ILE B 172 -5.90 -6.75 8.60
C ILE B 172 -5.73 -6.06 7.25
N ASP B 173 -5.21 -4.83 7.25
CA ASP B 173 -5.07 -4.07 6.01
C ASP B 173 -3.90 -4.53 5.16
N ASN B 174 -2.85 -5.06 5.78
CA ASN B 174 -1.67 -5.52 5.05
C ASN B 174 -1.83 -6.95 4.56
N ALA B 175 -2.64 -7.76 5.23
CA ALA B 175 -2.82 -9.14 4.84
C ALA B 175 -3.51 -9.28 3.50
N ILE B 176 -3.00 -10.21 2.69
CA ILE B 176 -3.60 -10.59 1.41
C ILE B 176 -4.06 -12.04 1.55
N VAL B 177 -5.32 -12.29 1.26
CA VAL B 177 -5.88 -13.63 1.32
C VAL B 177 -5.63 -14.31 -0.02
N HIS B 178 -5.08 -15.53 0.02
CA HIS B 178 -4.75 -16.25 -1.21
C HIS B 178 -5.88 -17.19 -1.63
N MET B 179 -6.48 -17.89 -0.67
CA MET B 179 -7.58 -18.80 -0.92
C MET B 179 -8.05 -19.31 0.44
N SER B 180 -9.23 -19.91 0.46
CA SER B 180 -9.72 -20.56 1.65
C SER B 180 -8.91 -21.82 1.94
N GLY B 181 -8.82 -22.17 3.21
CA GLY B 181 -8.11 -23.38 3.58
C GLY B 181 -7.76 -23.47 5.04
N TRP B 182 -7.97 -24.64 5.63
CA TRP B 182 -7.65 -24.89 7.02
C TRP B 182 -6.27 -25.54 7.16
N SER B 183 -5.60 -25.84 6.05
CA SER B 183 -4.23 -26.35 6.12
C SER B 183 -3.54 -25.85 4.87
N GLY B 184 -2.25 -25.50 4.95
CA GLY B 184 -1.60 -25.07 3.73
C GLY B 184 -0.11 -24.83 3.83
N SER B 185 0.47 -24.55 2.65
CA SER B 185 1.89 -24.30 2.46
C SER B 185 2.04 -23.36 1.27
N ALA B 186 3.25 -22.81 1.12
CA ALA B 186 3.54 -21.93 -0.01
C ALA B 186 5.04 -21.91 -0.25
N CYS B 187 5.42 -21.64 -1.51
CA CYS B 187 6.84 -21.51 -1.85
C CYS B 187 6.94 -20.76 -3.17
N HIS B 188 8.16 -20.35 -3.51
CA HIS B 188 8.43 -19.59 -4.73
C HIS B 188 9.48 -20.37 -5.52
N ASP B 189 9.24 -20.55 -6.82
CA ASP B 189 10.09 -21.35 -7.70
C ASP B 189 11.15 -20.54 -8.44
N GLY B 190 11.28 -19.25 -8.16
CA GLY B 190 12.18 -18.37 -8.86
C GLY B 190 11.49 -17.49 -9.88
N VAL B 191 10.24 -17.80 -10.21
CA VAL B 191 9.44 -17.03 -11.16
C VAL B 191 8.19 -16.45 -10.51
N GLU B 192 7.40 -17.30 -9.84
CA GLU B 192 6.13 -16.88 -9.25
C GLU B 192 5.83 -17.76 -8.05
N TRP B 193 4.96 -17.26 -7.17
CA TRP B 193 4.54 -17.96 -5.98
C TRP B 193 3.54 -19.07 -6.27
N THR B 194 3.76 -20.22 -5.63
CA THR B 194 2.88 -21.37 -5.67
C THR B 194 2.30 -21.52 -4.28
N TYR B 195 0.99 -21.67 -4.19
CA TYR B 195 0.28 -21.80 -2.93
C TYR B 195 -0.48 -23.12 -2.96
N VAL B 196 -0.47 -23.84 -1.84
CA VAL B 196 -1.18 -25.11 -1.70
C VAL B 196 -1.99 -25.05 -0.43
N THR B 197 -3.28 -25.37 -0.51
CA THR B 197 -4.09 -25.45 0.69
C THR B 197 -4.93 -26.71 0.65
N VAL B 198 -5.44 -27.09 1.81
CA VAL B 198 -6.41 -28.16 1.96
C VAL B 198 -7.63 -27.53 2.62
N PHE B 199 -8.79 -27.79 2.01
CA PHE B 199 -10.08 -27.26 2.43
C PHE B 199 -11.17 -28.25 2.06
N GLY B 200 -12.09 -28.49 2.98
CA GLY B 200 -13.21 -29.36 2.74
C GLY B 200 -13.65 -30.03 4.01
N THR B 201 -14.56 -30.98 3.87
CA THR B 201 -15.04 -31.73 5.02
C THR B 201 -13.95 -32.70 5.44
N ASP B 202 -13.82 -32.91 6.76
CA ASP B 202 -12.80 -33.79 7.33
C ASP B 202 -12.64 -35.11 6.59
N PRO B 203 -13.69 -35.92 6.41
CA PRO B 203 -13.51 -37.22 5.73
C PRO B 203 -13.25 -37.12 4.24
N ASP B 204 -13.42 -35.95 3.62
CA ASP B 204 -13.28 -35.81 2.18
C ASP B 204 -12.82 -34.39 1.81
N ALA B 205 -11.65 -33.99 2.30
CA ALA B 205 -11.13 -32.66 2.01
C ALA B 205 -10.41 -32.68 0.66
N LEU B 206 -10.29 -31.50 0.05
CA LEU B 206 -9.60 -31.32 -1.22
C LEU B 206 -8.36 -30.45 -1.10
N VAL B 207 -7.28 -30.87 -1.75
CA VAL B 207 -6.05 -30.09 -1.85
C VAL B 207 -6.22 -29.25 -3.11
N LYS B 208 -5.95 -27.96 -3.02
CA LYS B 208 -5.97 -27.10 -4.20
C LYS B 208 -4.66 -26.37 -4.30
N THR B 209 -4.20 -26.18 -5.53
CA THR B 209 -2.97 -25.46 -5.81
C THR B 209 -3.32 -24.27 -6.68
N LYS B 210 -2.61 -23.18 -6.41
CA LYS B 210 -2.72 -21.91 -7.12
C LYS B 210 -1.33 -21.44 -7.51
N TYR B 211 -1.21 -20.85 -8.68
CA TYR B 211 0.07 -20.33 -9.16
C TYR B 211 -0.16 -18.94 -9.71
N GLY B 212 0.46 -17.93 -9.09
CA GLY B 212 0.36 -16.58 -9.60
C GLY B 212 -1.01 -15.93 -9.57
N ASN B 213 -1.81 -16.19 -8.53
CA ASN B 213 -3.18 -15.71 -8.33
C ASN B 213 -4.20 -16.44 -9.21
N ASN B 214 -3.78 -17.43 -10.01
CA ASN B 214 -4.69 -18.22 -10.83
C ASN B 214 -4.71 -19.66 -10.33
N LEU B 215 -5.90 -20.14 -9.99
CA LEU B 215 -6.06 -21.51 -9.49
C LEU B 215 -5.65 -22.46 -10.59
N VAL B 216 -4.83 -23.48 -10.26
CA VAL B 216 -4.26 -24.38 -11.27
C VAL B 216 -4.75 -25.81 -11.11
N ASP B 217 -4.65 -26.39 -9.92
CA ASP B 217 -4.93 -27.83 -9.83
C ASP B 217 -5.52 -28.22 -8.48
N SER B 218 -5.82 -29.52 -8.35
CA SER B 218 -6.36 -30.07 -7.12
C SER B 218 -5.98 -31.54 -7.01
N TYR B 219 -6.09 -32.06 -5.78
CA TYR B 219 -5.81 -33.45 -5.46
C TYR B 219 -6.81 -33.88 -4.39
N ARG B 220 -7.44 -35.04 -4.56
CA ARG B 220 -8.48 -35.46 -3.62
C ARG B 220 -7.91 -36.32 -2.49
N SER B 221 -8.59 -36.25 -1.34
CA SER B 221 -8.30 -37.09 -0.18
C SER B 221 -8.15 -38.55 -0.60
N PHE B 222 -7.16 -39.24 -0.01
CA PHE B 222 -6.84 -40.61 -0.38
C PHE B 222 -7.00 -41.64 0.73
N ALA B 223 -7.11 -41.24 2.00
CA ALA B 223 -7.25 -42.18 3.11
C ALA B 223 -8.59 -42.09 3.82
N GLY B 224 -9.46 -41.15 3.42
CA GLY B 224 -10.75 -41.02 4.07
C GLY B 224 -10.71 -40.37 5.43
N ASN B 225 -9.72 -39.52 5.69
CA ASN B 225 -9.53 -38.88 6.98
C ASN B 225 -9.00 -37.47 6.71
N ILE B 226 -8.71 -36.74 7.79
CA ILE B 226 -8.34 -35.34 7.64
C ILE B 226 -7.07 -35.24 6.79
N LEU B 227 -7.18 -34.55 5.67
CA LEU B 227 -6.07 -34.34 4.75
C LEU B 227 -5.29 -33.11 5.20
N ARG B 228 -3.96 -33.22 5.28
CA ARG B 228 -3.13 -32.17 5.87
C ARG B 228 -1.92 -31.90 4.98
N THR B 229 -1.36 -30.68 5.13
CA THR B 229 -0.15 -30.25 4.44
C THR B 229 0.99 -30.05 5.47
N GLN B 230 2.13 -29.53 5.00
CA GLN B 230 3.31 -29.33 5.82
C GLN B 230 3.16 -28.24 6.87
N GLU B 231 2.34 -27.21 6.59
CA GLU B 231 2.27 -26.01 7.42
C GLU B 231 3.61 -25.30 7.42
N SER B 232 4.36 -25.43 6.31
CA SER B 232 5.66 -24.80 6.16
C SER B 232 6.00 -24.73 4.68
N GLU B 233 7.11 -24.09 4.39
CA GLU B 233 7.59 -23.90 3.02
C GLU B 233 7.77 -25.21 2.25
N CYS B 234 7.29 -25.22 1.01
CA CYS B 234 7.49 -26.32 0.06
C CYS B 234 8.80 -26.07 -0.69
N VAL B 235 9.43 -27.13 -1.18
CA VAL B 235 10.77 -27.00 -1.78
C VAL B 235 10.75 -27.08 -3.30
N CYS B 236 11.25 -26.04 -3.96
CA CYS B 236 11.29 -25.95 -5.42
C CYS B 236 12.71 -26.19 -5.92
N LEU B 237 12.84 -27.14 -6.85
CA LEU B 237 14.09 -27.50 -7.51
C LEU B 237 13.95 -27.31 -9.02
N ASN B 238 14.51 -26.22 -9.53
CA ASN B 238 14.49 -25.90 -10.96
C ASN B 238 13.08 -25.90 -11.54
N GLY B 239 12.14 -25.37 -10.77
CA GLY B 239 10.77 -25.24 -11.19
C GLY B 239 9.84 -26.32 -10.68
N SER B 240 10.37 -27.46 -10.21
CA SER B 240 9.52 -28.52 -9.69
C SER B 240 9.43 -28.34 -8.18
N CYS B 241 8.21 -28.12 -7.68
CA CYS B 241 7.98 -27.84 -6.27
C CYS B 241 7.36 -29.05 -5.60
N TYR B 242 8.00 -29.48 -4.52
CA TYR B 242 7.66 -30.68 -3.77
C TYR B 242 6.97 -30.27 -2.47
N VAL B 243 5.69 -30.64 -2.37
CA VAL B 243 4.85 -30.32 -1.21
C VAL B 243 4.35 -31.61 -0.61
N MET B 244 4.43 -31.72 0.72
CA MET B 244 3.95 -32.91 1.43
C MET B 244 2.47 -32.80 1.73
N ILE B 245 1.74 -33.89 1.48
CA ILE B 245 0.36 -34.03 1.91
C ILE B 245 0.27 -35.36 2.64
N THR B 246 -0.62 -35.44 3.62
CA THR B 246 -0.83 -36.68 4.36
C THR B 246 -2.33 -36.81 4.62
N ASP B 247 -2.75 -38.04 4.92
CA ASP B 247 -4.17 -38.28 5.14
C ASP B 247 -4.34 -39.52 6.00
N GLY B 248 -4.95 -39.36 7.16
CA GLY B 248 -5.14 -40.48 8.05
C GLY B 248 -5.53 -40.01 9.44
N TYR B 249 -5.81 -41.00 10.29
CA TYR B 249 -6.18 -40.72 11.67
C TYR B 249 -4.94 -40.32 12.46
N ALA B 250 -5.01 -39.19 13.14
CA ALA B 250 -3.86 -38.65 13.87
C ALA B 250 -3.76 -39.16 15.30
N GLY B 251 -4.67 -40.01 15.76
CA GLY B 251 -4.67 -40.49 17.13
C GLY B 251 -3.95 -41.82 17.25
N GLY B 252 -4.09 -42.42 18.42
CA GLY B 252 -3.40 -43.67 18.69
C GLY B 252 -3.95 -44.78 17.81
N GLY B 253 -3.05 -45.61 17.29
CA GLY B 253 -3.46 -46.71 16.45
C GLY B 253 -3.71 -46.33 15.01
N GLY B 254 -3.57 -45.04 14.67
CA GLY B 254 -3.83 -44.58 13.33
C GLY B 254 -2.66 -44.77 12.40
N VAL B 255 -2.97 -44.68 11.11
CA VAL B 255 -2.00 -44.75 10.03
C VAL B 255 -2.15 -43.49 9.20
N SER B 256 -1.04 -42.81 8.94
CA SER B 256 -1.01 -41.56 8.17
C SER B 256 0.16 -41.61 7.18
N GLN B 257 -0.07 -42.18 6.01
CA GLN B 257 1.00 -42.35 5.04
C GLN B 257 1.03 -41.10 4.16
N ALA B 258 2.19 -40.44 4.13
CA ALA B 258 2.35 -39.21 3.39
C ALA B 258 2.63 -39.49 1.91
N ARG B 259 2.34 -38.48 1.10
CA ARG B 259 2.65 -38.45 -0.31
C ARG B 259 3.23 -37.08 -0.58
N PHE B 260 4.12 -36.98 -1.56
CA PHE B 260 4.68 -35.71 -2.01
C PHE B 260 4.19 -35.38 -3.40
N LEU B 261 3.53 -34.24 -3.54
CA LEU B 261 3.03 -33.81 -4.84
C LEU B 261 4.14 -32.99 -5.47
N VAL B 262 4.40 -33.26 -6.75
CA VAL B 262 5.40 -32.55 -7.52
C VAL B 262 4.62 -31.69 -8.49
N MET B 263 4.78 -30.38 -8.34
CA MET B 263 4.06 -29.36 -9.10
C MET B 263 5.01 -28.61 -10.00
N LYS B 264 4.55 -28.23 -11.19
CA LYS B 264 5.30 -27.33 -12.06
C LYS B 264 4.33 -26.28 -12.56
N GLN B 265 4.58 -25.02 -12.19
CA GLN B 265 3.66 -23.90 -12.46
C GLN B 265 2.28 -24.17 -11.86
N GLY B 266 2.27 -24.82 -10.70
CA GLY B 266 1.04 -25.13 -9.97
C GLY B 266 0.32 -26.36 -10.44
N LYS B 267 0.73 -26.96 -11.55
CA LYS B 267 0.07 -28.14 -12.11
C LYS B 267 0.75 -29.33 -11.46
N ILE B 268 -0.03 -30.29 -10.97
CA ILE B 268 0.57 -31.45 -10.35
C ILE B 268 1.00 -32.37 -11.47
N ILE B 269 2.32 -32.61 -11.56
CA ILE B 269 2.92 -33.38 -12.63
C ILE B 269 3.23 -34.78 -12.12
N ASP B 270 3.49 -34.92 -10.83
CA ASP B 270 3.77 -36.26 -10.32
C ASP B 270 3.41 -36.37 -8.84
N VAL B 271 3.26 -37.61 -8.40
CA VAL B 271 3.01 -37.92 -6.99
C VAL B 271 4.01 -38.99 -6.59
N ILE B 272 4.80 -38.71 -5.56
CA ILE B 272 5.79 -39.63 -5.03
C ILE B 272 5.25 -40.19 -3.72
N ASN B 273 5.02 -41.49 -3.66
CA ASN B 273 4.48 -42.08 -2.45
C ASN B 273 5.67 -42.47 -1.57
N THR B 274 5.41 -42.64 -0.28
CA THR B 274 6.47 -42.98 0.65
C THR B 274 6.68 -44.49 0.79
N SER B 275 7.86 -44.83 1.29
CA SER B 275 8.26 -46.19 1.59
C SER B 275 9.10 -46.13 2.87
N GLY B 276 9.53 -47.29 3.35
CA GLY B 276 10.23 -47.30 4.62
C GLY B 276 9.18 -47.23 5.71
N ARG B 277 9.43 -46.49 6.79
CA ARG B 277 8.44 -46.44 7.87
C ARG B 277 7.37 -45.41 7.48
N SER B 278 6.56 -45.81 6.51
CA SER B 278 5.55 -44.96 5.91
C SER B 278 4.33 -44.80 6.80
N LYS B 279 4.21 -45.66 7.83
CA LYS B 279 3.05 -45.75 8.70
C LYS B 279 2.51 -44.42 9.21
N PHE B 280 3.36 -43.49 9.63
CA PHE B 280 2.82 -42.22 10.15
C PHE B 280 3.81 -41.08 9.90
N THR B 281 3.50 -40.24 8.92
CA THR B 281 4.31 -39.09 8.54
C THR B 281 3.38 -37.87 8.54
N GLU B 282 3.74 -36.82 9.29
CA GLU B 282 2.90 -35.65 9.39
C GLU B 282 3.73 -34.39 9.62
N GLU B 283 3.20 -33.25 9.14
CA GLU B 283 3.78 -31.91 9.36
C GLU B 283 5.28 -31.85 9.07
N CYS B 284 5.65 -32.27 7.87
CA CYS B 284 7.05 -32.35 7.50
C CYS B 284 7.62 -30.97 7.23
N THR B 285 8.80 -30.71 7.80
CA THR B 285 9.56 -29.50 7.53
C THR B 285 10.68 -29.93 6.60
N CYS B 286 10.69 -29.39 5.39
CA CYS B 286 11.58 -29.86 4.34
C CYS B 286 12.58 -28.78 3.93
N ALA B 287 13.75 -29.25 3.53
CA ALA B 287 14.80 -28.39 3.00
C ALA B 287 15.54 -29.20 1.95
N ALA B 288 16.08 -28.50 0.97
CA ALA B 288 16.89 -29.17 -0.04
C ALA B 288 18.22 -29.61 0.56
N THR B 289 18.70 -30.76 0.10
CA THR B 289 20.02 -31.27 0.46
C THR B 289 20.96 -31.22 -0.72
N GLY B 290 20.55 -30.54 -1.79
CA GLY B 290 21.31 -30.34 -3.00
C GLY B 290 20.41 -30.54 -4.20
N ASN B 291 20.96 -30.32 -5.40
CA ASN B 291 20.16 -30.52 -6.59
C ASN B 291 19.77 -31.97 -6.69
N THR B 292 18.53 -32.23 -7.05
CA THR B 292 17.93 -33.54 -7.22
C THR B 292 17.58 -34.21 -5.88
N THR B 293 17.82 -33.61 -4.71
CA THR B 293 17.48 -34.30 -3.46
C THR B 293 16.89 -33.35 -2.43
N ILE B 294 15.87 -33.84 -1.72
CA ILE B 294 15.17 -33.09 -0.67
C ILE B 294 15.10 -33.96 0.57
N MET B 295 15.31 -33.38 1.75
CA MET B 295 15.16 -34.15 2.98
C MET B 295 14.23 -33.39 3.92
N CYS B 296 13.37 -34.14 4.61
CA CYS B 296 12.37 -33.60 5.53
C CYS B 296 12.47 -34.27 6.90
N ALA B 297 12.18 -33.50 7.95
CA ALA B 297 12.01 -34.02 9.31
C ALA B 297 10.56 -33.83 9.72
N CYS B 298 9.86 -34.93 10.00
CA CYS B 298 8.43 -34.92 10.18
C CYS B 298 8.02 -35.21 11.63
N ARG B 299 6.73 -35.09 11.89
CA ARG B 299 6.13 -35.40 13.18
C ARG B 299 5.52 -36.81 13.16
N ASP B 300 5.53 -37.47 14.33
CA ASP B 300 4.82 -38.72 14.56
C ASP B 300 4.00 -38.53 15.84
N ASN B 301 2.68 -38.43 15.70
CA ASN B 301 1.78 -38.07 16.79
C ASN B 301 1.10 -39.30 17.45
N ALA B 302 1.59 -40.51 17.20
CA ALA B 302 0.88 -41.68 17.71
C ALA B 302 1.76 -42.77 18.34
N TYR B 303 2.95 -43.01 17.82
CA TYR B 303 3.74 -44.17 18.25
C TYR B 303 5.04 -43.83 18.96
N THR B 304 5.75 -42.80 18.52
CA THR B 304 7.07 -42.48 19.06
C THR B 304 7.20 -40.98 19.30
N ASP B 305 8.39 -40.59 19.75
CA ASP B 305 8.78 -39.21 19.99
C ASP B 305 10.06 -38.86 19.23
N ARG B 306 10.52 -39.74 18.34
CA ARG B 306 11.61 -39.51 17.43
C ARG B 306 11.01 -39.07 16.12
N ARG B 307 11.59 -38.06 15.50
CA ARG B 307 10.95 -37.59 14.27
C ARG B 307 11.26 -38.52 13.08
N PRO B 308 10.26 -38.79 12.22
CA PRO B 308 10.57 -39.41 10.94
C PRO B 308 11.37 -38.48 10.04
N ILE B 309 12.31 -39.06 9.32
CA ILE B 309 13.10 -38.36 8.32
C ILE B 309 12.74 -38.97 6.98
N VAL B 310 12.43 -38.11 6.02
CA VAL B 310 12.03 -38.51 4.67
C VAL B 310 13.11 -38.06 3.71
N ALA B 311 13.72 -39.02 3.01
CA ALA B 311 14.76 -38.75 2.01
C ALA B 311 14.10 -38.89 0.64
N ILE B 312 14.00 -37.78 -0.09
CA ILE B 312 13.31 -37.73 -1.37
C ILE B 312 14.35 -37.63 -2.47
N ASP B 313 14.40 -38.66 -3.32
CA ASP B 313 15.26 -38.73 -4.48
C ASP B 313 14.38 -38.41 -5.67
N THR B 314 14.60 -37.24 -6.28
CA THR B 314 13.69 -36.73 -7.31
C THR B 314 13.95 -37.34 -8.68
N ILE B 315 15.04 -38.09 -8.86
CA ILE B 315 15.29 -38.79 -10.11
C ILE B 315 14.77 -40.20 -10.01
N ALA B 316 15.02 -40.83 -8.86
CA ALA B 316 14.50 -42.15 -8.60
C ALA B 316 13.00 -42.05 -8.31
N LYS B 317 12.54 -40.85 -7.91
CA LYS B 317 11.15 -40.58 -7.59
C LYS B 317 10.69 -41.45 -6.42
N THR B 318 11.50 -41.46 -5.36
CA THR B 318 11.18 -42.23 -4.16
C THR B 318 11.39 -41.40 -2.91
N ALA B 319 10.51 -41.60 -1.93
CA ALA B 319 10.62 -40.97 -0.62
C ALA B 319 10.76 -42.06 0.43
N ASN B 320 11.96 -42.19 0.99
CA ASN B 320 12.29 -43.23 1.96
C ASN B 320 12.14 -42.64 3.36
N VAL B 321 11.26 -43.22 4.15
CA VAL B 321 10.94 -42.69 5.48
C VAL B 321 11.51 -43.63 6.53
N GLY B 322 12.10 -43.04 7.58
CA GLY B 322 12.55 -43.84 8.71
C GLY B 322 12.72 -42.94 9.91
N LEU B 323 12.85 -43.53 11.08
CA LEU B 323 12.95 -42.71 12.28
C LEU B 323 14.40 -42.35 12.54
N MET B 324 14.60 -41.17 13.14
CA MET B 324 15.95 -40.79 13.51
C MET B 324 16.51 -41.81 14.48
N CYS B 325 17.70 -42.31 14.19
CA CYS B 325 18.29 -43.33 15.04
C CYS B 325 19.10 -42.67 16.17
N SER B 326 19.19 -41.33 16.18
CA SER B 326 19.95 -40.61 17.19
C SER B 326 19.32 -40.74 18.58
N PRO B 327 20.14 -40.85 19.64
CA PRO B 327 19.57 -40.80 21.01
C PRO B 327 18.84 -39.51 21.35
N THR B 328 19.08 -38.40 20.65
CA THR B 328 18.42 -37.15 21.00
C THR B 328 17.03 -37.14 20.35
N ARG B 329 16.00 -37.04 21.19
CA ARG B 329 14.62 -37.08 20.73
C ARG B 329 14.17 -35.65 20.51
N MET B 330 13.60 -35.38 19.33
CA MET B 330 13.23 -34.03 18.93
C MET B 330 11.75 -33.67 19.08
N ASP B 331 10.87 -34.59 19.45
CA ASP B 331 9.46 -34.24 19.53
C ASP B 331 9.06 -33.80 20.94
N THR B 332 7.78 -33.42 21.09
CA THR B 332 7.20 -33.01 22.37
C THR B 332 5.77 -33.56 22.50
N PRO B 333 5.44 -34.43 23.48
CA PRO B 333 6.24 -34.92 24.61
C PRO B 333 7.34 -35.88 24.17
N ARG B 334 8.37 -36.04 24.99
CA ARG B 334 9.44 -36.99 24.69
C ARG B 334 9.98 -37.57 25.98
N SER B 335 10.52 -38.78 25.87
CA SER B 335 11.19 -39.45 26.97
C SER B 335 12.61 -38.91 27.08
N ALA B 336 13.29 -39.26 28.17
CA ALA B 336 14.67 -38.83 28.33
C ALA B 336 15.51 -39.42 27.22
N ASP B 337 16.49 -38.64 26.75
CA ASP B 337 17.36 -39.08 25.67
C ASP B 337 18.03 -40.41 25.99
N SER B 338 17.97 -41.32 25.02
CA SER B 338 18.52 -42.66 25.13
C SER B 338 18.57 -43.23 23.73
N ALA B 339 19.46 -44.18 23.51
CA ALA B 339 19.48 -44.82 22.20
C ALA B 339 18.29 -45.78 22.07
N PRO B 340 17.68 -45.89 20.89
CA PRO B 340 16.67 -46.94 20.66
C PRO B 340 17.32 -48.32 20.57
N SER B 341 16.52 -49.34 20.89
CA SER B 341 17.05 -50.71 20.79
C SER B 341 17.27 -51.07 19.33
N SER B 342 16.49 -50.47 18.44
CA SER B 342 16.63 -50.64 17.01
C SER B 342 16.04 -49.34 16.45
N CYS B 343 16.63 -48.91 15.36
CA CYS B 343 16.34 -47.59 14.80
C CYS B 343 14.85 -47.30 14.51
N ASN B 344 14.10 -48.27 13.97
CA ASN B 344 12.70 -48.04 13.61
C ASN B 344 11.68 -48.71 14.54
N VAL B 345 12.07 -49.02 15.76
CA VAL B 345 11.16 -49.57 16.76
C VAL B 345 10.48 -48.40 17.47
N ASP B 346 9.18 -48.53 17.66
CA ASP B 346 8.41 -47.46 18.28
C ASP B 346 8.70 -47.48 19.77
N ASP B 347 9.37 -46.42 20.25
CA ASP B 347 9.79 -46.30 21.64
C ASP B 347 9.71 -44.83 22.02
N GLY B 348 8.89 -44.54 23.01
CA GLY B 348 8.65 -43.16 23.39
C GLY B 348 7.58 -43.07 24.46
N THR B 349 6.98 -41.89 24.56
CA THR B 349 5.98 -41.60 25.56
C THR B 349 4.55 -41.83 25.07
N GLY B 350 4.38 -42.30 23.85
CA GLY B 350 3.07 -42.49 23.26
C GLY B 350 2.77 -41.38 22.27
N GLY B 351 1.48 -41.18 22.03
CA GLY B 351 1.09 -40.28 20.96
C GLY B 351 1.24 -38.84 21.39
N GLY B 352 0.93 -37.95 20.45
CA GLY B 352 1.14 -36.53 20.62
C GLY B 352 2.43 -36.10 19.97
N GLY B 353 2.53 -34.81 19.69
CA GLY B 353 3.74 -34.30 19.07
C GLY B 353 3.56 -32.86 18.67
N VAL B 354 4.67 -32.28 18.23
CA VAL B 354 4.71 -30.90 17.77
C VAL B 354 5.52 -30.83 16.49
N LYS B 355 5.12 -29.93 15.60
CA LYS B 355 5.93 -29.68 14.41
C LYS B 355 7.26 -29.10 14.88
N GLY B 356 8.36 -29.56 14.29
CA GLY B 356 9.68 -29.08 14.64
C GLY B 356 10.43 -28.48 13.47
N GLY B 357 11.53 -27.83 13.81
CA GLY B 357 12.37 -27.21 12.81
C GLY B 357 13.36 -28.20 12.23
N PHE B 358 13.85 -27.86 11.04
CA PHE B 358 14.85 -28.69 10.37
C PHE B 358 15.55 -27.81 9.35
N ALA B 359 16.87 -27.68 9.49
CA ALA B 359 17.63 -26.84 8.60
C ALA B 359 18.82 -27.62 8.08
N VAL B 360 19.21 -27.32 6.84
CA VAL B 360 20.35 -27.93 6.19
C VAL B 360 21.32 -26.85 5.78
N VAL B 361 22.56 -26.98 6.20
CA VAL B 361 23.64 -26.07 5.81
C VAL B 361 24.44 -26.84 4.77
N ARG B 362 24.26 -26.46 3.51
CA ARG B 362 24.87 -27.16 2.39
C ARG B 362 26.27 -26.61 2.18
N ARG B 363 27.26 -27.49 2.17
CA ARG B 363 28.65 -27.10 2.00
C ARG B 363 29.30 -28.01 0.97
N PRO B 364 30.35 -27.55 0.28
CA PRO B 364 31.04 -28.41 -0.70
C PRO B 364 31.56 -29.73 -0.14
N ASN B 365 31.78 -29.84 1.17
CA ASN B 365 32.32 -31.06 1.77
C ASN B 365 31.27 -31.87 2.53
N GLY B 366 29.98 -31.62 2.29
CA GLY B 366 28.92 -32.35 2.95
C GLY B 366 27.95 -31.43 3.65
N ASN B 367 26.74 -31.92 3.93
CA ASN B 367 25.71 -31.12 4.55
C ASN B 367 25.76 -31.28 6.06
N GLN B 368 25.36 -30.22 6.78
CA GLN B 368 25.18 -30.25 8.21
C GLN B 368 23.71 -30.04 8.51
N PHE B 369 23.17 -30.76 9.49
CA PHE B 369 21.77 -30.65 9.84
C PHE B 369 21.60 -30.03 11.22
N TYR B 370 20.61 -29.16 11.35
CA TYR B 370 20.27 -28.49 12.60
C TYR B 370 18.81 -28.76 12.90
N TYR B 371 18.49 -28.86 14.19
CA TYR B 371 17.13 -29.19 14.61
C TYR B 371 16.69 -28.22 15.69
N THR B 372 15.38 -28.01 15.81
CA THR B 372 14.85 -27.28 16.95
C THR B 372 14.12 -28.28 17.83
N ARG B 373 14.10 -27.98 19.12
CA ARG B 373 13.48 -28.84 20.12
C ARG B 373 12.86 -27.96 21.19
N THR B 374 11.79 -28.42 21.82
CA THR B 374 11.28 -27.58 22.90
C THR B 374 12.24 -27.67 24.08
N GLY B 375 12.17 -26.71 24.98
CA GLY B 375 13.08 -26.73 26.10
C GLY B 375 12.76 -27.81 27.11
N SER B 376 11.54 -27.76 27.64
CA SER B 376 11.09 -28.69 28.66
C SER B 376 10.50 -29.93 28.00
N ALA B 377 11.06 -31.09 28.31
CA ALA B 377 10.47 -32.32 27.78
C ALA B 377 9.09 -32.49 28.40
N SER B 378 8.13 -32.94 27.60
CA SER B 378 6.74 -33.23 27.95
C SER B 378 5.83 -32.01 27.81
N SER B 379 6.36 -30.82 27.54
CA SER B 379 5.55 -29.63 27.39
C SER B 379 6.19 -28.70 26.37
N ARG B 380 5.34 -27.95 25.65
CA ARG B 380 5.80 -27.04 24.61
C ARG B 380 6.28 -25.74 25.27
N VAL B 381 7.41 -25.83 25.97
CA VAL B 381 7.98 -24.73 26.74
C VAL B 381 9.43 -24.57 26.32
N GLY B 382 9.80 -23.34 25.96
CA GLY B 382 11.17 -23.04 25.59
C GLY B 382 11.49 -23.54 24.20
N MET B 383 12.73 -23.28 23.78
CA MET B 383 13.16 -23.76 22.48
C MET B 383 14.68 -23.75 22.41
N GLU B 384 15.22 -24.88 21.98
CA GLU B 384 16.65 -25.13 21.81
C GLU B 384 16.92 -25.36 20.34
N VAL B 385 18.16 -25.08 19.93
CA VAL B 385 18.66 -25.46 18.61
C VAL B 385 19.73 -26.51 18.85
N ARG B 386 19.54 -27.68 18.24
CA ARG B 386 20.49 -28.78 18.34
C ARG B 386 21.45 -28.63 17.18
N GLY B 387 22.74 -28.69 17.52
CA GLY B 387 23.84 -28.36 16.67
C GLY B 387 24.05 -29.29 15.49
N PRO B 388 25.10 -29.00 14.73
CA PRO B 388 25.27 -29.66 13.43
C PRO B 388 25.45 -31.17 13.57
N GLN B 389 24.66 -31.89 12.79
CA GLN B 389 24.77 -33.34 12.67
C GLN B 389 25.41 -33.61 11.31
N THR B 390 26.55 -34.29 11.31
CA THR B 390 27.27 -34.56 10.07
C THR B 390 27.03 -35.98 9.59
N GLU B 391 26.25 -36.74 10.33
CA GLU B 391 25.86 -38.11 10.04
C GLU B 391 24.50 -38.04 9.37
N ASP B 392 24.16 -39.05 8.59
CA ASP B 392 22.85 -39.08 7.97
C ASP B 392 21.77 -38.95 9.05
N PRO B 393 20.81 -37.99 8.94
CA PRO B 393 19.75 -37.87 9.96
C PRO B 393 18.98 -39.13 10.26
N MET B 394 18.96 -40.07 9.33
CA MET B 394 18.23 -41.30 9.57
C MET B 394 19.09 -42.29 10.35
N THR B 395 20.27 -42.64 9.81
CA THR B 395 21.09 -43.72 10.35
C THR B 395 22.32 -43.30 11.13
N GLY B 396 22.50 -42.01 11.43
CA GLY B 396 23.69 -41.58 12.15
C GLY B 396 23.94 -42.34 13.45
N THR B 397 22.98 -42.34 14.35
CA THR B 397 22.97 -42.95 15.68
C THR B 397 23.76 -42.15 16.72
N SER B 398 24.49 -41.11 16.35
CA SER B 398 25.18 -40.28 17.35
C SER B 398 24.22 -39.27 17.97
N ALA B 399 24.61 -38.79 19.15
CA ALA B 399 23.84 -37.73 19.79
C ALA B 399 24.08 -36.42 19.04
N ILE B 400 23.11 -35.52 19.11
CA ILE B 400 23.18 -34.23 18.43
C ILE B 400 23.46 -33.17 19.49
N PRO B 401 24.61 -32.48 19.46
CA PRO B 401 24.96 -31.60 20.57
C PRO B 401 24.06 -30.37 20.63
N LEU B 402 23.94 -29.80 21.82
CA LEU B 402 23.19 -28.57 21.97
C LEU B 402 24.04 -27.44 21.42
N LEU B 403 23.43 -26.58 20.59
CA LEU B 403 24.14 -25.43 20.06
C LEU B 403 23.87 -24.18 20.88
N ASP B 404 22.58 -23.85 21.06
CA ASP B 404 22.11 -22.66 21.75
C ASP B 404 20.74 -22.98 22.32
N ILE B 405 20.37 -22.22 23.35
CA ILE B 405 18.98 -22.19 23.83
C ILE B 405 18.45 -20.85 23.35
N ILE B 406 17.48 -20.91 22.44
CA ILE B 406 17.03 -19.69 21.77
C ILE B 406 15.81 -19.07 22.45
N VAL B 407 14.99 -19.89 23.09
CA VAL B 407 13.85 -19.42 23.88
C VAL B 407 13.96 -20.07 25.25
N SER B 408 13.84 -19.27 26.30
CA SER B 408 13.93 -19.77 27.66
C SER B 408 12.67 -20.54 28.02
N THR B 409 12.74 -21.30 29.12
CA THR B 409 11.60 -22.12 29.52
C THR B 409 10.53 -21.33 30.26
N SER B 410 10.71 -20.02 30.41
CA SER B 410 9.67 -19.19 30.98
C SER B 410 8.67 -18.74 29.92
N VAL B 411 8.97 -18.99 28.65
CA VAL B 411 8.17 -18.55 27.51
C VAL B 411 7.61 -19.77 26.80
N ASN B 412 6.29 -19.80 26.61
CA ASN B 412 5.66 -20.90 25.92
C ASN B 412 5.94 -20.80 24.42
N THR B 413 6.08 -21.96 23.78
CA THR B 413 6.33 -22.04 22.35
C THR B 413 5.33 -22.99 21.71
N GLY B 414 5.29 -22.95 20.38
CA GLY B 414 4.43 -23.80 19.59
C GLY B 414 5.18 -24.57 18.52
N TYR B 415 4.67 -24.49 17.28
CA TYR B 415 5.27 -25.19 16.16
C TYR B 415 6.56 -24.50 15.76
N SER B 416 7.50 -25.29 15.26
CA SER B 416 8.75 -24.77 14.70
C SER B 416 8.86 -25.21 13.25
N SER B 417 9.42 -24.33 12.43
CA SER B 417 9.60 -24.62 11.02
C SER B 417 10.92 -23.98 10.59
N SER B 418 11.18 -24.02 9.29
CA SER B 418 12.41 -23.46 8.75
C SER B 418 12.16 -22.95 7.34
N PHE B 419 13.05 -22.09 6.91
CA PHE B 419 13.00 -21.54 5.56
C PHE B 419 14.42 -21.15 5.21
N GLU B 420 14.64 -20.80 3.95
CA GLU B 420 15.94 -20.31 3.53
C GLU B 420 15.78 -18.98 2.80
N MET B 421 16.65 -18.03 3.14
CA MET B 421 16.67 -16.78 2.39
C MET B 421 17.49 -17.08 1.16
N LYS B 422 17.15 -16.43 0.05
CA LYS B 422 17.86 -16.69 -1.20
C LYS B 422 18.52 -15.38 -1.61
N GLY B 423 19.83 -15.29 -1.35
CA GLY B 423 20.56 -14.07 -1.58
C GLY B 423 21.16 -14.05 -2.97
N ILE B 424 22.20 -13.22 -3.12
CA ILE B 424 22.73 -12.90 -4.43
C ILE B 424 23.68 -14.06 -4.69
N GLU B 425 24.50 -14.40 -3.67
CA GLU B 425 25.51 -15.46 -3.81
C GLU B 425 25.16 -16.78 -3.14
N CYS B 426 24.32 -16.80 -2.10
CA CYS B 426 24.16 -18.00 -1.31
C CYS B 426 22.77 -18.05 -0.68
N ASP B 427 22.47 -19.17 -0.05
CA ASP B 427 21.25 -19.36 0.70
C ASP B 427 21.58 -19.18 2.17
N THR B 428 20.59 -18.78 2.97
CA THR B 428 20.74 -18.61 4.42
C THR B 428 19.68 -19.35 5.22
N PRO B 429 19.98 -20.52 5.77
CA PRO B 429 18.98 -21.24 6.59
C PRO B 429 18.52 -20.42 7.79
N CYS B 430 17.21 -20.44 8.03
CA CYS B 430 16.58 -19.75 9.14
C CYS B 430 15.53 -20.65 9.76
N PHE B 431 15.38 -20.57 11.09
CA PHE B 431 14.34 -21.24 11.84
C PHE B 431 13.28 -20.24 12.27
N VAL B 432 12.04 -20.73 12.32
CA VAL B 432 10.89 -19.94 12.76
C VAL B 432 10.30 -20.65 13.98
N VAL B 433 10.17 -19.93 15.09
CA VAL B 433 9.64 -20.44 16.35
C VAL B 433 8.30 -19.80 16.64
N GLU B 434 7.26 -20.62 16.76
CA GLU B 434 5.92 -20.14 17.07
C GLU B 434 5.75 -19.90 18.57
N HIS B 435 5.04 -18.82 18.90
CA HIS B 435 4.64 -18.50 20.27
C HIS B 435 3.12 -18.41 20.27
N ILE B 436 2.49 -19.11 21.21
CA ILE B 436 1.03 -19.20 21.29
C ILE B 436 0.54 -18.32 22.42
N ARG B 437 -0.46 -17.47 22.15
CA ARG B 437 -1.04 -16.63 23.18
C ARG B 437 -2.55 -16.65 23.08
N SER B 438 -3.22 -16.79 24.22
CA SER B 438 -4.67 -16.80 24.21
C SER B 438 -5.26 -16.22 25.49
N ASN B 439 -6.50 -15.74 25.35
CA ASN B 439 -7.32 -15.22 26.43
C ASN B 439 -8.73 -15.76 26.16
N THR B 440 -9.47 -15.06 25.31
CA THR B 440 -10.78 -15.46 24.79
C THR B 440 -10.69 -15.73 23.29
N TRP B 441 -9.46 -15.73 22.75
CA TRP B 441 -9.10 -15.89 21.36
C TRP B 441 -7.74 -16.54 21.37
N THR B 442 -7.28 -17.04 20.22
CA THR B 442 -5.93 -17.58 20.14
C THR B 442 -5.22 -16.92 18.98
N THR B 443 -3.98 -16.50 19.23
CA THR B 443 -3.10 -15.92 18.24
C THR B 443 -1.74 -16.62 18.26
N ALA B 444 -1.02 -16.44 17.16
CA ALA B 444 0.36 -16.89 17.03
C ALA B 444 1.28 -15.72 16.69
N SER B 445 2.48 -15.79 17.24
CA SER B 445 3.60 -14.88 17.04
C SER B 445 4.78 -15.72 16.56
N SER B 446 5.70 -15.13 15.79
CA SER B 446 6.84 -15.94 15.34
C SER B 446 8.16 -15.21 15.53
N SER B 447 9.19 -15.97 15.89
CA SER B 447 10.55 -15.50 16.09
C SER B 447 11.43 -16.16 15.04
N ILE B 448 12.16 -15.36 14.27
CA ILE B 448 13.02 -15.89 13.20
C ILE B 448 14.47 -15.74 13.62
N TYR B 449 15.17 -16.87 13.60
CA TYR B 449 16.59 -16.98 13.92
C TYR B 449 17.30 -17.46 12.67
N CYS B 450 18.27 -16.71 12.19
CA CYS B 450 18.96 -17.01 10.94
C CYS B 450 20.43 -17.31 11.19
N LEU B 451 20.98 -18.20 10.35
CA LEU B 451 22.38 -18.57 10.49
C LEU B 451 23.24 -17.33 10.35
N SER B 452 24.12 -17.11 11.33
CA SER B 452 24.98 -15.95 11.35
C SER B 452 26.23 -16.29 12.16
N GLY B 453 26.95 -15.27 12.59
CA GLY B 453 28.20 -15.47 13.29
C GLY B 453 28.03 -15.83 14.75
N ASP B 454 29.17 -16.12 15.36
CA ASP B 454 29.24 -16.56 16.75
C ASP B 454 29.15 -15.37 17.69
N ALA B 455 28.16 -15.41 18.58
CA ALA B 455 27.94 -14.37 19.57
C ALA B 455 27.06 -14.99 20.65
N SER B 456 27.15 -14.45 21.86
CA SER B 456 26.29 -14.93 22.94
C SER B 456 24.83 -14.78 22.58
N MET B 457 24.03 -15.79 22.95
CA MET B 457 22.62 -15.79 22.64
C MET B 457 21.85 -14.80 23.49
N PHE B 458 20.93 -14.11 22.85
CA PHE B 458 20.02 -13.15 23.47
C PHE B 458 18.64 -13.76 23.31
N GLN B 459 18.13 -14.38 24.38
CA GLN B 459 16.91 -15.16 24.31
C GLN B 459 15.71 -14.23 24.26
N PHE B 460 14.68 -14.64 23.52
CA PHE B 460 13.52 -13.80 23.28
C PHE B 460 12.23 -14.24 23.96
N ASP B 461 11.59 -13.25 24.60
CA ASP B 461 10.29 -13.33 25.24
C ASP B 461 9.31 -12.61 24.31
N ASP B 462 8.29 -13.34 23.84
CA ASP B 462 7.32 -12.83 22.87
C ASP B 462 6.84 -11.41 23.16
N GLY B 463 6.59 -11.08 24.42
CA GLY B 463 6.15 -9.74 24.75
C GLY B 463 4.71 -9.47 24.43
N VAL B 464 3.89 -10.52 24.39
CA VAL B 464 2.46 -10.42 24.09
C VAL B 464 1.70 -10.79 25.34
N ASN B 465 0.85 -9.89 25.80
CA ASN B 465 0.05 -10.06 27.01
C ASN B 465 -1.38 -10.32 26.56
N PRO B 466 -1.91 -11.55 26.69
CA PRO B 466 -3.27 -11.83 26.20
C PRO B 466 -4.34 -10.91 26.78
N THR B 467 -4.10 -10.30 27.94
CA THR B 467 -5.04 -9.39 28.60
C THR B 467 -4.54 -7.95 28.60
N ALA B 468 -3.55 -7.65 27.75
CA ALA B 468 -2.90 -6.33 27.59
C ALA B 468 -3.77 -5.11 27.90
N PRO C 83 -2.31 -4.93 -28.76
CA PRO C 83 -1.03 -5.60 -28.95
C PRO C 83 -0.97 -6.98 -28.28
N THR C 84 -1.36 -7.01 -27.01
CA THR C 84 -1.36 -8.20 -26.18
C THR C 84 -2.75 -8.51 -25.67
N TYR C 85 -3.78 -8.15 -26.44
CA TYR C 85 -5.16 -8.34 -26.03
C TYR C 85 -5.50 -9.80 -25.78
N PHE C 86 -6.26 -10.01 -24.71
CA PHE C 86 -6.69 -11.35 -24.29
C PHE C 86 -7.74 -11.92 -25.23
N GLN C 87 -7.60 -13.22 -25.52
CA GLN C 87 -8.58 -13.99 -26.25
C GLN C 87 -8.96 -15.18 -25.39
N PRO C 88 -10.22 -15.65 -25.44
CA PRO C 88 -10.60 -16.83 -24.65
C PRO C 88 -9.78 -18.08 -24.97
N ARG C 89 -9.61 -18.91 -23.95
CA ARG C 89 -8.90 -20.19 -24.05
C ARG C 89 -9.85 -21.28 -23.58
N MET C 90 -9.47 -22.52 -23.86
CA MET C 90 -10.22 -23.66 -23.37
C MET C 90 -10.10 -23.72 -21.86
N SER C 91 -11.14 -24.23 -21.19
CA SER C 91 -11.11 -24.34 -19.75
C SER C 91 -10.30 -25.56 -19.32
N CYS C 92 -9.77 -25.50 -18.09
CA CYS C 92 -9.07 -26.64 -17.52
C CYS C 92 -10.03 -27.70 -16.97
N THR C 93 -9.42 -28.86 -16.72
CA THR C 93 -10.09 -30.04 -16.19
C THR C 93 -10.72 -29.80 -14.83
N GLY C 94 -11.95 -30.27 -14.69
CA GLY C 94 -12.70 -30.20 -13.44
C GLY C 94 -14.15 -30.54 -13.67
N THR C 95 -14.84 -30.98 -12.61
CA THR C 95 -16.24 -31.38 -12.68
C THR C 95 -17.12 -30.72 -11.64
N ARG C 96 -16.56 -30.01 -10.68
CA ARG C 96 -17.32 -29.38 -9.61
C ARG C 96 -16.79 -27.99 -9.38
N PHE C 97 -17.66 -27.12 -8.89
CA PHE C 97 -17.29 -25.78 -8.47
C PHE C 97 -17.11 -25.83 -6.97
N GLN C 98 -15.87 -25.81 -6.53
CA GLN C 98 -15.51 -26.02 -5.14
C GLN C 98 -15.23 -24.69 -4.47
N PRO C 99 -15.47 -24.55 -3.17
CA PRO C 99 -15.21 -23.26 -2.50
C PRO C 99 -13.77 -22.84 -2.72
N PHE C 100 -13.58 -21.59 -3.13
CA PHE C 100 -12.25 -21.04 -3.39
C PHE C 100 -11.87 -19.92 -2.43
N MET C 101 -12.68 -18.87 -2.35
CA MET C 101 -12.31 -17.74 -1.51
C MET C 101 -13.59 -17.06 -1.06
N MET C 102 -13.61 -16.54 0.16
CA MET C 102 -14.76 -15.79 0.63
C MET C 102 -14.37 -14.37 1.02
N MET C 103 -14.86 -13.42 0.22
CA MET C 103 -14.62 -12.00 0.39
C MET C 103 -15.72 -11.46 1.30
N ASN C 104 -15.68 -11.98 2.53
CA ASN C 104 -16.68 -11.61 3.53
C ASN C 104 -16.13 -10.41 4.28
N SER C 105 -16.10 -9.31 3.53
CA SER C 105 -15.58 -8.03 4.02
C SER C 105 -16.20 -7.60 5.33
N PRO C 106 -17.56 -7.56 5.50
CA PRO C 106 -18.14 -7.09 6.76
C PRO C 106 -18.10 -8.11 7.91
N ARG C 107 -16.90 -8.60 8.19
CA ARG C 107 -16.63 -9.54 9.27
C ARG C 107 -15.47 -9.00 10.10
N TYR C 108 -14.79 -7.96 9.63
CA TYR C 108 -13.70 -7.30 10.32
C TYR C 108 -14.18 -5.94 10.82
N GLY C 109 -15.50 -5.71 10.77
CA GLY C 109 -16.16 -4.49 11.21
C GLY C 109 -17.13 -4.84 12.31
N GLY C 110 -18.11 -3.99 12.55
CA GLY C 110 -19.06 -4.18 13.63
C GLY C 110 -18.82 -3.17 14.74
N THR C 111 -19.85 -3.00 15.58
CA THR C 111 -19.73 -1.96 16.59
C THR C 111 -18.72 -2.31 17.66
N GLY C 112 -18.35 -3.59 17.79
CA GLY C 112 -17.37 -4.03 18.76
C GLY C 112 -15.97 -4.17 18.20
N ASP C 113 -15.75 -3.85 16.93
CA ASP C 113 -14.47 -4.02 16.26
C ASP C 113 -13.83 -2.66 15.96
N ARG C 114 -12.64 -2.71 15.33
CA ARG C 114 -11.86 -1.54 14.96
C ARG C 114 -11.79 -1.29 13.46
N GLY C 115 -12.49 -2.07 12.63
CA GLY C 115 -12.37 -1.90 11.19
C GLY C 115 -13.28 -0.82 10.61
N SER C 116 -12.86 -0.31 9.45
CA SER C 116 -13.62 0.68 8.68
C SER C 116 -13.82 0.09 7.29
N ILE C 117 -15.04 -0.38 7.04
CA ILE C 117 -15.40 -1.18 5.87
C ILE C 117 -16.48 -0.46 5.07
N HIS C 118 -16.38 -0.51 3.74
CA HIS C 118 -17.37 0.16 2.90
C HIS C 118 -18.72 -0.53 2.96
N LEU C 119 -19.78 0.28 2.89
CA LEU C 119 -21.14 -0.18 2.69
C LEU C 119 -21.37 -0.25 1.19
N ASN C 120 -21.81 -1.41 0.70
CA ASN C 120 -21.91 -1.60 -0.74
C ASN C 120 -22.97 -2.64 -1.08
N ARG C 121 -23.21 -2.80 -2.38
CA ARG C 121 -24.12 -3.80 -2.92
C ARG C 121 -23.59 -4.31 -4.26
N GLU C 122 -24.13 -5.46 -4.65
CA GLU C 122 -23.86 -6.07 -5.96
C GLU C 122 -22.37 -6.27 -6.24
N PRO C 123 -21.68 -7.03 -5.39
CA PRO C 123 -20.26 -7.28 -5.65
C PRO C 123 -20.07 -8.21 -6.83
N PHE C 124 -18.94 -8.06 -7.52
CA PHE C 124 -18.59 -8.96 -8.60
C PHE C 124 -17.08 -8.99 -8.70
N VAL C 125 -16.55 -10.00 -9.37
CA VAL C 125 -15.11 -10.17 -9.55
C VAL C 125 -14.78 -10.21 -11.03
N SER C 126 -13.70 -9.53 -11.40
CA SER C 126 -13.18 -9.56 -12.76
C SER C 126 -11.69 -9.81 -12.64
N CYS C 127 -11.14 -10.56 -13.61
CA CYS C 127 -9.72 -10.91 -13.56
C CYS C 127 -8.96 -10.54 -14.82
N SER C 128 -7.70 -10.20 -14.58
CA SER C 128 -6.65 -10.04 -15.58
C SER C 128 -5.84 -11.31 -15.52
N MET C 129 -4.79 -11.42 -16.32
CA MET C 129 -4.01 -12.65 -16.24
C MET C 129 -3.05 -12.64 -15.05
N ASN C 130 -2.82 -11.47 -14.43
CA ASN C 130 -1.89 -11.33 -13.33
C ASN C 130 -2.58 -11.08 -11.99
N GLU C 131 -3.80 -10.55 -12.00
CA GLU C 131 -4.53 -10.26 -10.78
C GLU C 131 -6.03 -10.38 -11.00
N CYS C 132 -6.74 -10.67 -9.91
CA CYS C 132 -8.20 -10.62 -9.88
C CYS C 132 -8.57 -9.47 -8.95
N ARG C 133 -9.63 -8.76 -9.30
CA ARG C 133 -10.13 -7.65 -8.50
C ARG C 133 -11.59 -7.87 -8.18
N HIS C 134 -11.96 -7.40 -6.99
CA HIS C 134 -13.29 -7.48 -6.46
C HIS C 134 -13.87 -6.07 -6.51
N PHE C 135 -14.95 -5.92 -7.27
CA PHE C 135 -15.61 -4.66 -7.55
C PHE C 135 -16.93 -4.60 -6.80
N ALA C 136 -17.32 -3.40 -6.41
CA ALA C 136 -18.62 -3.21 -5.79
C ALA C 136 -19.03 -1.76 -5.94
N LEU C 137 -20.32 -1.52 -5.74
CA LEU C 137 -20.86 -0.16 -5.74
C LEU C 137 -21.07 0.24 -4.27
N GLY C 138 -20.34 1.25 -3.83
CA GLY C 138 -20.37 1.67 -2.45
C GLY C 138 -21.32 2.83 -2.28
N HIS C 139 -21.51 3.21 -1.01
CA HIS C 139 -22.35 4.34 -0.62
C HIS C 139 -21.54 5.43 0.07
N THR C 140 -20.21 5.42 -0.10
CA THR C 140 -19.31 6.39 0.52
C THR C 140 -19.62 6.52 2.02
N ALA C 141 -19.62 5.38 2.71
CA ALA C 141 -19.93 5.31 4.13
C ALA C 141 -19.27 4.07 4.69
N THR C 142 -19.00 4.10 6.00
CA THR C 142 -18.43 2.94 6.67
C THR C 142 -19.53 2.03 7.21
N GLN C 143 -19.15 0.77 7.45
CA GLN C 143 -20.09 -0.23 7.95
C GLN C 143 -20.76 0.22 9.25
N ASN C 144 -19.99 0.86 10.13
CA ASN C 144 -20.47 1.31 11.45
C ASN C 144 -20.10 2.79 11.63
N GLY C 145 -20.82 3.66 10.94
CA GLY C 145 -20.51 5.08 10.96
C GLY C 145 -21.74 5.96 10.92
N PRO C 146 -21.51 7.28 10.99
CA PRO C 146 -22.63 8.22 11.08
C PRO C 146 -23.49 8.30 9.83
N TYR C 147 -23.01 7.78 8.70
CA TYR C 147 -23.72 7.84 7.43
C TYR C 147 -24.23 6.48 6.99
N SER C 148 -24.22 5.48 7.89
CA SER C 148 -24.64 4.15 7.50
C SER C 148 -26.13 4.04 7.26
N ALA C 149 -26.93 4.91 7.87
CA ALA C 149 -28.37 4.90 7.60
C ALA C 149 -28.61 5.37 6.17
N GLY C 150 -29.58 4.75 5.50
CA GLY C 150 -29.91 5.13 4.16
C GLY C 150 -29.10 4.44 3.07
N THR C 151 -28.23 3.50 3.44
CA THR C 151 -27.38 2.80 2.47
C THR C 151 -28.05 1.56 1.88
N GLY C 152 -29.34 1.37 2.14
CA GLY C 152 -30.09 0.30 1.51
C GLY C 152 -30.71 0.74 0.19
N ALA C 153 -30.50 2.00 -0.18
CA ALA C 153 -31.02 2.56 -1.42
C ALA C 153 -30.35 1.90 -2.61
N ASP C 154 -31.11 1.76 -3.69
CA ASP C 154 -30.57 1.19 -4.92
C ASP C 154 -29.79 2.21 -5.73
N ARG C 155 -30.20 3.48 -5.69
CA ARG C 155 -29.55 4.52 -6.47
C ARG C 155 -29.51 5.78 -5.63
N SER C 156 -28.35 6.42 -5.60
CA SER C 156 -28.16 7.67 -4.91
C SER C 156 -26.94 8.35 -5.51
N ILE C 157 -26.81 9.65 -5.24
CA ILE C 157 -25.68 10.39 -5.77
C ILE C 157 -24.38 10.07 -5.05
N GLN C 158 -24.47 9.38 -3.92
CA GLN C 158 -23.29 8.95 -3.18
C GLN C 158 -22.78 7.61 -3.65
N ARG C 159 -23.43 6.98 -4.63
CA ARG C 159 -22.96 5.69 -5.11
C ARG C 159 -21.72 5.86 -5.95
N MET C 160 -20.77 4.95 -5.76
CA MET C 160 -19.54 4.99 -6.54
C MET C 160 -19.04 3.57 -6.81
N LEU C 161 -18.33 3.39 -7.91
CA LEU C 161 -17.74 2.10 -8.24
C LEU C 161 -16.32 2.06 -7.68
N PHE C 162 -16.01 1.01 -6.93
CA PHE C 162 -14.68 0.90 -6.34
C PHE C 162 -14.30 -0.57 -6.33
N SER C 163 -12.99 -0.83 -6.17
CA SER C 163 -12.51 -2.19 -6.11
C SER C 163 -11.23 -2.31 -5.30
N THR C 164 -10.94 -3.56 -4.95
CA THR C 164 -9.67 -3.93 -4.33
C THR C 164 -9.16 -5.17 -5.04
N LYS C 165 -7.93 -5.55 -4.75
CA LYS C 165 -7.45 -6.79 -5.33
C LYS C 165 -8.22 -7.91 -4.65
N LEU C 166 -8.49 -8.97 -5.40
CA LEU C 166 -9.13 -10.12 -4.77
C LEU C 166 -8.18 -10.70 -3.74
N GLY C 167 -8.68 -10.89 -2.52
CA GLY C 167 -7.89 -11.35 -1.40
C GLY C 167 -7.68 -10.30 -0.32
N GLU C 168 -7.96 -9.03 -0.63
CA GLU C 168 -7.88 -7.94 0.33
C GLU C 168 -9.17 -7.83 1.13
N PRO C 169 -9.13 -7.29 2.36
CA PRO C 169 -10.34 -7.23 3.17
C PRO C 169 -11.44 -6.28 2.65
N PHE C 170 -11.19 -5.47 1.63
CA PHE C 170 -12.18 -4.56 1.06
C PHE C 170 -12.54 -3.45 2.06
N THR C 171 -11.52 -2.97 2.75
CA THR C 171 -11.58 -1.89 3.71
C THR C 171 -11.53 -0.53 3.02
N ILE C 172 -11.79 0.50 3.81
CA ILE C 172 -11.82 1.88 3.32
C ILE C 172 -10.46 2.27 2.78
N ASP C 173 -9.38 1.82 3.43
CA ASP C 173 -8.03 2.20 3.02
C ASP C 173 -7.56 1.45 1.78
N ASN C 174 -8.03 0.22 1.58
CA ASN C 174 -7.64 -0.58 0.42
C ASN C 174 -8.47 -0.28 -0.81
N ALA C 175 -9.70 0.18 -0.63
CA ALA C 175 -10.57 0.47 -1.75
C ALA C 175 -10.07 1.63 -2.60
N ILE C 176 -10.15 1.46 -3.92
CA ILE C 176 -9.85 2.50 -4.89
C ILE C 176 -11.14 2.84 -5.60
N VAL C 177 -11.52 4.10 -5.61
CA VAL C 177 -12.72 4.56 -6.29
C VAL C 177 -12.37 4.84 -7.75
N HIS C 178 -13.17 4.29 -8.67
CA HIS C 178 -12.90 4.46 -10.10
C HIS C 178 -13.67 5.63 -10.68
N MET C 179 -14.93 5.80 -10.29
CA MET C 179 -15.78 6.88 -10.75
C MET C 179 -17.10 6.76 -10.00
N SER C 180 -17.89 7.83 -10.04
CA SER C 180 -19.22 7.79 -9.48
C SER C 180 -20.12 6.90 -10.33
N GLY C 181 -21.12 6.32 -9.69
CA GLY C 181 -22.06 5.49 -10.42
C GLY C 181 -22.90 4.60 -9.55
N TRP C 182 -24.19 4.53 -9.84
CA TRP C 182 -25.10 3.68 -9.11
C TRP C 182 -25.31 2.34 -9.83
N SER C 183 -24.69 2.15 -11.00
CA SER C 183 -24.75 0.86 -11.68
C SER C 183 -23.44 0.72 -12.42
N GLY C 184 -22.88 -0.49 -12.50
CA GLY C 184 -21.65 -0.59 -13.27
C GLY C 184 -21.11 -2.00 -13.46
N SER C 185 -20.06 -2.06 -14.28
CA SER C 185 -19.36 -3.28 -14.65
C SER C 185 -17.89 -2.93 -14.91
N ALA C 186 -17.06 -3.97 -15.00
CA ALA C 186 -15.65 -3.77 -15.31
C ALA C 186 -15.09 -5.06 -15.90
N CYS C 187 -14.03 -4.90 -16.71
CA CYS C 187 -13.34 -6.07 -17.27
C CYS C 187 -11.96 -5.62 -17.73
N HIS C 188 -11.11 -6.60 -18.05
CA HIS C 188 -9.75 -6.35 -18.50
C HIS C 188 -9.58 -7.02 -19.85
N ASP C 189 -9.01 -6.30 -20.81
CA ASP C 189 -8.85 -6.75 -22.19
C ASP C 189 -7.52 -7.42 -22.49
N GLY C 190 -6.68 -7.62 -21.49
CA GLY C 190 -5.35 -8.15 -21.66
C GLY C 190 -4.26 -7.09 -21.61
N VAL C 191 -4.64 -5.81 -21.68
CA VAL C 191 -3.72 -4.69 -21.63
C VAL C 191 -4.01 -3.78 -20.44
N GLU C 192 -5.26 -3.34 -20.30
CA GLU C 192 -5.64 -2.40 -19.25
C GLU C 192 -7.10 -2.61 -18.89
N TRP C 193 -7.47 -2.15 -17.69
CA TRP C 193 -8.84 -2.25 -17.20
C TRP C 193 -9.78 -1.24 -17.84
N THR C 194 -10.96 -1.72 -18.21
CA THR C 194 -12.05 -0.93 -18.74
C THR C 194 -13.15 -0.94 -17.69
N TYR C 195 -13.67 0.23 -17.36
CA TYR C 195 -14.72 0.37 -16.35
C TYR C 195 -15.90 1.06 -17.02
N VAL C 196 -17.10 0.59 -16.70
CA VAL C 196 -18.34 1.15 -17.23
C VAL C 196 -19.27 1.40 -16.06
N THR C 197 -19.82 2.61 -15.97
CA THR C 197 -20.82 2.88 -14.94
C THR C 197 -21.98 3.64 -15.55
N VAL C 198 -23.09 3.64 -14.84
CA VAL C 198 -24.25 4.45 -15.15
C VAL C 198 -24.50 5.33 -13.94
N PHE C 199 -24.65 6.63 -14.20
CA PHE C 199 -24.85 7.66 -13.20
C PHE C 199 -25.68 8.78 -13.80
N GLY C 200 -26.66 9.26 -13.04
CA GLY C 200 -27.48 10.37 -13.46
C GLY C 200 -28.87 10.25 -12.88
N THR C 201 -29.75 11.13 -13.35
CA THR C 201 -31.13 11.09 -12.89
C THR C 201 -31.82 9.91 -13.53
N ASP C 202 -32.73 9.26 -12.78
CA ASP C 202 -33.44 8.07 -13.24
C ASP C 202 -33.97 8.19 -14.67
N PRO C 203 -34.77 9.21 -15.02
CA PRO C 203 -35.29 9.27 -16.40
C PRO C 203 -34.25 9.63 -17.45
N ASP C 204 -33.06 10.05 -17.08
CA ASP C 204 -32.05 10.50 -18.04
C ASP C 204 -30.64 10.26 -17.51
N ALA C 205 -30.30 9.00 -17.23
CA ALA C 205 -28.98 8.67 -16.72
C ALA C 205 -28.01 8.53 -17.88
N LEU C 206 -26.72 8.69 -17.57
CA LEU C 206 -25.64 8.56 -18.55
C LEU C 206 -24.71 7.39 -18.25
N VAL C 207 -24.35 6.65 -19.29
CA VAL C 207 -23.36 5.57 -19.20
C VAL C 207 -22.03 6.24 -19.49
N LYS C 208 -21.03 5.99 -18.66
CA LYS C 208 -19.69 6.50 -18.92
C LYS C 208 -18.71 5.34 -18.89
N THR C 209 -17.71 5.41 -19.77
CA THR C 209 -16.67 4.40 -19.84
C THR C 209 -15.34 5.10 -19.57
N LYS C 210 -14.48 4.37 -18.87
CA LYS C 210 -13.13 4.78 -18.52
C LYS C 210 -12.17 3.67 -18.88
N TYR C 211 -10.99 4.03 -19.36
CA TYR C 211 -9.96 3.06 -19.71
C TYR C 211 -8.64 3.52 -19.12
N GLY C 212 -8.08 2.73 -18.21
CA GLY C 212 -6.79 3.06 -17.66
C GLY C 212 -6.68 4.32 -16.83
N ASN C 213 -7.71 4.63 -16.04
CA ASN C 213 -7.84 5.83 -15.20
C ASN C 213 -8.15 7.09 -16.00
N ASN C 214 -8.31 6.99 -17.32
CA ASN C 214 -8.68 8.14 -18.17
C ASN C 214 -10.06 7.93 -18.74
N LEU C 215 -10.96 8.87 -18.48
CA LEU C 215 -12.34 8.79 -18.97
C LEU C 215 -12.29 8.82 -20.49
N VAL C 216 -13.03 7.91 -21.15
CA VAL C 216 -12.96 7.77 -22.61
C VAL C 216 -14.28 8.13 -23.29
N ASP C 217 -15.39 7.55 -22.85
CA ASP C 217 -16.61 7.73 -23.65
C ASP C 217 -17.87 7.74 -22.79
N SER C 218 -19.01 7.93 -23.46
CA SER C 218 -20.31 7.93 -22.80
C SER C 218 -21.39 7.50 -23.79
N TYR C 219 -22.53 7.11 -23.23
CA TYR C 219 -23.71 6.69 -23.99
C TYR C 219 -24.94 7.18 -23.24
N ARG C 220 -25.89 7.80 -23.93
CA ARG C 220 -27.05 8.38 -23.26
C ARG C 220 -28.21 7.38 -23.18
N SER C 221 -29.02 7.56 -22.13
CA SER C 221 -30.27 6.82 -21.95
C SER C 221 -31.09 6.81 -23.23
N PHE C 222 -31.68 5.65 -23.55
CA PHE C 222 -32.43 5.47 -24.80
C PHE C 222 -33.91 5.16 -24.64
N ALA C 223 -34.38 4.76 -23.46
CA ALA C 223 -35.80 4.44 -23.25
C ALA C 223 -36.51 5.39 -22.31
N GLY C 224 -35.80 6.37 -21.74
CA GLY C 224 -36.43 7.31 -20.82
C GLY C 224 -36.74 6.74 -19.46
N ASN C 225 -35.98 5.76 -19.00
CA ASN C 225 -36.20 5.09 -17.73
C ASN C 225 -34.84 4.74 -17.15
N ILE C 226 -34.84 4.06 -16.00
CA ILE C 226 -33.58 3.82 -15.29
C ILE C 226 -32.67 2.99 -16.19
N LEU C 227 -31.50 3.55 -16.50
CA LEU C 227 -30.49 2.90 -17.32
C LEU C 227 -29.62 2.03 -16.42
N ARG C 228 -29.39 0.78 -16.82
CA ARG C 228 -28.71 -0.20 -15.96
C ARG C 228 -27.65 -0.95 -16.74
N THR C 229 -26.66 -1.50 -16.01
CA THR C 229 -25.59 -2.33 -16.55
C THR C 229 -25.74 -3.77 -16.03
N GLN C 230 -24.77 -4.63 -16.34
CA GLN C 230 -24.77 -6.03 -15.97
C GLN C 230 -24.60 -6.28 -14.47
N GLU C 231 -23.89 -5.39 -13.77
CA GLU C 231 -23.49 -5.62 -12.39
C GLU C 231 -22.58 -6.84 -12.30
N SER C 232 -21.82 -7.09 -13.38
CA SER C 232 -20.90 -8.22 -13.44
C SER C 232 -19.88 -7.94 -14.54
N GLU C 233 -18.91 -8.84 -14.64
CA GLU C 233 -17.82 -8.73 -15.62
C GLU C 233 -18.32 -8.62 -17.06
N CYS C 234 -17.72 -7.70 -17.80
CA CYS C 234 -17.94 -7.53 -19.25
C CYS C 234 -16.95 -8.43 -19.98
N VAL C 235 -17.29 -8.85 -21.20
CA VAL C 235 -16.47 -9.84 -21.91
C VAL C 235 -15.64 -9.23 -23.03
N CYS C 236 -14.31 -9.40 -22.95
CA CYS C 236 -13.37 -8.87 -23.93
C CYS C 236 -12.87 -9.97 -24.85
N LEU C 237 -13.01 -9.75 -26.15
CA LEU C 237 -12.54 -10.65 -27.21
C LEU C 237 -11.55 -9.92 -28.11
N ASN C 238 -10.27 -10.21 -27.91
CA ASN C 238 -9.18 -9.62 -28.71
C ASN C 238 -9.23 -8.10 -28.72
N GLY C 239 -9.53 -7.53 -27.56
CA GLY C 239 -9.56 -6.10 -27.38
C GLY C 239 -10.93 -5.47 -27.46
N SER C 240 -11.92 -6.16 -28.02
CA SER C 240 -13.28 -5.62 -28.11
C SER C 240 -14.06 -6.12 -26.90
N CYS C 241 -14.52 -5.20 -26.06
CA CYS C 241 -15.20 -5.53 -24.81
C CYS C 241 -16.69 -5.26 -24.97
N TYR C 242 -17.49 -6.28 -24.67
CA TYR C 242 -18.93 -6.28 -24.83
C TYR C 242 -19.58 -6.15 -23.46
N VAL C 243 -20.26 -5.03 -23.25
CA VAL C 243 -20.94 -4.70 -21.99
C VAL C 243 -22.42 -4.51 -22.27
N MET C 244 -23.26 -5.11 -21.44
CA MET C 244 -24.71 -4.98 -21.57
C MET C 244 -25.22 -3.73 -20.87
N ILE C 245 -26.09 -2.98 -21.55
CA ILE C 245 -26.83 -1.89 -20.95
C ILE C 245 -28.29 -2.13 -21.28
N THR C 246 -29.17 -1.70 -20.38
CA THR C 246 -30.61 -1.82 -20.61
C THR C 246 -31.27 -0.56 -20.09
N ASP C 247 -32.50 -0.31 -20.56
CA ASP C 247 -33.20 0.91 -20.16
C ASP C 247 -34.69 0.69 -20.31
N GLY C 248 -35.43 0.80 -19.22
CA GLY C 248 -36.85 0.59 -19.27
C GLY C 248 -37.43 0.42 -17.88
N TYR C 249 -38.76 0.31 -17.84
CA TYR C 249 -39.47 0.12 -16.59
C TYR C 249 -39.29 -1.32 -16.13
N ALA C 250 -38.86 -1.49 -14.89
CA ALA C 250 -38.57 -2.83 -14.35
C ALA C 250 -39.77 -3.50 -13.70
N GLY C 251 -40.94 -2.85 -13.68
CA GLY C 251 -42.11 -3.41 -13.03
C GLY C 251 -43.00 -4.15 -14.01
N GLY C 252 -44.19 -4.50 -13.54
CA GLY C 252 -45.10 -5.27 -14.36
C GLY C 252 -45.57 -4.44 -15.55
N GLY C 253 -45.64 -5.08 -16.71
CA GLY C 253 -46.09 -4.40 -17.91
C GLY C 253 -45.02 -3.59 -18.59
N GLY C 254 -43.81 -3.56 -18.03
CA GLY C 254 -42.73 -2.78 -18.60
C GLY C 254 -42.00 -3.49 -19.71
N VAL C 255 -41.25 -2.70 -20.47
CA VAL C 255 -40.40 -3.17 -21.55
C VAL C 255 -39.00 -2.67 -21.27
N SER C 256 -38.03 -3.58 -21.33
CA SER C 256 -36.61 -3.28 -21.07
C SER C 256 -35.74 -3.96 -22.12
N GLN C 257 -35.55 -3.30 -23.25
CA GLN C 257 -34.80 -3.91 -24.34
C GLN C 257 -33.34 -3.56 -24.16
N ALA C 258 -32.51 -4.60 -24.08
CA ALA C 258 -31.09 -4.42 -23.85
C ALA C 258 -30.33 -4.11 -25.14
N ARG C 259 -29.17 -3.49 -24.97
CA ARG C 259 -28.24 -3.22 -26.04
C ARG C 259 -26.87 -3.62 -25.49
N PHE C 260 -25.98 -4.05 -26.38
CA PHE C 260 -24.60 -4.36 -26.02
C PHE C 260 -23.66 -3.35 -26.65
N LEU C 261 -22.89 -2.66 -25.81
CA LEU C 261 -21.94 -1.69 -26.31
C LEU C 261 -20.64 -2.44 -26.53
N VAL C 262 -20.02 -2.18 -27.68
CA VAL C 262 -18.74 -2.78 -28.04
C VAL C 262 -17.74 -1.66 -27.94
N MET C 263 -16.78 -1.83 -27.02
CA MET C 263 -15.76 -0.85 -26.69
C MET C 263 -14.39 -1.35 -27.11
N LYS C 264 -13.52 -0.45 -27.56
CA LYS C 264 -12.12 -0.78 -27.80
C LYS C 264 -11.30 0.34 -27.19
N GLN C 265 -10.49 -0.01 -26.18
CA GLN C 265 -9.74 0.96 -25.38
C GLN C 265 -10.67 2.00 -24.74
N GLY C 266 -11.85 1.54 -24.35
CA GLY C 266 -12.85 2.37 -23.69
C GLY C 266 -13.71 3.19 -24.62
N LYS C 267 -13.39 3.23 -25.91
CA LYS C 267 -14.14 4.03 -26.88
C LYS C 267 -15.24 3.12 -27.39
N ILE C 268 -16.46 3.62 -27.45
CA ILE C 268 -17.55 2.79 -27.94
C ILE C 268 -17.47 2.82 -29.45
N ILE C 269 -17.23 1.64 -30.05
CA ILE C 269 -17.02 1.50 -31.47
C ILE C 269 -18.29 0.98 -32.11
N ASP C 270 -19.10 0.22 -31.37
CA ASP C 270 -20.34 -0.27 -31.97
C ASP C 270 -21.40 -0.52 -30.90
N VAL C 271 -22.64 -0.59 -31.35
CA VAL C 271 -23.77 -0.92 -30.49
C VAL C 271 -24.55 -2.02 -31.19
N ILE C 272 -24.74 -3.15 -30.52
CA ILE C 272 -25.48 -4.29 -31.02
C ILE C 272 -26.83 -4.32 -30.30
N ASN C 273 -27.90 -4.16 -31.05
CA ASN C 273 -29.22 -4.16 -30.43
C ASN C 273 -29.71 -5.60 -30.40
N THR C 274 -30.67 -5.87 -29.53
CA THR C 274 -31.20 -7.22 -29.40
C THR C 274 -32.36 -7.51 -30.34
N SER C 275 -32.60 -8.79 -30.55
CA SER C 275 -33.70 -9.32 -31.34
C SER C 275 -34.18 -10.58 -30.64
N GLY C 276 -35.23 -11.21 -31.18
CA GLY C 276 -35.80 -12.35 -30.49
C GLY C 276 -36.67 -11.80 -29.39
N ARG C 277 -36.69 -12.44 -28.22
CA ARG C 277 -37.55 -11.96 -27.14
C ARG C 277 -36.83 -10.80 -26.44
N SER C 278 -36.78 -9.68 -27.15
CA SER C 278 -36.05 -8.49 -26.72
C SER C 278 -36.80 -7.72 -25.65
N LYS C 279 -38.09 -8.04 -25.46
CA LYS C 279 -38.99 -7.31 -24.57
C LYS C 279 -38.43 -6.98 -23.19
N PHE C 280 -37.74 -7.91 -22.53
CA PHE C 280 -37.24 -7.58 -21.19
C PHE C 280 -35.95 -8.37 -20.90
N THR C 281 -34.82 -7.68 -20.96
CA THR C 281 -33.51 -8.25 -20.70
C THR C 281 -32.84 -7.36 -19.65
N GLU C 282 -32.39 -7.96 -18.54
CA GLU C 282 -31.78 -7.20 -17.45
C GLU C 282 -30.74 -8.03 -16.71
N GLU C 283 -29.74 -7.32 -16.16
CA GLU C 283 -28.70 -7.91 -15.29
C GLU C 283 -28.08 -9.18 -15.89
N CYS C 284 -27.58 -9.05 -17.10
CA CYS C 284 -27.04 -10.20 -17.82
C CYS C 284 -25.67 -10.58 -17.27
N THR C 285 -25.49 -11.88 -17.04
CA THR C 285 -24.20 -12.45 -16.65
C THR C 285 -23.68 -13.13 -17.91
N CYS C 286 -22.54 -12.64 -18.40
CA CYS C 286 -22.03 -13.06 -19.70
C CYS C 286 -20.71 -13.79 -19.57
N ALA C 287 -20.50 -14.72 -20.49
CA ALA C 287 -19.26 -15.46 -20.60
C ALA C 287 -19.04 -15.74 -22.08
N ALA C 288 -17.78 -15.83 -22.46
CA ALA C 288 -17.47 -16.20 -23.84
C ALA C 288 -17.80 -17.67 -24.08
N THR C 289 -18.26 -17.96 -25.30
CA THR C 289 -18.51 -19.32 -25.74
C THR C 289 -17.51 -19.72 -26.81
N GLY C 290 -16.47 -18.91 -27.01
CA GLY C 290 -15.40 -19.13 -27.94
C GLY C 290 -15.09 -17.83 -28.66
N ASN C 291 -14.06 -17.86 -29.52
CA ASN C 291 -13.71 -16.66 -30.25
C ASN C 291 -14.87 -16.30 -31.16
N THR C 292 -15.19 -15.02 -31.23
CA THR C 292 -16.25 -14.44 -32.03
C THR C 292 -17.65 -14.66 -31.43
N THR C 293 -17.82 -15.32 -30.29
CA THR C 293 -19.17 -15.52 -29.75
C THR C 293 -19.23 -15.36 -28.25
N ILE C 294 -20.29 -14.71 -27.78
CA ILE C 294 -20.53 -14.47 -26.35
C ILE C 294 -21.95 -14.91 -26.03
N MET C 295 -22.15 -15.56 -24.88
CA MET C 295 -23.50 -15.91 -24.46
C MET C 295 -23.74 -15.42 -23.05
N CYS C 296 -24.95 -14.91 -22.81
CA CYS C 296 -25.36 -14.34 -21.53
C CYS C 296 -26.65 -14.99 -21.03
N ALA C 297 -26.78 -15.12 -19.71
CA ALA C 297 -28.02 -15.51 -19.04
C ALA C 297 -28.52 -14.33 -18.22
N CYS C 298 -29.71 -13.83 -18.54
CA CYS C 298 -30.19 -12.58 -18.00
C CYS C 298 -31.37 -12.78 -17.05
N ARG C 299 -31.81 -11.70 -16.43
CA ARG C 299 -32.97 -11.66 -15.55
C ARG C 299 -34.19 -11.13 -16.31
N ASP C 300 -35.37 -11.61 -15.92
CA ASP C 300 -36.65 -11.07 -16.38
C ASP C 300 -37.49 -10.83 -15.12
N ASN C 301 -37.70 -9.55 -14.78
CA ASN C 301 -38.31 -9.15 -13.52
C ASN C 301 -39.81 -8.81 -13.66
N ALA C 302 -40.46 -9.19 -14.77
CA ALA C 302 -41.84 -8.77 -14.97
C ALA C 302 -42.79 -9.84 -15.48
N TYR C 303 -42.35 -10.75 -16.35
CA TYR C 303 -43.27 -11.67 -17.03
C TYR C 303 -43.07 -13.13 -16.68
N THR C 304 -41.84 -13.59 -16.51
CA THR C 304 -41.56 -15.01 -16.30
C THR C 304 -40.53 -15.19 -15.19
N ASP C 305 -40.18 -16.45 -14.96
CA ASP C 305 -39.17 -16.87 -14.00
C ASP C 305 -38.10 -17.74 -14.67
N ARG C 306 -38.11 -17.83 -16.00
CA ARG C 306 -37.10 -18.47 -16.80
C ARG C 306 -36.15 -17.39 -17.26
N ARG C 307 -34.85 -17.65 -17.21
CA ARG C 307 -33.95 -16.57 -17.58
C ARG C 307 -33.87 -16.41 -19.11
N PRO C 308 -33.84 -15.16 -19.61
CA PRO C 308 -33.46 -14.95 -21.00
C PRO C 308 -32.01 -15.31 -21.26
N ILE C 309 -31.76 -15.91 -22.41
CA ILE C 309 -30.42 -16.22 -22.88
C ILE C 309 -30.19 -15.38 -24.12
N VAL C 310 -29.06 -14.70 -24.14
CA VAL C 310 -28.67 -13.81 -25.24
C VAL C 310 -27.46 -14.42 -25.93
N ALA C 311 -27.61 -14.72 -27.22
CA ALA C 311 -26.53 -15.28 -28.04
C ALA C 311 -26.00 -14.13 -28.90
N ILE C 312 -24.75 -13.73 -28.66
CA ILE C 312 -24.15 -12.59 -29.35
C ILE C 312 -23.14 -13.11 -30.35
N ASP C 313 -23.41 -12.85 -31.62
CA ASP C 313 -22.54 -13.18 -32.74
C ASP C 313 -21.83 -11.90 -33.11
N THR C 314 -20.52 -11.83 -32.84
CA THR C 314 -19.77 -10.58 -32.97
C THR C 314 -19.34 -10.30 -34.40
N ILE C 315 -19.51 -11.24 -35.33
CA ILE C 315 -19.22 -11.00 -36.74
C ILE C 315 -20.51 -10.59 -37.43
N ALA C 316 -21.59 -11.29 -37.11
CA ALA C 316 -22.90 -10.94 -37.64
C ALA C 316 -23.40 -9.68 -36.95
N LYS C 317 -22.85 -9.39 -35.76
CA LYS C 317 -23.22 -8.23 -34.95
C LYS C 317 -24.69 -8.28 -34.57
N THR C 318 -25.10 -9.44 -34.06
CA THR C 318 -26.48 -9.64 -33.63
C THR C 318 -26.55 -10.31 -32.27
N ALA C 319 -27.52 -9.89 -31.46
CA ALA C 319 -27.78 -10.49 -30.16
C ALA C 319 -29.20 -11.06 -30.17
N ASN C 320 -29.30 -12.38 -30.21
CA ASN C 320 -30.56 -13.09 -30.29
C ASN C 320 -30.99 -13.49 -28.89
N VAL C 321 -32.15 -13.01 -28.45
CA VAL C 321 -32.62 -13.23 -27.09
C VAL C 321 -33.79 -14.19 -27.12
N GLY C 322 -33.81 -15.12 -26.17
CA GLY C 322 -34.96 -16.00 -26.02
C GLY C 322 -34.94 -16.61 -24.64
N LEU C 323 -36.05 -17.21 -24.24
CA LEU C 323 -36.11 -17.75 -22.89
C LEU C 323 -35.59 -19.17 -22.88
N MET C 324 -35.00 -19.57 -21.75
CA MET C 324 -34.56 -20.95 -21.62
C MET C 324 -35.76 -21.86 -21.77
N CYS C 325 -35.64 -22.85 -22.63
CA CYS C 325 -36.75 -23.76 -22.87
C CYS C 325 -36.71 -24.92 -21.88
N SER C 326 -35.67 -24.98 -21.02
CA SER C 326 -35.50 -26.06 -20.05
C SER C 326 -36.60 -26.04 -18.99
N PRO C 327 -37.09 -27.21 -18.54
CA PRO C 327 -38.02 -27.22 -17.39
C PRO C 327 -37.45 -26.65 -16.10
N THR C 328 -36.13 -26.57 -15.93
CA THR C 328 -35.57 -26.07 -14.69
C THR C 328 -35.56 -24.54 -14.74
N ARG C 329 -36.26 -23.92 -13.79
CA ARG C 329 -36.40 -22.48 -13.75
C ARG C 329 -35.30 -21.94 -12.85
N MET C 330 -34.55 -20.94 -13.34
CA MET C 330 -33.40 -20.41 -12.63
C MET C 330 -33.61 -19.10 -11.87
N ASP C 331 -34.77 -18.47 -11.96
CA ASP C 331 -34.94 -17.19 -11.27
C ASP C 331 -35.55 -17.37 -9.88
N THR C 332 -35.70 -16.24 -9.17
CA THR C 332 -36.31 -16.20 -7.84
C THR C 332 -37.19 -14.95 -7.70
N PRO C 333 -38.51 -15.06 -7.48
CA PRO C 333 -39.34 -16.25 -7.24
C PRO C 333 -39.50 -17.11 -8.48
N ARG C 334 -39.84 -18.38 -8.30
CA ARG C 334 -40.08 -19.27 -9.44
C ARG C 334 -41.14 -20.29 -9.06
N SER C 335 -41.84 -20.77 -10.08
CA SER C 335 -42.81 -21.83 -9.93
C SER C 335 -42.08 -23.17 -9.90
N ALA C 336 -42.82 -24.23 -9.57
CA ALA C 336 -42.21 -25.55 -9.56
C ALA C 336 -41.76 -25.90 -10.97
N ASP C 337 -40.63 -26.60 -11.06
CA ASP C 337 -40.09 -26.98 -12.36
C ASP C 337 -41.09 -27.75 -13.19
N SER C 338 -41.23 -27.33 -14.45
CA SER C 338 -42.17 -27.93 -15.40
C SER C 338 -41.75 -27.43 -16.77
N ALA C 339 -42.10 -28.18 -17.80
CA ALA C 339 -41.80 -27.70 -19.14
C ALA C 339 -42.78 -26.58 -19.53
N PRO C 340 -42.32 -25.56 -20.25
CA PRO C 340 -43.26 -24.57 -20.81
C PRO C 340 -44.08 -25.16 -21.96
N SER C 341 -45.27 -24.58 -22.17
CA SER C 341 -46.09 -25.05 -23.28
C SER C 341 -45.44 -24.69 -24.61
N SER C 342 -44.68 -23.61 -24.62
CA SER C 342 -43.91 -23.17 -25.77
C SER C 342 -42.77 -22.39 -25.16
N CYS C 343 -41.62 -22.49 -25.80
CA CYS C 343 -40.37 -21.97 -25.26
C CYS C 343 -40.40 -20.48 -24.85
N ASN C 344 -41.01 -19.60 -25.65
CA ASN C 344 -41.01 -18.16 -25.36
C ASN C 344 -42.34 -17.61 -24.85
N VAL C 345 -43.19 -18.46 -24.30
CA VAL C 345 -44.44 -18.02 -23.70
C VAL C 345 -44.17 -17.65 -22.25
N ASP C 346 -44.72 -16.54 -21.82
CA ASP C 346 -44.50 -16.05 -20.48
C ASP C 346 -45.33 -16.90 -19.52
N ASP C 347 -44.62 -17.68 -18.69
CA ASP C 347 -45.24 -18.61 -17.76
C ASP C 347 -44.37 -18.65 -16.51
N GLY C 348 -44.96 -18.28 -15.38
CA GLY C 348 -44.20 -18.18 -14.15
C GLY C 348 -45.07 -17.62 -13.04
N THR C 349 -44.40 -17.07 -12.03
CA THR C 349 -45.04 -16.54 -10.84
C THR C 349 -45.30 -15.03 -10.93
N GLY C 350 -45.00 -14.41 -12.06
CA GLY C 350 -45.13 -12.98 -12.22
C GLY C 350 -43.80 -12.29 -12.10
N GLY C 351 -43.85 -11.00 -11.78
CA GLY C 351 -42.65 -10.21 -11.83
C GLY C 351 -41.77 -10.48 -10.64
N GLY C 352 -40.63 -9.80 -10.62
CA GLY C 352 -39.59 -10.03 -9.64
C GLY C 352 -38.53 -10.95 -10.19
N GLY C 353 -37.35 -10.90 -9.57
CA GLY C 353 -36.27 -11.75 -10.01
C GLY C 353 -34.99 -11.40 -9.30
N VAL C 354 -33.99 -12.23 -9.55
CA VAL C 354 -32.66 -12.06 -8.99
C VAL C 354 -31.63 -12.29 -10.08
N LYS C 355 -30.53 -11.56 -10.00
CA LYS C 355 -29.42 -11.83 -10.91
C LYS C 355 -28.89 -13.21 -10.57
N GLY C 356 -28.59 -14.01 -11.60
CA GLY C 356 -28.08 -15.35 -11.41
C GLY C 356 -26.71 -15.56 -12.05
N GLY C 357 -26.13 -16.70 -11.70
CA GLY C 357 -24.83 -17.05 -12.25
C GLY C 357 -24.97 -17.76 -13.58
N PHE C 358 -23.87 -17.73 -14.33
CA PHE C 358 -23.83 -18.41 -15.63
C PHE C 358 -22.38 -18.63 -15.98
N ALA C 359 -21.98 -19.89 -16.16
CA ALA C 359 -20.61 -20.22 -16.45
C ALA C 359 -20.59 -21.13 -17.67
N VAL C 360 -19.51 -21.00 -18.46
CA VAL C 360 -19.28 -21.81 -19.64
C VAL C 360 -17.95 -22.51 -19.49
N VAL C 361 -17.96 -23.82 -19.64
CA VAL C 361 -16.75 -24.63 -19.63
C VAL C 361 -16.49 -24.98 -21.09
N ARG C 362 -15.51 -24.30 -21.67
CA ARG C 362 -15.20 -24.44 -23.09
C ARG C 362 -14.28 -25.63 -23.27
N ARG C 363 -14.68 -26.56 -24.14
CA ARG C 363 -13.90 -27.76 -24.40
C ARG C 363 -13.80 -27.98 -25.90
N PRO C 364 -12.76 -28.66 -26.38
CA PRO C 364 -12.65 -28.93 -27.83
C PRO C 364 -13.83 -29.65 -28.44
N ASN C 365 -14.63 -30.38 -27.67
CA ASN C 365 -15.76 -31.14 -28.18
C ASN C 365 -17.12 -30.49 -27.88
N GLY C 366 -17.14 -29.21 -27.52
CA GLY C 366 -18.37 -28.51 -27.24
C GLY C 366 -18.35 -27.87 -25.87
N ASN C 367 -19.22 -26.88 -25.65
CA ASN C 367 -19.26 -26.16 -24.39
C ASN C 367 -20.26 -26.81 -23.45
N GLN C 368 -19.99 -26.70 -22.14
CA GLN C 368 -20.92 -27.09 -21.10
C GLN C 368 -21.33 -25.85 -20.33
N PHE C 369 -22.60 -25.76 -19.96
CA PHE C 369 -23.11 -24.60 -19.25
C PHE C 369 -23.50 -24.98 -17.82
N TYR C 370 -23.20 -24.10 -16.89
CA TYR C 370 -23.52 -24.26 -15.48
C TYR C 370 -24.30 -23.04 -15.02
N TYR C 371 -25.23 -23.26 -14.09
CA TYR C 371 -26.10 -22.19 -13.62
C TYR C 371 -26.12 -22.18 -12.10
N THR C 372 -26.38 -21.02 -11.51
CA THR C 372 -26.66 -20.96 -10.08
C THR C 372 -28.14 -20.66 -9.92
N ARG C 373 -28.68 -21.15 -8.81
CA ARG C 373 -30.10 -20.99 -8.49
C ARG C 373 -30.23 -20.81 -6.98
N THR C 374 -31.25 -20.09 -6.53
CA THR C 374 -31.39 -20.03 -5.08
C THR C 374 -31.90 -21.38 -4.59
N GLY C 375 -31.71 -21.64 -3.30
CA GLY C 375 -32.15 -22.93 -2.79
C GLY C 375 -33.65 -23.05 -2.69
N SER C 376 -34.26 -22.14 -1.94
CA SER C 376 -35.70 -22.15 -1.70
C SER C 376 -36.40 -21.38 -2.81
N ALA C 377 -37.32 -22.04 -3.51
CA ALA C 377 -38.10 -21.32 -4.52
C ALA C 377 -38.97 -20.30 -3.80
N SER C 378 -39.10 -19.11 -4.38
CA SER C 378 -39.91 -17.98 -3.93
C SER C 378 -39.15 -17.06 -2.97
N SER C 379 -37.94 -17.41 -2.54
CA SER C 379 -37.17 -16.58 -1.64
C SER C 379 -35.69 -16.74 -1.92
N ARG C 380 -34.93 -15.67 -1.71
CA ARG C 380 -33.49 -15.66 -1.97
C ARG C 380 -32.76 -16.32 -0.80
N VAL C 381 -32.95 -17.64 -0.68
CA VAL C 381 -32.40 -18.44 0.41
C VAL C 381 -31.63 -19.60 -0.18
N GLY C 382 -30.39 -19.77 0.25
CA GLY C 382 -29.57 -20.87 -0.20
C GLY C 382 -29.03 -20.63 -1.59
N MET C 383 -28.25 -21.61 -2.07
CA MET C 383 -27.73 -21.51 -3.43
C MET C 383 -27.27 -22.87 -3.90
N GLU C 384 -27.72 -23.23 -5.09
CA GLU C 384 -27.42 -24.48 -5.78
C GLU C 384 -26.64 -24.16 -7.04
N VAL C 385 -25.86 -25.13 -7.50
CA VAL C 385 -25.23 -25.08 -8.82
C VAL C 385 -25.87 -26.18 -9.64
N ARG C 386 -26.45 -25.79 -10.77
CA ARG C 386 -27.08 -26.73 -11.68
C ARG C 386 -26.02 -27.15 -12.68
N GLY C 387 -25.92 -28.48 -12.84
CA GLY C 387 -24.86 -29.14 -13.54
C GLY C 387 -24.81 -28.89 -15.03
N PRO C 388 -23.85 -29.56 -15.68
CA PRO C 388 -23.53 -29.22 -17.08
C PRO C 388 -24.71 -29.46 -18.00
N GLN C 389 -25.01 -28.46 -18.81
CA GLN C 389 -26.01 -28.54 -19.86
C GLN C 389 -25.23 -28.60 -21.17
N THR C 390 -25.43 -29.67 -21.95
CA THR C 390 -24.71 -29.85 -23.19
C THR C 390 -25.56 -29.47 -24.39
N GLU C 391 -26.80 -29.07 -24.15
CA GLU C 391 -27.77 -28.62 -25.13
C GLU C 391 -27.68 -27.11 -25.16
N ASP C 392 -28.09 -26.52 -26.28
CA ASP C 392 -28.10 -25.06 -26.36
C ASP C 392 -28.94 -24.50 -25.21
N PRO C 393 -28.41 -23.55 -24.39
CA PRO C 393 -29.19 -22.97 -23.29
C PRO C 393 -30.55 -22.41 -23.68
N MET C 394 -30.72 -22.04 -24.95
CA MET C 394 -32.00 -21.51 -25.38
C MET C 394 -32.97 -22.62 -25.72
N THR C 395 -32.60 -23.50 -26.66
CA THR C 395 -33.51 -24.49 -27.22
C THR C 395 -33.31 -25.92 -26.75
N GLY C 396 -32.46 -26.18 -25.74
CA GLY C 396 -32.25 -27.54 -25.30
C GLY C 396 -33.52 -28.30 -24.95
N THR C 397 -34.31 -27.77 -24.04
CA THR C 397 -35.57 -28.30 -23.50
C THR C 397 -35.37 -29.42 -22.47
N SER C 398 -34.15 -29.91 -22.25
CA SER C 398 -33.93 -30.92 -21.22
C SER C 398 -33.79 -30.27 -19.84
N ALA C 399 -34.02 -31.07 -18.81
CA ALA C 399 -33.81 -30.59 -17.45
C ALA C 399 -32.31 -30.49 -17.20
N ILE C 400 -31.93 -29.60 -16.29
CA ILE C 400 -30.53 -29.37 -15.95
C ILE C 400 -30.28 -30.02 -14.59
N PRO C 401 -29.43 -31.05 -14.49
CA PRO C 401 -29.32 -31.78 -13.22
C PRO C 401 -28.67 -30.95 -12.13
N LEU C 402 -28.98 -31.29 -10.89
CA LEU C 402 -28.34 -30.63 -9.77
C LEU C 402 -26.91 -31.17 -9.65
N LEU C 403 -25.95 -30.27 -9.51
CA LEU C 403 -24.56 -30.68 -9.33
C LEU C 403 -24.17 -30.72 -7.86
N ASP C 404 -24.39 -29.61 -7.16
CA ASP C 404 -24.02 -29.41 -5.77
C ASP C 404 -24.98 -28.39 -5.18
N ILE C 405 -25.11 -28.43 -3.86
CA ILE C 405 -25.75 -27.35 -3.11
C ILE C 405 -24.60 -26.64 -2.42
N ILE C 406 -24.36 -25.39 -2.81
CA ILE C 406 -23.17 -24.68 -2.37
C ILE C 406 -23.44 -23.81 -1.15
N VAL C 407 -24.66 -23.33 -0.99
CA VAL C 407 -25.08 -22.59 0.19
C VAL C 407 -26.36 -23.24 0.71
N SER C 408 -26.39 -23.52 2.00
CA SER C 408 -27.56 -24.15 2.61
C SER C 408 -28.71 -23.15 2.71
N THR C 409 -29.91 -23.67 2.97
CA THR C 409 -31.08 -22.80 3.04
C THR C 409 -31.21 -22.09 4.38
N SER C 410 -30.27 -22.29 5.29
CA SER C 410 -30.25 -21.53 6.53
C SER C 410 -29.56 -20.18 6.35
N VAL C 411 -28.91 -19.97 5.22
CA VAL C 411 -28.12 -18.77 4.93
C VAL C 411 -28.78 -18.00 3.79
N ASN C 412 -29.05 -16.72 4.02
CA ASN C 412 -29.66 -15.90 2.99
C ASN C 412 -28.61 -15.56 1.92
N THR C 413 -29.07 -15.46 0.68
CA THR C 413 -28.22 -15.13 -0.45
C THR C 413 -28.82 -13.98 -1.23
N GLY C 414 -28.02 -13.42 -2.13
CA GLY C 414 -28.43 -12.34 -3.01
C GLY C 414 -28.18 -12.63 -4.47
N TYR C 415 -27.53 -11.67 -5.14
CA TYR C 415 -27.23 -11.80 -6.56
C TYR C 415 -26.11 -12.81 -6.76
N SER C 416 -26.16 -13.50 -7.89
CA SER C 416 -25.09 -14.41 -8.30
C SER C 416 -24.54 -13.95 -9.63
N SER C 417 -23.23 -14.13 -9.80
CA SER C 417 -22.55 -13.74 -11.02
C SER C 417 -21.46 -14.77 -11.29
N SER C 418 -20.65 -14.50 -12.30
CA SER C 418 -19.57 -15.41 -12.66
C SER C 418 -18.43 -14.61 -13.25
N PHE C 419 -17.26 -15.23 -13.25
CA PHE C 419 -16.06 -14.65 -13.82
C PHE C 419 -15.18 -15.81 -14.22
N GLU C 420 -14.11 -15.51 -14.94
CA GLU C 420 -13.13 -16.53 -15.29
C GLU C 420 -11.74 -16.06 -14.89
N MET C 421 -10.98 -16.96 -14.27
CA MET C 421 -9.59 -16.66 -14.00
C MET C 421 -8.85 -16.94 -15.29
N LYS C 422 -7.80 -16.18 -15.55
CA LYS C 422 -7.05 -16.33 -16.79
C LYS C 422 -5.64 -16.76 -16.42
N GLY C 423 -5.37 -18.06 -16.55
CA GLY C 423 -4.11 -18.61 -16.13
C GLY C 423 -3.11 -18.62 -17.26
N ILE C 424 -2.11 -19.49 -17.11
CA ILE C 424 -0.94 -19.45 -17.98
C ILE C 424 -1.41 -20.26 -19.19
N GLU C 425 -2.05 -21.41 -18.93
CA GLU C 425 -2.49 -22.31 -20.00
C GLU C 425 -3.98 -22.29 -20.29
N CYS C 426 -4.84 -21.92 -19.34
CA CYS C 426 -6.27 -22.11 -19.51
C CYS C 426 -7.06 -21.09 -18.71
N ASP C 427 -8.37 -21.09 -18.92
CA ASP C 427 -9.29 -20.27 -18.17
C ASP C 427 -9.93 -21.15 -17.11
N THR C 428 -10.37 -20.54 -16.00
CA THR C 428 -11.06 -21.25 -14.92
C THR C 428 -12.38 -20.60 -14.54
N PRO C 429 -13.52 -21.12 -15.00
CA PRO C 429 -14.81 -20.54 -14.60
C PRO C 429 -15.03 -20.57 -13.09
N CYS C 430 -15.54 -19.46 -12.56
CA CYS C 430 -15.85 -19.31 -11.15
C CYS C 430 -17.19 -18.61 -11.01
N PHE C 431 -17.95 -18.99 -9.98
CA PHE C 431 -19.20 -18.34 -9.60
C PHE C 431 -18.99 -17.51 -8.35
N VAL C 432 -19.72 -16.40 -8.27
CA VAL C 432 -19.69 -15.50 -7.12
C VAL C 432 -21.12 -15.45 -6.56
N VAL C 433 -21.26 -15.75 -5.27
CA VAL C 433 -22.54 -15.78 -4.57
C VAL C 433 -22.59 -14.65 -3.57
N GLU C 434 -23.57 -13.76 -3.72
CA GLU C 434 -23.76 -12.64 -2.81
C GLU C 434 -24.51 -13.06 -1.55
N HIS C 435 -24.09 -12.51 -0.41
CA HIS C 435 -24.76 -12.68 0.87
C HIS C 435 -25.11 -11.28 1.36
N ILE C 436 -26.37 -11.08 1.74
CA ILE C 436 -26.89 -9.78 2.16
C ILE C 436 -27.02 -9.76 3.67
N ARG C 437 -26.49 -8.71 4.31
CA ARG C 437 -26.61 -8.56 5.76
C ARG C 437 -26.99 -7.13 6.09
N SER C 438 -27.96 -6.96 7.00
CA SER C 438 -28.36 -5.63 7.40
C SER C 438 -28.84 -5.58 8.84
N ASN C 439 -28.73 -4.37 9.41
CA ASN C 439 -29.20 -4.03 10.74
C ASN C 439 -29.83 -2.64 10.59
N THR C 440 -29.00 -1.61 10.66
CA THR C 440 -29.35 -0.21 10.41
C THR C 440 -28.63 0.29 9.16
N TRP C 441 -27.98 -0.63 8.43
CA TRP C 441 -27.17 -0.42 7.25
C TRP C 441 -27.31 -1.68 6.44
N THR C 442 -26.89 -1.67 5.18
CA THR C 442 -26.88 -2.89 4.38
C THR C 442 -25.49 -3.07 3.80
N THR C 443 -24.99 -4.30 3.90
CA THR C 443 -23.72 -4.70 3.32
C THR C 443 -23.89 -5.98 2.50
N ALA C 444 -22.91 -6.20 1.64
CA ALA C 444 -22.78 -7.43 0.86
C ALA C 444 -21.45 -8.11 1.13
N SER C 445 -21.51 -9.44 1.12
CA SER C 445 -20.39 -10.37 1.26
C SER C 445 -20.41 -11.27 0.04
N SER C 446 -19.27 -11.81 -0.38
CA SER C 446 -19.30 -12.70 -1.54
C SER C 446 -18.49 -13.97 -1.32
N SER C 447 -19.01 -15.08 -1.86
CA SER C 447 -18.40 -16.39 -1.79
C SER C 447 -18.03 -16.80 -3.21
N ILE C 448 -16.77 -17.16 -3.44
CA ILE C 448 -16.30 -17.53 -4.77
C ILE C 448 -16.04 -19.03 -4.79
N TYR C 449 -16.70 -19.70 -5.74
CA TYR C 449 -16.59 -21.13 -5.99
C TYR C 449 -16.01 -21.30 -7.39
N CYS C 450 -14.89 -21.98 -7.51
CA CYS C 450 -14.20 -22.13 -8.78
C CYS C 450 -14.17 -23.59 -9.22
N LEU C 451 -14.19 -23.78 -10.55
CA LEU C 451 -14.18 -25.14 -11.09
C LEU C 451 -12.92 -25.84 -10.63
N SER C 452 -13.10 -27.03 -10.04
CA SER C 452 -11.99 -27.80 -9.51
C SER C 452 -12.39 -29.28 -9.52
N GLY C 453 -11.67 -30.08 -8.76
CA GLY C 453 -11.90 -31.51 -8.75
C GLY C 453 -13.08 -31.94 -7.91
N ASP C 454 -13.34 -33.24 -7.99
CA ASP C 454 -14.49 -33.86 -7.33
C ASP C 454 -14.17 -34.12 -5.87
N ALA C 455 -14.99 -33.55 -4.98
CA ALA C 455 -14.86 -33.72 -3.54
C ALA C 455 -16.20 -33.35 -2.93
N SER C 456 -16.49 -33.90 -1.76
CA SER C 456 -17.73 -33.54 -1.07
C SER C 456 -17.80 -32.05 -0.82
N MET C 457 -19.00 -31.49 -0.99
CA MET C 457 -19.20 -30.07 -0.80
C MET C 457 -19.17 -29.67 0.66
N PHE C 458 -18.50 -28.55 0.93
CA PHE C 458 -18.40 -27.95 2.24
C PHE C 458 -19.15 -26.63 2.12
N GLN C 459 -20.39 -26.60 2.61
CA GLN C 459 -21.28 -25.47 2.40
C GLN C 459 -20.87 -24.32 3.31
N PHE C 460 -21.02 -23.09 2.82
CA PHE C 460 -20.56 -21.91 3.53
C PHE C 460 -21.65 -21.01 4.09
N ASP C 461 -21.45 -20.65 5.36
CA ASP C 461 -22.25 -19.70 6.14
C ASP C 461 -21.42 -18.42 6.23
N ASP C 462 -21.97 -17.31 5.72
CA ASP C 462 -21.28 -16.03 5.64
C ASP C 462 -20.50 -15.67 6.90
N GLY C 463 -21.07 -15.93 8.07
CA GLY C 463 -20.37 -15.62 9.30
C GLY C 463 -20.37 -14.16 9.66
N VAL C 464 -21.36 -13.42 9.18
CA VAL C 464 -21.50 -11.99 9.44
C VAL C 464 -22.73 -11.79 10.30
N ASN C 465 -22.55 -11.17 11.45
CA ASN C 465 -23.61 -10.91 12.41
C ASN C 465 -23.93 -9.43 12.33
N PRO C 466 -25.09 -9.02 11.78
CA PRO C 466 -25.38 -7.58 11.64
C PRO C 466 -25.32 -6.80 12.95
N THR C 467 -25.48 -7.47 14.10
CA THR C 467 -25.44 -6.84 15.41
C THR C 467 -24.21 -7.26 16.21
N ALA C 468 -23.21 -7.84 15.54
CA ALA C 468 -21.94 -8.34 16.09
C ALA C 468 -21.44 -7.63 17.35
N PRO D 83 12.67 13.32 -22.78
CA PRO D 83 12.63 12.20 -23.72
C PRO D 83 11.21 11.85 -24.15
N THR D 84 10.31 11.71 -23.17
CA THR D 84 8.92 11.35 -23.37
C THR D 84 8.00 12.42 -22.81
N TYR D 85 8.45 13.68 -22.83
CA TYR D 85 7.69 14.78 -22.27
C TYR D 85 6.35 14.96 -22.95
N PHE D 86 5.34 15.23 -22.13
CA PHE D 86 3.97 15.43 -22.57
C PHE D 86 3.79 16.75 -23.31
N GLN D 87 3.02 16.71 -24.40
CA GLN D 87 2.60 17.88 -25.14
C GLN D 87 1.08 17.86 -25.20
N PRO D 88 0.42 19.03 -25.19
CA PRO D 88 -1.05 19.04 -25.29
C PRO D 88 -1.58 18.39 -26.56
N ARG D 89 -2.77 17.80 -26.44
CA ARG D 89 -3.49 17.16 -27.54
C ARG D 89 -4.85 17.82 -27.65
N MET D 90 -5.52 17.55 -28.77
CA MET D 90 -6.88 18.03 -28.96
C MET D 90 -7.79 17.31 -27.96
N SER D 91 -8.86 18.00 -27.53
CA SER D 91 -9.79 17.40 -26.60
C SER D 91 -10.74 16.46 -27.32
N CYS D 92 -11.28 15.49 -26.57
CA CYS D 92 -12.30 14.59 -27.11
C CYS D 92 -13.68 15.23 -27.15
N THR D 93 -14.55 14.54 -27.89
CA THR D 93 -15.93 14.93 -28.10
C THR D 93 -16.73 14.97 -26.81
N GLY D 94 -17.51 16.04 -26.66
CA GLY D 94 -18.39 16.24 -25.54
C GLY D 94 -18.91 17.65 -25.50
N THR D 95 -20.07 17.86 -24.85
CA THR D 95 -20.71 19.17 -24.76
C THR D 95 -21.07 19.58 -23.36
N ARG D 96 -20.94 18.71 -22.37
CA ARG D 96 -21.31 19.00 -20.99
C ARG D 96 -20.24 18.45 -20.07
N PHE D 97 -20.11 19.09 -18.91
CA PHE D 97 -19.23 18.61 -17.85
C PHE D 97 -20.13 17.85 -16.88
N GLN D 98 -20.03 16.54 -16.90
CA GLN D 98 -20.92 15.66 -16.17
C GLN D 98 -20.22 15.17 -14.91
N PRO D 99 -20.96 14.88 -13.84
CA PRO D 99 -20.31 14.40 -12.60
C PRO D 99 -19.46 13.18 -12.89
N PHE D 100 -18.21 13.20 -12.41
CA PHE D 100 -17.28 12.10 -12.62
C PHE D 100 -16.91 11.39 -11.33
N MET D 101 -16.38 12.13 -10.36
CA MET D 101 -15.92 11.49 -9.13
C MET D 101 -16.02 12.50 -8.01
N MET D 102 -16.34 12.05 -6.80
CA MET D 102 -16.37 12.94 -5.66
C MET D 102 -15.42 12.47 -4.57
N MET D 103 -14.36 13.25 -4.38
CA MET D 103 -13.32 13.00 -3.40
C MET D 103 -13.75 13.66 -2.09
N ASN D 104 -14.86 13.13 -1.58
CA ASN D 104 -15.45 13.66 -0.35
C ASN D 104 -14.83 12.89 0.81
N SER D 105 -13.55 13.19 0.99
CA SER D 105 -12.72 12.55 2.02
C SER D 105 -13.34 12.61 3.40
N PRO D 106 -13.79 13.80 3.92
CA PRO D 106 -14.33 13.84 5.29
C PRO D 106 -15.78 13.33 5.42
N ARG D 107 -15.99 12.11 4.95
CA ARG D 107 -17.26 11.41 5.03
C ARG D 107 -17.03 10.03 5.63
N TYR D 108 -15.78 9.61 5.78
CA TYR D 108 -15.38 8.36 6.39
C TYR D 108 -14.78 8.64 7.76
N GLY D 109 -14.93 9.87 8.26
CA GLY D 109 -14.46 10.34 9.55
C GLY D 109 -15.64 10.79 10.36
N GLY D 110 -15.41 11.62 11.37
CA GLY D 110 -16.45 12.05 12.27
C GLY D 110 -16.27 11.43 13.64
N THR D 111 -16.92 12.04 14.64
CA THR D 111 -16.70 11.57 16.00
C THR D 111 -17.33 10.20 16.23
N GLY D 112 -18.27 9.78 15.38
CA GLY D 112 -18.90 8.49 15.50
C GLY D 112 -18.30 7.42 14.62
N ASP D 113 -17.24 7.73 13.87
CA ASP D 113 -16.62 6.81 12.93
C ASP D 113 -15.25 6.37 13.41
N ARG D 114 -14.59 5.52 12.60
CA ARG D 114 -13.26 4.99 12.89
C ARG D 114 -12.16 5.51 11.97
N GLY D 115 -12.46 6.46 11.08
CA GLY D 115 -11.45 6.92 10.14
C GLY D 115 -10.54 8.01 10.69
N SER D 116 -9.35 8.10 10.09
CA SER D 116 -8.35 9.12 10.41
C SER D 116 -8.02 9.84 9.11
N ILE D 117 -8.57 11.04 8.97
CA ILE D 117 -8.58 11.82 7.73
C ILE D 117 -7.86 13.14 7.95
N HIS D 118 -7.07 13.57 6.95
CA HIS D 118 -6.34 14.82 7.08
C HIS D 118 -7.27 16.03 7.05
N LEU D 119 -6.90 17.05 7.83
CA LEU D 119 -7.51 18.37 7.78
C LEU D 119 -6.73 19.16 6.74
N ASN D 120 -7.43 19.74 5.77
CA ASN D 120 -6.76 20.39 4.66
C ASN D 120 -7.64 21.48 4.04
N ARG D 121 -7.06 22.20 3.09
CA ARG D 121 -7.74 23.23 2.32
C ARG D 121 -7.19 23.26 0.90
N GLU D 122 -7.98 23.88 0.02
CA GLU D 122 -7.59 24.13 -1.37
C GLU D 122 -7.17 22.86 -2.12
N PRO D 123 -8.06 21.87 -2.22
CA PRO D 123 -7.71 20.67 -2.97
C PRO D 123 -7.66 20.94 -4.46
N PHE D 124 -6.82 20.18 -5.15
CA PHE D 124 -6.78 20.26 -6.61
C PHE D 124 -6.32 18.91 -7.13
N VAL D 125 -6.56 18.66 -8.41
CA VAL D 125 -6.19 17.40 -9.05
C VAL D 125 -5.25 17.68 -10.21
N SER D 126 -4.21 16.85 -10.33
CA SER D 126 -3.29 16.91 -11.46
C SER D 126 -3.14 15.49 -11.96
N CYS D 127 -2.99 15.34 -13.29
CA CYS D 127 -2.89 14.01 -13.89
C CYS D 127 -1.66 13.81 -14.74
N SER D 128 -1.19 12.57 -14.71
CA SER D 128 -0.19 12.00 -15.60
C SER D 128 -0.98 11.20 -16.63
N MET D 129 -0.29 10.55 -17.56
CA MET D 129 -1.06 9.77 -18.53
C MET D 129 -1.50 8.43 -17.96
N ASN D 130 -0.92 8.00 -16.82
CA ASN D 130 -1.21 6.71 -16.22
C ASN D 130 -2.00 6.82 -14.92
N GLU D 131 -1.93 7.97 -14.24
CA GLU D 131 -2.63 8.16 -12.98
C GLU D 131 -3.00 9.62 -12.79
N CYS D 132 -4.06 9.84 -12.01
CA CYS D 132 -4.44 11.17 -11.54
C CYS D 132 -4.22 11.18 -10.03
N ARG D 133 -3.76 12.31 -9.51
CA ARG D 133 -3.53 12.47 -8.09
C ARG D 133 -4.27 13.69 -7.58
N HIS D 134 -4.74 13.56 -6.35
CA HIS D 134 -5.47 14.58 -5.64
C HIS D 134 -4.54 15.16 -4.60
N PHE D 135 -4.26 16.46 -4.72
CA PHE D 135 -3.31 17.20 -3.91
C PHE D 135 -4.09 18.12 -2.98
N ALA D 136 -3.51 18.36 -1.80
CA ALA D 136 -4.10 19.32 -0.87
C ALA D 136 -3.01 19.78 0.09
N LEU D 137 -3.29 20.90 0.75
CA LEU D 137 -2.42 21.42 1.79
C LEU D 137 -3.05 21.05 3.13
N GLY D 138 -2.34 20.23 3.90
CA GLY D 138 -2.84 19.73 5.15
C GLY D 138 -2.32 20.56 6.30
N HIS D 139 -2.85 20.24 7.50
CA HIS D 139 -2.45 20.89 8.74
C HIS D 139 -1.81 19.89 9.71
N THR D 140 -1.35 18.74 9.20
CA THR D 140 -0.74 17.69 10.02
C THR D 140 -1.61 17.39 11.25
N ALA D 141 -2.89 17.09 10.99
CA ALA D 141 -3.86 16.82 12.03
C ALA D 141 -4.97 15.96 11.42
N THR D 142 -5.64 15.20 12.29
CA THR D 142 -6.76 14.38 11.84
C THR D 142 -8.07 15.16 11.94
N GLN D 143 -9.06 14.69 11.18
CA GLN D 143 -10.37 15.33 11.14
C GLN D 143 -10.98 15.45 12.54
N ASN D 144 -10.80 14.40 13.37
CA ASN D 144 -11.38 14.34 14.72
C ASN D 144 -10.27 13.96 15.70
N GLY D 145 -9.39 14.92 15.99
CA GLY D 145 -8.25 14.66 16.84
C GLY D 145 -7.88 15.83 17.74
N PRO D 146 -6.86 15.62 18.58
CA PRO D 146 -6.52 16.64 19.58
C PRO D 146 -5.94 17.92 19.00
N TYR D 147 -5.54 17.91 17.72
CA TYR D 147 -4.93 19.07 17.08
C TYR D 147 -5.85 19.68 16.02
N SER D 148 -7.12 19.29 16.00
CA SER D 148 -8.03 19.79 14.98
C SER D 148 -8.37 21.26 15.16
N ALA D 149 -8.30 21.77 16.39
CA ALA D 149 -8.54 23.20 16.60
C ALA D 149 -7.40 23.99 15.97
N GLY D 150 -7.74 25.13 15.37
CA GLY D 150 -6.74 25.98 14.76
C GLY D 150 -6.40 25.64 13.32
N THR D 151 -7.09 24.68 12.72
CA THR D 151 -6.82 24.26 11.34
C THR D 151 -7.59 25.07 10.31
N GLY D 152 -8.24 26.15 10.73
CA GLY D 152 -8.88 27.07 9.80
C GLY D 152 -7.95 28.16 9.34
N ALA D 153 -6.70 28.15 9.84
CA ALA D 153 -5.69 29.13 9.48
C ALA D 153 -5.30 28.97 8.02
N ASP D 154 -4.97 30.09 7.39
CA ASP D 154 -4.54 30.06 6.00
C ASP D 154 -3.07 29.68 5.87
N ARG D 155 -2.24 30.08 6.84
CA ARG D 155 -0.82 29.81 6.79
C ARG D 155 -0.35 29.47 8.19
N SER D 156 0.44 28.41 8.29
CA SER D 156 1.04 28.00 9.55
C SER D 156 2.24 27.13 9.22
N ILE D 157 3.09 26.93 10.22
CA ILE D 157 4.29 26.12 10.02
C ILE D 157 3.96 24.63 9.94
N GLN D 158 2.74 24.25 10.31
CA GLN D 158 2.31 22.87 10.21
C GLN D 158 1.70 22.55 8.86
N ARG D 159 1.64 23.52 7.95
CA ARG D 159 1.07 23.25 6.64
C ARG D 159 2.03 22.44 5.81
N MET D 160 1.49 21.47 5.07
CA MET D 160 2.32 20.65 4.21
C MET D 160 1.55 20.27 2.96
N LEU D 161 2.26 20.04 1.86
CA LEU D 161 1.64 19.59 0.62
C LEU D 161 1.65 18.07 0.58
N PHE D 162 0.49 17.47 0.33
CA PHE D 162 0.42 16.01 0.30
C PHE D 162 -0.59 15.62 -0.76
N SER D 163 -0.51 14.35 -1.18
CA SER D 163 -1.46 13.85 -2.17
C SER D 163 -1.68 12.35 -2.05
N THR D 164 -2.75 11.91 -2.69
CA THR D 164 -3.06 10.50 -2.86
C THR D 164 -3.44 10.28 -4.31
N LYS D 165 -3.56 9.02 -4.71
CA LYS D 165 -4.03 8.79 -6.06
C LYS D 165 -5.49 9.19 -6.10
N LEU D 166 -5.92 9.72 -7.23
CA LEU D 166 -7.33 10.03 -7.35
C LEU D 166 -8.12 8.73 -7.28
N GLY D 167 -9.13 8.71 -6.40
CA GLY D 167 -9.92 7.53 -6.14
C GLY D 167 -9.72 6.94 -4.76
N GLU D 168 -8.65 7.35 -4.06
CA GLU D 168 -8.37 6.92 -2.70
C GLU D 168 -9.11 7.80 -1.70
N PRO D 169 -9.42 7.29 -0.50
CA PRO D 169 -10.17 8.09 0.46
C PRO D 169 -9.46 9.32 1.02
N PHE D 170 -8.16 9.51 0.76
CA PHE D 170 -7.41 10.67 1.23
C PHE D 170 -7.26 10.64 2.76
N THR D 171 -7.02 9.44 3.27
CA THR D 171 -6.79 9.14 4.67
C THR D 171 -5.34 9.40 5.05
N ILE D 172 -5.10 9.35 6.35
CA ILE D 172 -3.78 9.60 6.92
C ILE D 172 -2.78 8.57 6.40
N ASP D 173 -3.21 7.32 6.26
CA ASP D 173 -2.31 6.25 5.84
C ASP D 173 -2.02 6.28 4.34
N ASN D 174 -2.96 6.76 3.54
CA ASN D 174 -2.78 6.84 2.09
C ASN D 174 -2.04 8.09 1.66
N ALA D 175 -2.14 9.17 2.43
CA ALA D 175 -1.50 10.42 2.07
C ALA D 175 0.02 10.31 2.10
N ILE D 176 0.65 10.90 1.08
CA ILE D 176 2.10 11.03 0.99
C ILE D 176 2.42 12.51 1.08
N VAL D 177 3.29 12.89 2.00
CA VAL D 177 3.71 14.28 2.16
C VAL D 177 4.88 14.53 1.22
N HIS D 178 4.79 15.62 0.44
CA HIS D 178 5.84 15.94 -0.52
C HIS D 178 6.86 16.90 0.04
N MET D 179 6.41 17.91 0.78
CA MET D 179 7.27 18.90 1.41
C MET D 179 6.38 19.81 2.24
N SER D 180 7.00 20.57 3.12
CA SER D 180 6.27 21.58 3.87
C SER D 180 5.86 22.72 2.95
N GLY D 181 4.76 23.37 3.30
CA GLY D 181 4.31 24.50 2.52
C GLY D 181 2.89 24.91 2.78
N TRP D 182 2.65 26.21 2.90
CA TRP D 182 1.33 26.74 3.12
C TRP D 182 0.68 27.19 1.80
N SER D 183 1.40 27.07 0.68
CA SER D 183 0.81 27.37 -0.62
C SER D 183 1.50 26.45 -1.61
N GLY D 184 0.79 25.93 -2.61
CA GLY D 184 1.50 25.11 -3.57
C GLY D 184 0.70 24.65 -4.77
N SER D 185 1.42 24.00 -5.68
CA SER D 185 0.91 23.48 -6.94
C SER D 185 1.72 22.24 -7.31
N ALA D 186 1.21 21.48 -8.29
CA ALA D 186 1.94 20.32 -8.78
C ALA D 186 1.47 20.00 -10.19
N CYS D 187 2.35 19.35 -10.96
CA CYS D 187 2.00 18.91 -12.30
C CYS D 187 2.97 17.83 -12.74
N HIS D 188 2.65 17.15 -13.84
CA HIS D 188 3.48 16.08 -14.38
C HIS D 188 3.82 16.44 -15.82
N ASP D 189 5.10 16.32 -16.18
CA ASP D 189 5.61 16.71 -17.49
C ASP D 189 5.66 15.58 -18.51
N GLY D 190 5.14 14.42 -18.18
CA GLY D 190 5.19 13.24 -19.02
C GLY D 190 6.26 12.25 -18.60
N VAL D 191 7.18 12.65 -17.71
CA VAL D 191 8.24 11.81 -17.21
C VAL D 191 8.14 11.63 -15.70
N GLU D 192 8.05 12.74 -14.96
CA GLU D 192 8.04 12.70 -13.50
C GLU D 192 7.27 13.90 -12.97
N TRP D 193 6.82 13.78 -11.72
CA TRP D 193 6.07 14.83 -11.05
C TRP D 193 6.96 15.98 -10.58
N THR D 194 6.49 17.19 -10.81
CA THR D 194 7.10 18.43 -10.36
C THR D 194 6.17 19.02 -9.32
N TYR D 195 6.72 19.40 -8.17
CA TYR D 195 5.96 19.97 -7.07
C TYR D 195 6.54 21.34 -6.76
N VAL D 196 5.67 22.30 -6.50
CA VAL D 196 6.07 23.67 -6.15
C VAL D 196 5.32 24.06 -4.91
N THR D 197 6.02 24.56 -3.89
CA THR D 197 5.35 25.08 -2.71
C THR D 197 5.97 26.40 -2.32
N VAL D 198 5.25 27.15 -1.50
CA VAL D 198 5.73 28.35 -0.86
C VAL D 198 5.60 28.13 0.63
N PHE D 199 6.70 28.40 1.34
CA PHE D 199 6.83 28.21 2.78
C PHE D 199 7.82 29.24 3.32
N GLY D 200 7.46 29.85 4.44
CA GLY D 200 8.33 30.80 5.11
C GLY D 200 7.51 31.85 5.82
N THR D 201 8.21 32.86 6.32
CA THR D 201 7.55 33.95 7.02
C THR D 201 6.83 34.81 5.98
N ASP D 202 5.65 35.33 6.35
CA ASP D 202 4.82 36.14 5.46
C ASP D 202 5.62 37.18 4.67
N PRO D 203 6.38 38.08 5.32
CA PRO D 203 7.10 39.11 4.54
C PRO D 203 8.29 38.58 3.74
N ASP D 204 8.70 37.34 3.93
CA ASP D 204 9.89 36.80 3.27
C ASP D 204 9.78 35.29 3.08
N ALA D 205 8.75 34.84 2.36
CA ALA D 205 8.56 33.42 2.13
C ALA D 205 9.41 32.98 0.94
N LEU D 206 9.70 31.67 0.90
CA LEU D 206 10.48 31.07 -0.18
C LEU D 206 9.67 30.07 -0.99
N VAL D 207 9.81 30.13 -2.31
CA VAL D 207 9.22 29.16 -3.23
C VAL D 207 10.26 28.06 -3.38
N LYS D 208 9.85 26.81 -3.24
CA LYS D 208 10.75 25.69 -3.48
C LYS D 208 10.13 24.76 -4.48
N THR D 209 10.97 24.18 -5.34
CA THR D 209 10.54 23.23 -6.34
C THR D 209 11.27 21.92 -6.08
N LYS D 210 10.53 20.84 -6.31
CA LYS D 210 11.00 19.47 -6.17
C LYS D 210 10.64 18.70 -7.43
N TYR D 211 11.52 17.81 -7.86
CA TYR D 211 11.27 16.98 -9.04
C TYR D 211 11.63 15.55 -8.70
N GLY D 212 10.65 14.66 -8.73
CA GLY D 212 10.93 13.26 -8.50
C GLY D 212 11.42 12.86 -7.12
N ASN D 213 10.90 13.50 -6.07
CA ASN D 213 11.28 13.33 -4.66
C ASN D 213 12.64 13.95 -4.31
N ASN D 214 13.29 14.62 -5.26
CA ASN D 214 14.56 15.31 -5.01
C ASN D 214 14.36 16.81 -5.15
N LEU D 215 14.67 17.56 -4.09
CA LEU D 215 14.53 19.01 -4.11
C LEU D 215 15.47 19.57 -5.16
N VAL D 216 14.97 20.49 -6.01
CA VAL D 216 15.75 20.99 -7.14
C VAL D 216 16.06 22.48 -7.02
N ASP D 217 15.05 23.32 -6.78
CA ASP D 217 15.33 24.75 -6.87
C ASP D 217 14.48 25.58 -5.90
N SER D 218 14.71 26.89 -5.93
CA SER D 218 13.98 27.82 -5.09
C SER D 218 13.94 29.19 -5.76
N TYR D 219 12.99 30.01 -5.30
CA TYR D 219 12.82 31.39 -5.77
C TYR D 219 12.39 32.24 -4.58
N ARG D 220 13.02 33.40 -4.39
CA ARG D 220 12.74 34.21 -3.21
C ARG D 220 11.63 35.22 -3.47
N SER D 221 10.91 35.55 -2.39
CA SER D 221 9.90 36.62 -2.39
C SER D 221 10.44 37.87 -3.06
N PHE D 222 9.58 38.51 -3.87
CA PHE D 222 9.98 39.69 -4.66
C PHE D 222 9.24 40.98 -4.33
N ALA D 223 8.11 40.94 -3.62
CA ALA D 223 7.36 42.15 -3.29
C ALA D 223 7.34 42.46 -1.80
N GLY D 224 7.94 41.61 -0.96
CA GLY D 224 7.93 41.85 0.47
C GLY D 224 6.60 41.59 1.15
N ASN D 225 5.79 40.68 0.61
CA ASN D 225 4.47 40.37 1.13
C ASN D 225 4.24 38.88 0.93
N ILE D 226 3.04 38.41 1.29
CA ILE D 226 2.78 36.97 1.28
C ILE D 226 2.94 36.47 -0.15
N LEU D 227 3.86 35.52 -0.34
CA LEU D 227 4.13 34.91 -1.63
C LEU D 227 3.17 33.73 -1.81
N ARG D 228 2.52 33.64 -2.97
CA ARG D 228 1.46 32.66 -3.19
C ARG D 228 1.64 31.97 -4.54
N THR D 229 1.07 30.77 -4.66
CA THR D 229 1.05 29.98 -5.89
C THR D 229 -0.40 29.87 -6.41
N GLN D 230 -0.59 29.08 -7.47
CA GLN D 230 -1.88 28.91 -8.13
C GLN D 230 -2.90 28.16 -7.28
N GLU D 231 -2.45 27.25 -6.41
CA GLU D 231 -3.34 26.33 -5.70
C GLU D 231 -4.07 25.43 -6.69
N SER D 232 -3.42 25.15 -7.83
CA SER D 232 -3.98 24.30 -8.87
C SER D 232 -2.84 23.80 -9.75
N GLU D 233 -3.19 22.93 -10.68
CA GLU D 233 -2.24 22.32 -11.61
C GLU D 233 -1.43 23.34 -12.42
N CYS D 234 -0.12 23.11 -12.50
CA CYS D 234 0.80 23.88 -13.35
C CYS D 234 0.81 23.23 -14.73
N VAL D 235 1.13 24.02 -15.76
CA VAL D 235 1.02 23.52 -17.15
C VAL D 235 2.38 23.21 -17.77
N CYS D 236 2.56 21.96 -18.20
CA CYS D 236 3.81 21.49 -18.80
C CYS D 236 3.64 21.36 -20.31
N LEU D 237 4.55 22.01 -21.05
CA LEU D 237 4.62 21.98 -22.51
C LEU D 237 5.98 21.44 -22.95
N ASN D 238 5.99 20.17 -23.37
CA ASN D 238 7.20 19.50 -23.85
C ASN D 238 8.35 19.58 -22.85
N GLY D 239 8.01 19.42 -21.57
CA GLY D 239 8.99 19.41 -20.51
C GLY D 239 9.13 20.72 -19.77
N SER D 240 8.67 21.83 -20.33
CA SER D 240 8.77 23.12 -19.65
C SER D 240 7.46 23.36 -18.91
N CYS D 241 7.53 23.47 -17.59
CA CYS D 241 6.36 23.60 -16.73
C CYS D 241 6.25 25.04 -16.24
N TYR D 242 5.08 25.63 -16.47
CA TYR D 242 4.78 27.02 -16.17
C TYR D 242 3.88 27.07 -14.94
N VAL D 243 4.43 27.65 -13.87
CA VAL D 243 3.75 27.78 -12.58
C VAL D 243 3.65 29.26 -12.23
N MET D 244 2.47 29.69 -11.79
CA MET D 244 2.26 31.08 -11.40
C MET D 244 2.64 31.30 -9.94
N ILE D 245 3.38 32.38 -9.69
CA ILE D 245 3.65 32.85 -8.34
C ILE D 245 3.27 34.32 -8.31
N THR D 246 2.82 34.79 -7.15
CA THR D 246 2.46 36.20 -6.99
C THR D 246 2.93 36.63 -5.60
N ASP D 247 3.07 37.95 -5.42
CA ASP D 247 3.57 38.46 -4.15
C ASP D 247 3.08 39.89 -3.98
N GLY D 248 2.31 40.14 -2.93
CA GLY D 248 1.81 41.46 -2.69
C GLY D 248 0.69 41.44 -1.66
N TYR D 249 0.22 42.65 -1.33
CA TYR D 249 -0.86 42.80 -0.37
C TYR D 249 -2.18 42.42 -1.04
N ALA D 250 -2.93 41.53 -0.40
CA ALA D 250 -4.17 41.03 -0.98
C ALA D 250 -5.40 41.86 -0.62
N GLY D 251 -5.24 42.93 0.15
CA GLY D 251 -6.37 43.75 0.58
C GLY D 251 -6.58 44.93 -0.34
N GLY D 252 -7.46 45.83 0.10
CA GLY D 252 -7.80 46.98 -0.72
C GLY D 252 -6.60 47.90 -0.88
N GLY D 253 -6.42 48.40 -2.10
CA GLY D 253 -5.32 49.30 -2.37
C GLY D 253 -4.00 48.61 -2.62
N GLY D 254 -3.98 47.27 -2.55
CA GLY D 254 -2.76 46.52 -2.75
C GLY D 254 -2.44 46.28 -4.20
N VAL D 255 -1.19 45.90 -4.44
CA VAL D 255 -0.68 45.53 -5.75
C VAL D 255 -0.08 44.15 -5.62
N SER D 256 -0.46 43.25 -6.53
CA SER D 256 0.00 41.86 -6.54
C SER D 256 0.34 41.46 -7.98
N GLN D 257 1.56 41.74 -8.40
CA GLN D 257 1.95 41.47 -9.78
C GLN D 257 2.51 40.06 -9.84
N ALA D 258 1.91 39.24 -10.69
CA ALA D 258 2.28 37.85 -10.82
C ALA D 258 3.50 37.67 -11.74
N ARG D 259 4.18 36.55 -11.55
CA ARG D 259 5.27 36.12 -12.39
C ARG D 259 5.02 34.63 -12.65
N PHE D 260 5.47 34.16 -13.80
CA PHE D 260 5.39 32.74 -14.15
C PHE D 260 6.78 32.15 -14.20
N LEU D 261 7.02 31.13 -13.39
CA LEU D 261 8.31 30.47 -13.37
C LEU D 261 8.24 29.35 -14.37
N VAL D 262 9.28 29.23 -15.20
CA VAL D 262 9.38 28.19 -16.20
C VAL D 262 10.46 27.25 -15.68
N MET D 263 10.04 26.01 -15.43
CA MET D 263 10.86 24.96 -14.84
C MET D 263 11.10 23.86 -15.85
N LYS D 264 12.30 23.26 -15.83
CA LYS D 264 12.57 22.06 -16.61
C LYS D 264 13.28 21.09 -15.69
N GLN D 265 12.64 19.94 -15.44
CA GLN D 265 13.10 18.96 -14.45
C GLN D 265 13.25 19.58 -13.07
N GLY D 266 12.36 20.51 -12.74
CA GLY D 266 12.32 21.19 -11.47
C GLY D 266 13.25 22.36 -11.34
N LYS D 267 14.15 22.58 -12.30
CA LYS D 267 15.11 23.66 -12.25
C LYS D 267 14.43 24.85 -12.90
N ILE D 268 14.52 26.02 -12.26
CA ILE D 268 13.87 27.19 -12.84
C ILE D 268 14.81 27.70 -13.91
N ILE D 269 14.34 27.70 -15.16
CA ILE D 269 15.13 28.06 -16.32
C ILE D 269 14.76 29.47 -16.75
N ASP D 270 13.53 29.90 -16.48
CA ASP D 270 13.18 31.26 -16.87
C ASP D 270 12.07 31.81 -15.98
N VAL D 271 11.95 33.13 -15.99
CA VAL D 271 10.87 33.82 -15.29
C VAL D 271 10.24 34.78 -16.28
N ILE D 272 8.93 34.66 -16.48
CA ILE D 272 8.16 35.52 -17.37
C ILE D 272 7.35 36.47 -16.50
N ASN D 273 7.61 37.76 -16.62
CA ASN D 273 6.89 38.73 -15.81
C ASN D 273 5.65 39.13 -16.59
N THR D 274 4.66 39.67 -15.88
CA THR D 274 3.42 40.07 -16.52
C THR D 274 3.45 41.50 -17.03
N SER D 275 2.53 41.77 -17.95
CA SER D 275 2.30 43.08 -18.54
C SER D 275 0.79 43.21 -18.74
N GLY D 276 0.36 44.38 -19.22
CA GLY D 276 -1.07 44.60 -19.32
C GLY D 276 -1.56 44.99 -17.94
N ARG D 277 -2.73 44.52 -17.53
CA ARG D 277 -3.24 44.90 -16.21
C ARG D 277 -2.58 44.00 -15.17
N SER D 278 -1.30 44.25 -14.95
CA SER D 278 -0.46 43.45 -14.09
C SER D 278 -0.71 43.73 -12.61
N LYS D 279 -1.42 44.83 -12.32
CA LYS D 279 -1.63 45.33 -10.97
C LYS D 279 -2.05 44.28 -9.93
N PHE D 280 -2.96 43.36 -10.28
CA PHE D 280 -3.37 42.38 -9.27
C PHE D 280 -3.78 41.07 -9.94
N THR D 281 -2.92 40.07 -9.85
CA THR D 281 -3.15 38.74 -10.41
C THR D 281 -2.92 37.74 -9.29
N GLU D 282 -3.90 36.87 -9.03
CA GLU D 282 -3.80 35.90 -7.94
C GLU D 282 -4.58 34.63 -8.25
N GLU D 283 -4.10 33.52 -7.69
CA GLU D 283 -4.77 32.21 -7.76
C GLU D 283 -5.20 31.84 -9.17
N CYS D 284 -4.26 31.86 -10.09
CA CYS D 284 -4.56 31.62 -11.50
C CYS D 284 -4.80 30.14 -11.75
N THR D 285 -5.88 29.85 -12.49
CA THR D 285 -6.18 28.50 -12.95
C THR D 285 -5.81 28.49 -14.42
N CYS D 286 -4.84 27.66 -14.77
CA CYS D 286 -4.25 27.69 -16.10
C CYS D 286 -4.52 26.40 -16.87
N ALA D 287 -4.62 26.55 -18.18
CA ALA D 287 -4.77 25.44 -19.09
C ALA D 287 -4.05 25.81 -20.37
N ALA D 288 -3.55 24.80 -21.07
CA ALA D 288 -2.93 25.05 -22.36
C ALA D 288 -3.98 25.41 -23.39
N THR D 289 -3.61 26.31 -24.30
CA THR D 289 -4.45 26.67 -25.44
C THR D 289 -3.84 26.17 -26.74
N GLY D 290 -2.83 25.31 -26.64
CA GLY D 290 -2.15 24.69 -27.75
C GLY D 290 -0.66 24.72 -27.49
N ASN D 291 0.10 24.11 -28.40
CA ASN D 291 1.54 24.11 -28.23
C ASN D 291 2.04 25.54 -28.32
N THR D 292 2.97 25.89 -27.43
CA THR D 292 3.59 27.19 -27.32
C THR D 292 2.70 28.24 -26.64
N THR D 293 1.46 27.93 -26.22
CA THR D 293 0.62 28.95 -25.60
C THR D 293 -0.17 28.42 -24.42
N ILE D 294 -0.24 29.23 -23.36
CA ILE D 294 -0.97 28.89 -22.13
C ILE D 294 -1.88 30.06 -21.79
N MET D 295 -3.10 29.78 -21.34
CA MET D 295 -3.99 30.84 -20.90
C MET D 295 -4.51 30.52 -19.51
N CYS D 296 -4.61 31.55 -18.67
CA CYS D 296 -5.05 31.44 -17.28
C CYS D 296 -6.18 32.41 -16.98
N ALA D 297 -7.09 32.01 -16.10
CA ALA D 297 -8.13 32.87 -15.54
C ALA D 297 -7.86 33.03 -14.06
N CYS D 298 -7.61 34.27 -13.61
CA CYS D 298 -7.11 34.53 -12.28
C CYS D 298 -8.16 35.24 -11.41
N ARG D 299 -7.81 35.42 -10.14
CA ARG D 299 -8.62 36.14 -9.16
C ARG D 299 -8.11 37.57 -9.01
N ASP D 300 -9.03 38.49 -8.71
CA ASP D 300 -8.70 39.86 -8.32
C ASP D 300 -9.49 40.15 -7.04
N ASN D 301 -8.78 40.24 -5.91
CA ASN D 301 -9.39 40.32 -4.59
C ASN D 301 -9.46 41.75 -4.04
N ALA D 302 -9.27 42.78 -4.88
CA ALA D 302 -9.21 44.13 -4.36
C ALA D 302 -9.98 45.18 -5.15
N TYR D 303 -10.02 45.10 -6.47
CA TYR D 303 -10.57 46.19 -7.28
C TYR D 303 -11.84 45.84 -8.05
N THR D 304 -11.95 44.63 -8.59
CA THR D 304 -13.07 44.25 -9.44
C THR D 304 -13.58 42.86 -9.07
N ASP D 305 -14.58 42.42 -9.83
CA ASP D 305 -15.18 41.10 -9.71
C ASP D 305 -15.16 40.37 -11.06
N ARG D 306 -14.44 40.90 -12.04
CA ARG D 306 -14.18 40.27 -13.32
C ARG D 306 -12.82 39.60 -13.21
N ARG D 307 -12.70 38.38 -13.70
CA ARG D 307 -11.42 37.73 -13.52
C ARG D 307 -10.37 38.26 -14.51
N PRO D 308 -9.12 38.46 -14.06
CA PRO D 308 -8.03 38.66 -15.01
C PRO D 308 -7.76 37.42 -15.83
N ILE D 309 -7.46 37.63 -17.11
CA ILE D 309 -7.06 36.57 -18.02
C ILE D 309 -5.62 36.87 -18.41
N VAL D 310 -4.77 35.85 -18.30
CA VAL D 310 -3.35 35.95 -18.60
C VAL D 310 -3.06 35.10 -19.83
N ALA D 311 -2.58 35.73 -20.89
CA ALA D 311 -2.21 35.05 -22.14
C ALA D 311 -0.69 34.93 -22.15
N ILE D 312 -0.18 33.70 -22.07
CA ILE D 312 1.25 33.44 -21.97
C ILE D 312 1.72 32.89 -23.31
N ASP D 313 2.61 33.65 -23.96
CA ASP D 313 3.24 33.28 -25.21
C ASP D 313 4.64 32.80 -24.84
N THR D 314 4.89 31.50 -24.97
CA THR D 314 6.11 30.89 -24.47
C THR D 314 7.29 31.06 -25.41
N ILE D 315 7.08 31.56 -26.63
CA ILE D 315 8.17 31.86 -27.54
C ILE D 315 8.55 33.32 -27.40
N ALA D 316 7.53 34.18 -27.32
CA ALA D 316 7.75 35.59 -27.10
C ALA D 316 8.16 35.81 -25.64
N LYS D 317 7.82 34.85 -24.77
CA LYS D 317 8.13 34.89 -23.35
C LYS D 317 7.46 36.09 -22.70
N THR D 318 6.16 36.24 -22.97
CA THR D 318 5.39 37.34 -22.40
C THR D 318 4.06 36.85 -21.86
N ALA D 319 3.63 37.43 -20.75
CA ALA D 319 2.33 37.15 -20.15
C ALA D 319 1.52 38.44 -20.13
N ASN D 320 0.51 38.51 -20.99
CA ASN D 320 -0.33 39.70 -21.15
C ASN D 320 -1.58 39.53 -20.30
N VAL D 321 -1.79 40.43 -19.36
CA VAL D 321 -2.88 40.32 -18.40
C VAL D 321 -3.92 41.39 -18.72
N GLY D 322 -5.19 41.01 -18.65
CA GLY D 322 -6.26 41.99 -18.80
C GLY D 322 -7.53 41.41 -18.23
N LEU D 323 -8.52 42.26 -18.01
CA LEU D 323 -9.76 41.77 -17.41
C LEU D 323 -10.70 41.25 -18.48
N MET D 324 -11.50 40.26 -18.11
CA MET D 324 -12.50 39.77 -19.04
C MET D 324 -13.44 40.91 -19.40
N CYS D 325 -13.64 41.12 -20.68
CA CYS D 325 -14.50 42.21 -21.13
C CYS D 325 -15.96 41.75 -21.21
N SER D 326 -16.23 40.46 -20.94
CA SER D 326 -17.57 39.90 -21.00
C SER D 326 -18.49 40.49 -19.93
N PRO D 327 -19.77 40.74 -20.24
CA PRO D 327 -20.72 41.14 -19.17
C PRO D 327 -20.89 40.12 -18.05
N THR D 328 -20.57 38.84 -18.26
CA THR D 328 -20.77 37.85 -17.21
C THR D 328 -19.58 37.90 -16.27
N ARG D 329 -19.86 38.18 -14.99
CA ARG D 329 -18.83 38.33 -13.98
C ARG D 329 -18.65 36.98 -13.30
N MET D 330 -17.41 36.51 -13.22
CA MET D 330 -17.11 35.18 -12.70
C MET D 330 -16.63 35.10 -11.25
N ASP D 331 -16.41 36.23 -10.57
CA ASP D 331 -15.89 36.14 -9.21
C ASP D 331 -17.02 36.15 -8.17
N THR D 332 -16.63 36.04 -6.90
CA THR D 332 -17.55 36.07 -5.76
C THR D 332 -16.93 36.85 -4.60
N PRO D 333 -17.50 37.98 -4.14
CA PRO D 333 -18.77 38.62 -4.51
C PRO D 333 -18.73 39.24 -5.90
N ARG D 334 -19.89 39.45 -6.50
CA ARG D 334 -19.96 40.09 -7.81
C ARG D 334 -21.25 40.90 -7.91
N SER D 335 -21.20 41.93 -8.74
CA SER D 335 -22.36 42.73 -9.05
C SER D 335 -23.19 42.02 -10.12
N ALA D 336 -24.39 42.54 -10.36
CA ALA D 336 -25.23 41.95 -11.39
C ALA D 336 -24.54 42.08 -12.74
N ASP D 337 -24.70 41.06 -13.58
CA ASP D 337 -24.07 41.07 -14.89
C ASP D 337 -24.44 42.30 -15.69
N SER D 338 -23.42 42.93 -16.27
CA SER D 338 -23.56 44.15 -17.06
C SER D 338 -22.26 44.32 -17.82
N ALA D 339 -22.32 45.03 -18.93
CA ALA D 339 -21.07 45.29 -19.64
C ALA D 339 -20.26 46.37 -18.90
N PRO D 340 -18.94 46.26 -18.88
CA PRO D 340 -18.11 47.36 -18.36
C PRO D 340 -18.10 48.55 -19.32
N SER D 341 -17.86 49.74 -18.76
CA SER D 341 -17.79 50.92 -19.61
C SER D 341 -16.55 50.86 -20.49
N SER D 342 -15.52 50.18 -20.01
CA SER D 342 -14.29 49.94 -20.76
C SER D 342 -13.75 48.67 -20.14
N CYS D 343 -13.13 47.86 -20.98
CA CYS D 343 -12.71 46.52 -20.61
C CYS D 343 -11.84 46.42 -19.35
N ASN D 344 -10.86 47.32 -19.16
CA ASN D 344 -9.95 47.23 -18.02
C ASN D 344 -10.19 48.26 -16.93
N VAL D 345 -11.38 48.81 -16.85
CA VAL D 345 -11.76 49.74 -15.79
C VAL D 345 -12.26 48.93 -14.60
N ASP D 346 -11.81 49.30 -13.42
CA ASP D 346 -12.19 48.57 -12.22
C ASP D 346 -13.63 48.93 -11.87
N ASP D 347 -14.52 47.94 -11.99
CA ASP D 347 -15.95 48.12 -11.77
C ASP D 347 -16.48 46.83 -11.16
N GLY D 348 -17.03 46.94 -9.96
CA GLY D 348 -17.47 45.76 -9.24
C GLY D 348 -17.94 46.13 -7.85
N THR D 349 -17.94 45.13 -6.97
CA THR D 349 -18.41 45.27 -5.61
C THR D 349 -17.30 45.58 -4.62
N GLY D 350 -16.07 45.75 -5.09
CA GLY D 350 -14.93 45.98 -4.23
C GLY D 350 -14.10 44.72 -4.08
N GLY D 351 -13.34 44.68 -3.00
CA GLY D 351 -12.38 43.61 -2.86
C GLY D 351 -13.05 42.32 -2.44
N GLY D 352 -12.23 41.29 -2.31
CA GLY D 352 -12.71 39.94 -2.07
C GLY D 352 -12.79 39.16 -3.36
N GLY D 353 -12.80 37.83 -3.23
CA GLY D 353 -12.88 36.99 -4.40
C GLY D 353 -12.68 35.54 -4.04
N VAL D 354 -12.89 34.70 -5.04
CA VAL D 354 -12.74 33.26 -4.90
C VAL D 354 -11.99 32.74 -6.12
N LYS D 355 -11.17 31.72 -5.90
CA LYS D 355 -10.54 31.05 -7.02
C LYS D 355 -11.64 30.39 -7.84
N GLY D 356 -11.55 30.51 -9.17
CA GLY D 356 -12.53 29.93 -10.05
C GLY D 356 -11.94 28.92 -11.03
N GLY D 357 -12.86 28.22 -11.69
CA GLY D 357 -12.45 27.24 -12.68
C GLY D 357 -12.23 27.87 -14.03
N PHE D 358 -11.47 27.16 -14.86
CA PHE D 358 -11.21 27.61 -16.22
C PHE D 358 -10.77 26.41 -17.03
N ALA D 359 -11.51 26.09 -18.08
CA ALA D 359 -11.21 24.93 -18.90
C ALA D 359 -11.17 25.37 -20.35
N VAL D 360 -10.31 24.69 -21.12
CA VAL D 360 -10.16 24.93 -22.55
C VAL D 360 -10.41 23.63 -23.28
N VAL D 361 -11.32 23.66 -24.24
CA VAL D 361 -11.61 22.53 -25.10
C VAL D 361 -10.94 22.86 -26.42
N ARG D 362 -9.82 22.20 -26.68
CA ARG D 362 -9.00 22.47 -27.85
C ARG D 362 -9.54 21.67 -29.02
N ARG D 363 -9.84 22.36 -30.12
CA ARG D 363 -10.38 21.72 -31.30
C ARG D 363 -9.63 22.21 -32.53
N PRO D 364 -9.58 21.42 -33.61
CA PRO D 364 -8.90 21.88 -34.83
C PRO D 364 -9.40 23.20 -35.40
N ASN D 365 -10.63 23.61 -35.10
CA ASN D 365 -11.21 24.83 -35.64
C ASN D 365 -11.27 25.97 -34.62
N GLY D 366 -10.51 25.88 -33.52
CA GLY D 366 -10.48 26.92 -32.51
C GLY D 366 -10.80 26.38 -31.14
N ASN D 367 -10.43 27.11 -30.10
CA ASN D 367 -10.64 26.67 -28.73
C ASN D 367 -11.96 27.21 -28.21
N GLN D 368 -12.58 26.45 -27.29
CA GLN D 368 -13.75 26.88 -26.55
C GLN D 368 -13.37 26.99 -25.08
N PHE D 369 -13.88 28.01 -24.41
CA PHE D 369 -13.56 28.23 -23.01
C PHE D 369 -14.80 28.01 -22.14
N TYR D 370 -14.59 27.39 -20.99
CA TYR D 370 -15.64 27.13 -20.02
C TYR D 370 -15.21 27.70 -18.68
N TYR D 371 -16.18 28.18 -17.90
CA TYR D 371 -15.88 28.82 -16.63
C TYR D 371 -16.78 28.24 -15.55
N THR D 372 -16.31 28.28 -14.30
CA THR D 372 -17.19 27.97 -13.18
C THR D 372 -17.47 29.27 -12.45
N ARG D 373 -18.65 29.32 -11.83
CA ARG D 373 -19.10 30.50 -11.10
C ARG D 373 -19.90 30.04 -9.89
N THR D 374 -19.90 30.81 -8.82
CA THR D 374 -20.74 30.37 -7.71
C THR D 374 -22.20 30.61 -8.10
N GLY D 375 -23.11 29.92 -7.42
CA GLY D 375 -24.51 30.10 -7.78
C GLY D 375 -25.06 31.44 -7.36
N SER D 376 -24.99 31.73 -6.06
CA SER D 376 -25.53 32.95 -5.49
C SER D 376 -24.48 34.05 -5.57
N ALA D 377 -24.82 35.15 -6.23
CA ALA D 377 -23.89 36.28 -6.25
C ALA D 377 -23.78 36.83 -4.83
N SER D 378 -22.57 37.20 -4.43
CA SER D 378 -22.20 37.80 -3.14
C SER D 378 -21.86 36.74 -2.09
N SER D 379 -22.06 35.46 -2.36
CA SER D 379 -21.75 34.41 -1.40
C SER D 379 -21.29 33.16 -2.13
N ARG D 380 -20.40 32.40 -1.49
CA ARG D 380 -19.85 31.18 -2.08
C ARG D 380 -20.85 30.04 -1.90
N VAL D 381 -21.95 30.13 -2.62
CA VAL D 381 -23.06 29.18 -2.52
C VAL D 381 -23.39 28.68 -3.92
N GLY D 382 -23.44 27.36 -4.08
CA GLY D 382 -23.78 26.76 -5.35
C GLY D 382 -22.63 26.82 -6.33
N MET D 383 -22.87 26.27 -7.52
CA MET D 383 -21.85 26.32 -8.55
C MET D 383 -22.47 26.05 -9.90
N GLU D 384 -22.16 26.93 -10.85
CA GLU D 384 -22.62 26.89 -12.23
C GLU D 384 -21.42 26.68 -13.13
N VAL D 385 -21.67 26.12 -14.31
CA VAL D 385 -20.68 26.06 -15.38
C VAL D 385 -21.20 26.95 -16.50
N ARG D 386 -20.39 27.93 -16.87
CA ARG D 386 -20.73 28.85 -17.95
C ARG D 386 -20.17 28.26 -19.23
N GLY D 387 -21.05 28.20 -20.23
CA GLY D 387 -20.86 27.48 -21.46
C GLY D 387 -19.77 28.03 -22.36
N PRO D 388 -19.62 27.39 -23.52
CA PRO D 388 -18.46 27.65 -24.37
C PRO D 388 -18.42 29.09 -24.85
N GLN D 389 -17.26 29.71 -24.67
CA GLN D 389 -16.97 31.04 -25.19
C GLN D 389 -16.03 30.84 -26.36
N THR D 390 -16.43 31.30 -27.55
CA THR D 390 -15.63 31.12 -28.75
C THR D 390 -14.87 32.39 -29.10
N GLU D 391 -15.04 33.44 -28.31
CA GLU D 391 -14.39 34.73 -28.44
C GLU D 391 -13.20 34.69 -27.50
N ASP D 392 -12.20 35.52 -27.78
CA ASP D 392 -11.05 35.60 -26.89
C ASP D 392 -11.54 35.93 -25.48
N PRO D 393 -11.16 35.14 -24.43
CA PRO D 393 -11.59 35.45 -23.06
C PRO D 393 -11.30 36.86 -22.58
N MET D 394 -10.32 37.52 -23.19
CA MET D 394 -10.01 38.88 -22.78
C MET D 394 -10.92 39.88 -23.47
N THR D 395 -10.92 39.89 -24.81
CA THR D 395 -11.59 40.93 -25.58
C THR D 395 -12.90 40.52 -26.24
N GLY D 396 -13.46 39.34 -25.94
CA GLY D 396 -14.70 38.93 -26.58
C GLY D 396 -15.83 39.94 -26.47
N THR D 397 -16.17 40.33 -25.25
CA THR D 397 -17.25 41.26 -24.87
C THR D 397 -18.65 40.64 -24.93
N SER D 398 -18.82 39.43 -25.45
CA SER D 398 -20.13 38.80 -25.44
C SER D 398 -20.42 38.14 -24.09
N ALA D 399 -21.70 37.93 -23.82
CA ALA D 399 -22.08 37.21 -22.61
C ALA D 399 -21.75 35.73 -22.79
N ILE D 400 -21.51 35.05 -21.68
CA ILE D 400 -21.15 33.63 -21.69
C ILE D 400 -22.38 32.85 -21.22
N PRO D 401 -22.99 32.00 -22.07
CA PRO D 401 -24.27 31.40 -21.69
C PRO D 401 -24.10 30.39 -20.57
N LEU D 402 -25.18 30.17 -19.83
CA LEU D 402 -25.17 29.16 -18.79
C LEU D 402 -25.26 27.79 -19.46
N LEU D 403 -24.39 26.87 -19.04
CA LEU D 403 -24.43 25.51 -19.58
C LEU D 403 -25.23 24.58 -18.69
N ASP D 404 -24.86 24.52 -17.41
CA ASP D 404 -25.44 23.65 -16.40
C ASP D 404 -25.27 24.32 -15.05
N ILE D 405 -26.12 23.92 -14.11
CA ILE D 405 -25.92 24.24 -12.70
C ILE D 405 -25.47 22.93 -12.08
N ILE D 406 -24.23 22.89 -11.61
CA ILE D 406 -23.63 21.64 -11.18
C ILE D 406 -23.77 21.42 -9.68
N VAL D 407 -23.84 22.50 -8.90
CA VAL D 407 -24.08 22.44 -7.47
C VAL D 407 -25.23 23.40 -7.17
N SER D 408 -26.23 22.91 -6.43
CA SER D 408 -27.38 23.73 -6.08
C SER D 408 -26.99 24.77 -5.03
N THR D 409 -27.87 25.76 -4.84
CA THR D 409 -27.57 26.83 -3.90
C THR D 409 -27.86 26.44 -2.46
N SER D 410 -28.28 25.21 -2.21
CA SER D 410 -28.45 24.72 -0.85
C SER D 410 -27.14 24.19 -0.30
N VAL D 411 -26.12 24.04 -1.14
CA VAL D 411 -24.83 23.46 -0.78
C VAL D 411 -23.76 24.53 -0.90
N ASN D 412 -22.99 24.72 0.18
CA ASN D 412 -21.92 25.70 0.16
C ASN D 412 -20.75 25.17 -0.67
N THR D 413 -20.06 26.09 -1.35
CA THR D 413 -18.91 25.75 -2.17
C THR D 413 -17.74 26.64 -1.79
N GLY D 414 -16.57 26.27 -2.29
CA GLY D 414 -15.34 27.02 -2.09
C GLY D 414 -14.61 27.35 -3.36
N TYR D 415 -13.32 27.04 -3.41
CA TYR D 415 -12.50 27.33 -4.57
C TYR D 415 -12.84 26.35 -5.69
N SER D 416 -12.70 26.83 -6.92
CA SER D 416 -12.85 25.98 -8.10
C SER D 416 -11.57 26.01 -8.90
N SER D 417 -11.25 24.87 -9.50
CA SER D 417 -10.05 24.74 -10.30
C SER D 417 -10.37 23.82 -11.47
N SER D 418 -9.34 23.48 -12.23
CA SER D 418 -9.52 22.60 -13.39
C SER D 418 -8.25 21.80 -13.61
N PHE D 419 -8.41 20.71 -14.34
CA PHE D 419 -7.29 19.85 -14.70
C PHE D 419 -7.71 19.17 -15.99
N GLU D 420 -6.76 18.48 -16.61
CA GLU D 420 -7.05 17.69 -17.79
C GLU D 420 -6.56 16.26 -17.60
N MET D 421 -7.40 15.30 -17.98
CA MET D 421 -6.95 13.92 -17.97
C MET D 421 -6.19 13.75 -19.27
N LYS D 422 -5.18 12.90 -19.26
CA LYS D 422 -4.36 12.70 -20.45
C LYS D 422 -4.51 11.25 -20.87
N GLY D 423 -5.34 11.02 -21.88
CA GLY D 423 -5.68 9.68 -22.31
C GLY D 423 -4.74 9.21 -23.39
N ILE D 424 -5.21 8.20 -24.14
CA ILE D 424 -4.35 7.48 -25.06
C ILE D 424 -4.38 8.36 -26.30
N GLU D 425 -5.58 8.82 -26.69
CA GLU D 425 -5.75 9.63 -27.90
C GLU D 425 -5.96 11.11 -27.67
N CYS D 426 -6.48 11.54 -26.51
CA CYS D 426 -6.92 12.91 -26.36
C CYS D 426 -6.82 13.34 -24.90
N ASP D 427 -7.06 14.63 -24.67
CA ASP D 427 -7.14 15.20 -23.35
C ASP D 427 -8.61 15.35 -22.99
N THR D 428 -8.92 15.33 -21.69
CA THR D 428 -10.29 15.52 -21.20
C THR D 428 -10.38 16.61 -20.13
N PRO D 429 -10.82 17.82 -20.47
CA PRO D 429 -10.96 18.87 -19.45
C PRO D 429 -11.94 18.47 -18.35
N CYS D 430 -11.55 18.76 -17.11
CA CYS D 430 -12.36 18.49 -15.93
C CYS D 430 -12.27 19.69 -14.98
N PHE D 431 -13.38 19.98 -14.30
CA PHE D 431 -13.46 20.99 -13.26
C PHE D 431 -13.51 20.32 -11.88
N VAL D 432 -12.92 20.99 -10.90
CA VAL D 432 -12.91 20.53 -9.51
C VAL D 432 -13.60 21.62 -8.69
N VAL D 433 -14.63 21.24 -7.93
CA VAL D 433 -15.40 22.15 -7.09
C VAL D 433 -15.16 21.82 -5.64
N GLU D 434 -14.66 22.80 -4.89
CA GLU D 434 -14.41 22.64 -3.46
C GLU D 434 -15.68 22.83 -2.64
N HIS D 435 -15.82 22.01 -1.61
CA HIS D 435 -16.89 22.11 -0.62
C HIS D 435 -16.22 22.28 0.73
N ILE D 436 -16.64 23.29 1.49
CA ILE D 436 -16.04 23.63 2.78
C ILE D 436 -16.95 23.16 3.90
N ARG D 437 -16.39 22.45 4.88
CA ARG D 437 -17.17 21.99 6.03
C ARG D 437 -16.39 22.24 7.30
N SER D 438 -17.06 22.78 8.32
CA SER D 438 -16.40 23.02 9.58
C SER D 438 -17.34 22.89 10.77
N ASN D 439 -16.74 22.60 11.92
CA ASN D 439 -17.39 22.51 13.22
C ASN D 439 -16.42 23.19 14.20
N THR D 440 -15.45 22.42 14.69
CA THR D 440 -14.34 22.87 15.52
C THR D 440 -13.03 22.71 14.76
N TRP D 441 -13.12 22.39 13.46
CA TRP D 441 -12.03 22.11 12.55
C TRP D 441 -12.55 22.53 11.19
N THR D 442 -11.68 22.64 10.19
CA THR D 442 -12.13 22.91 8.83
C THR D 442 -11.54 21.85 7.91
N THR D 443 -12.39 21.33 7.04
CA THR D 443 -12.00 20.39 6.01
C THR D 443 -12.53 20.83 4.65
N ALA D 444 -11.93 20.26 3.61
CA ALA D 444 -12.37 20.42 2.23
C ALA D 444 -12.68 19.08 1.60
N SER D 445 -13.69 19.10 0.74
CA SER D 445 -14.17 18.00 -0.08
C SER D 445 -14.15 18.48 -1.52
N SER D 446 -13.99 17.58 -2.50
CA SER D 446 -13.98 18.05 -3.88
C SER D 446 -14.86 17.18 -4.78
N SER D 447 -15.51 17.85 -5.73
CA SER D 447 -16.38 17.23 -6.72
C SER D 447 -15.76 17.44 -8.09
N ILE D 448 -15.55 16.36 -8.84
CA ILE D 448 -14.92 16.44 -10.15
C ILE D 448 -15.96 16.18 -11.21
N TYR D 449 -16.09 17.14 -12.14
CA TYR D 449 -17.00 17.10 -13.28
C TYR D 449 -16.14 17.12 -14.54
N CYS D 450 -16.28 16.12 -15.38
CA CYS D 450 -15.45 15.98 -16.57
C CYS D 450 -16.29 16.09 -17.84
N LEU D 451 -15.65 16.63 -18.89
CA LEU D 451 -16.36 16.80 -20.16
C LEU D 451 -16.82 15.44 -20.65
N SER D 452 -18.11 15.35 -20.96
CA SER D 452 -18.71 14.10 -21.41
C SER D 452 -19.92 14.44 -22.26
N GLY D 453 -20.80 13.46 -22.46
CA GLY D 453 -21.95 13.63 -23.31
C GLY D 453 -23.10 14.37 -22.67
N ASP D 454 -24.10 14.61 -23.50
CA ASP D 454 -25.28 15.39 -23.11
C ASP D 454 -26.26 14.52 -22.34
N ALA D 455 -26.58 14.94 -21.12
CA ALA D 455 -27.51 14.25 -20.25
C ALA D 455 -27.96 15.25 -19.20
N SER D 456 -29.15 15.04 -18.65
CA SER D 456 -29.63 15.91 -17.59
C SER D 456 -28.66 15.92 -16.41
N MET D 457 -28.47 17.10 -15.83
CA MET D 457 -27.55 17.25 -14.71
C MET D 457 -28.11 16.65 -13.44
N PHE D 458 -27.24 15.96 -12.70
CA PHE D 458 -27.54 15.37 -11.42
C PHE D 458 -26.67 16.14 -10.42
N GLN D 459 -27.28 17.08 -9.71
CA GLN D 459 -26.54 18.00 -8.87
C GLN D 459 -26.10 17.30 -7.60
N PHE D 460 -24.92 17.66 -7.10
CA PHE D 460 -24.31 16.98 -5.96
C PHE D 460 -24.25 17.79 -4.66
N ASP D 461 -24.69 17.12 -3.60
CA ASP D 461 -24.65 17.56 -2.21
C ASP D 461 -23.50 16.80 -1.55
N ASP D 462 -22.51 17.53 -1.03
CA ASP D 462 -21.30 16.96 -0.44
C ASP D 462 -21.57 15.76 0.46
N GLY D 463 -22.61 15.81 1.28
CA GLY D 463 -22.92 14.69 2.14
C GLY D 463 -22.03 14.58 3.35
N VAL D 464 -21.44 15.70 3.78
CA VAL D 464 -20.55 15.76 4.93
C VAL D 464 -21.25 16.56 6.01
N ASN D 465 -21.41 15.95 7.18
CA ASN D 465 -22.07 16.56 8.32
C ASN D 465 -20.99 16.92 9.32
N PRO D 466 -20.67 18.21 9.52
CA PRO D 466 -19.58 18.57 10.45
C PRO D 466 -19.75 18.01 11.86
N THR D 467 -20.97 17.69 12.28
CA THR D 467 -21.27 17.15 13.60
C THR D 467 -21.72 15.70 13.54
N ALA D 468 -21.48 15.03 12.40
CA ALA D 468 -21.85 13.64 12.11
C ALA D 468 -21.92 12.69 13.31
C1 NAG E . 33.18 11.54 -8.58
C2 NAG E . 32.86 13.03 -8.77
C3 NAG E . 31.77 13.18 -9.83
C4 NAG E . 32.20 12.51 -11.12
C5 NAG E . 32.51 11.04 -10.85
C6 NAG E . 33.02 10.30 -12.06
C7 NAG E . 33.22 14.42 -6.77
C8 NAG E . 32.58 14.98 -5.53
N2 NAG E . 32.43 13.64 -7.52
O3 NAG E . 31.51 14.55 -10.05
O4 NAG E . 31.18 12.61 -12.10
O5 NAG E . 33.53 10.96 -9.84
O6 NAG E . 33.34 8.95 -11.76
O7 NAG E . 34.38 14.67 -7.07
C1 NAG F . 22.89 -26.85 -7.93
C2 NAG F . 24.05 -26.44 -7.01
C3 NAG F . 24.49 -25.02 -7.34
C4 NAG F . 24.87 -24.93 -8.81
C5 NAG F . 23.67 -25.35 -9.67
C6 NAG F . 23.98 -25.36 -11.14
C7 NAG F . 24.02 -27.52 -4.79
C8 NAG F . 23.52 -27.41 -3.38
N2 NAG F . 23.66 -26.52 -5.61
O3 NAG F . 25.60 -24.66 -6.53
O4 NAG F . 25.24 -23.60 -9.14
O5 NAG F . 23.29 -26.69 -9.30
O6 NAG F . 22.86 -25.80 -11.90
O7 NAG F . 24.69 -28.46 -5.18
C1 NAG G . -9.40 -18.56 -29.58
C2 NAG G . -9.32 -19.98 -29.00
C3 NAG G . -7.92 -20.21 -28.43
C4 NAG G . -6.88 -19.98 -29.51
C5 NAG G . -7.02 -18.56 -30.04
C6 NAG G . -6.07 -18.26 -31.18
C7 NAG G . -11.46 -20.84 -28.13
C8 NAG G . -12.35 -20.94 -26.93
N2 NAG G . -10.32 -20.17 -27.95
O3 NAG G . -7.84 -21.55 -27.94
O4 NAG G . -5.58 -20.16 -28.98
O5 NAG G . -8.35 -18.39 -30.55
O6 NAG G . -6.26 -16.95 -31.68
O7 NAG G . -11.76 -21.34 -29.21
C1 NAG H . 0.89 19.83 -30.23
C2 NAG H . -0.51 19.50 -30.77
C3 NAG H . -0.64 17.99 -30.92
C4 NAG H . 0.45 17.46 -31.82
C5 NAG H . 1.81 17.83 -31.23
C6 NAG H . 2.98 17.41 -32.10
C7 NAG H . -2.25 21.10 -30.11
C8 NAG H . -3.30 21.44 -29.08
N2 NAG H . -1.54 20.00 -29.87
O3 NAG H . -1.91 17.68 -31.46
O4 NAG H . 0.36 16.05 -31.94
O5 NAG H . 1.88 19.26 -31.09
O6 NAG H . 4.22 17.81 -31.54
O7 NAG H . -2.08 21.79 -31.11
#